data_7WHP
#
_entry.id   7WHP
#
_cell.length_a   1.00
_cell.length_b   1.00
_cell.length_c   1.00
_cell.angle_alpha   90.00
_cell.angle_beta   90.00
_cell.angle_gamma   90.00
#
_symmetry.space_group_name_H-M   'P 1'
#
loop_
_entity.id
_entity.type
_entity.pdbx_description
1 polymer 'Structural protein VP3'
2 non-polymer S-ADENOSYLMETHIONINE
3 non-polymer "ADENOSINE-5'-TRIPHOSPHATE"
#
_entity_poly.entity_id   1
_entity_poly.type   'polypeptide(L)'
_entity_poly.pdbx_seq_one_letter_code
;MWHYTSINNDTRVALDPKPNQIRTITKPNTVPQLGTDYLYTFNSQRRSHTLRLLGPFQYFNFSETDRGHPLFRLPLKYPS
KAIPADELIDNLHSWMRSVHLLHVRSEDNTLRYNWMLGVYARSTNYTTPVGQLVVNAPAILNYSNPQDAFNSVFVALGID
YIDIPITNSNIFDDSSTPYNVRIWHAPTMTEVNHILALMRKSTLVSTHSSWHWNVLHTFHYRSESDMIDHFAAKILEDWR
QKEKLDKGALVEADRVIQRLIPLSSSTYVQRLAAIGALYPNEFTENVLDLSRLSTALLQLSDTYYQHANDQLRRLYRRMY
NDSRTLYMTQRHQELLLAQITADPNILLYPYTYIFTTIPTSMNYISNTGQGRIKHSLTVTGATEHDTVADIVLGQTGEDV
ITISMVEPMSIAVEDMYGYVLDTPTRDIWPADEQIEQKGDAVALYDTKTSRALGMFNNTVRIDDLLSPLLSLVYRTYIKG
DTMTMTQGSLDHLTLCAAVDSDITFVGNRMIAPLPEGYIPKPMHRNNSTMKMLSLYVALKKLENFATNSYLMAPDTSIIL
LGAEREPAVNILRRFNRNVSNVRIIGMGDRAVEPNIRVRVPFPIDKNISADFIICDINSYEDQSFESMFSETISVVTTCA
SAATRALVKINHPSEYMINSVIERLSQLGGVFYHTALLKTASQNPYSYETYIYITPIAAAVRFPFYSNSAMINRYMTAVA
DDEMPIIPSIHTVIKGHSNTYSPGLFCGCVDVQSAPLALSQLKSYCSEATTWRVDSDDNLVNIIARIDPARIALEFRTRS
NTSAYHEYQRYVPNGLGFKVRKTREFRYMHREVTFIHKLMMYALIREQISLTENMTQVVSIGGRNLADISVVPLNMKYVV
IDPATRIETLTQEKKNIEVQSRPFQFDAANMDLENNSIYLFIAVIMNEPNGAATPARMQMDKIRNVATAMLTRTNCVAYI
SFYEAGIITRLDQSTAHKTIRVEEGRLKVANYVPVDTLVEADVTLMLRDIGITHEIIRPSTPELIDACSNYGIRLGSTGG
AVLDVFNHYSPVIKLVRS
;
_entity_poly.pdbx_strand_id   A,B
#
loop_
_chem_comp.id
_chem_comp.type
_chem_comp.name
_chem_comp.formula
ATP non-polymer ADENOSINE-5'-TRIPHOSPHATE 'C10 H16 N5 O13 P3'
SAM non-polymer S-ADENOSYLMETHIONINE 'C15 H22 N6 O5 S'
#
# COMPACT_ATOMS: atom_id res chain seq x y z
N MET A 1 -62.09 37.00 -10.74
CA MET A 1 -61.98 35.76 -10.00
C MET A 1 -63.34 35.24 -9.56
N TRP A 2 -64.27 36.17 -9.32
CA TRP A 2 -65.58 35.83 -8.78
C TRP A 2 -66.71 36.10 -9.77
N HIS A 3 -66.82 37.32 -10.29
CA HIS A 3 -67.94 37.68 -11.15
C HIS A 3 -67.64 37.26 -12.58
N TYR A 4 -68.59 36.58 -13.21
CA TYR A 4 -68.39 36.03 -14.54
C TYR A 4 -68.18 37.13 -15.56
N THR A 5 -67.25 36.90 -16.48
CA THR A 5 -67.00 37.80 -17.60
C THR A 5 -67.12 36.99 -18.89
N SER A 6 -68.01 37.42 -19.78
CA SER A 6 -68.29 36.66 -20.99
C SER A 6 -68.60 37.61 -22.13
N ILE A 7 -68.51 37.08 -23.35
CA ILE A 7 -68.83 37.81 -24.57
C ILE A 7 -69.98 37.10 -25.24
N ASN A 8 -71.09 37.80 -25.43
CA ASN A 8 -72.30 37.21 -25.99
C ASN A 8 -72.68 37.91 -27.29
N ASN A 9 -72.93 37.11 -28.33
CA ASN A 9 -73.43 37.60 -29.60
C ASN A 9 -74.15 36.46 -30.30
N ASP A 10 -75.06 36.82 -31.21
CA ASP A 10 -75.88 35.83 -31.89
C ASP A 10 -75.04 35.11 -32.94
N THR A 11 -74.79 33.82 -32.73
CA THR A 11 -73.95 33.07 -33.65
C THR A 11 -74.68 32.76 -34.95
N ARG A 12 -75.98 32.44 -34.87
CA ARG A 12 -76.74 32.17 -36.08
C ARG A 12 -76.82 33.41 -36.97
N VAL A 13 -77.04 34.58 -36.37
CA VAL A 13 -77.01 35.82 -37.12
C VAL A 13 -75.60 36.07 -37.66
N ALA A 14 -74.58 35.83 -36.85
CA ALA A 14 -73.21 36.03 -37.28
C ALA A 14 -72.83 35.11 -38.43
N LEU A 15 -73.56 34.00 -38.61
CA LEU A 15 -73.27 33.04 -39.67
C LEU A 15 -74.04 33.35 -40.95
N ASP A 16 -74.94 34.32 -40.93
CA ASP A 16 -75.73 34.68 -42.11
C ASP A 16 -74.87 35.44 -43.10
N PRO A 17 -74.76 35.02 -44.34
CA PRO A 17 -73.96 35.75 -45.32
C PRO A 17 -74.69 36.99 -45.82
N LYS A 18 -73.92 37.88 -46.46
CA LYS A 18 -74.48 39.04 -47.12
C LYS A 18 -75.11 38.63 -48.45
N PRO A 19 -76.08 39.40 -48.95
CA PRO A 19 -76.70 39.04 -50.24
C PRO A 19 -75.72 39.03 -51.40
N ASN A 20 -74.66 39.83 -51.33
CA ASN A 20 -73.71 39.91 -52.44
C ASN A 20 -72.98 38.59 -52.64
N GLN A 21 -72.57 37.95 -51.55
CA GLN A 21 -71.67 36.81 -51.64
C GLN A 21 -72.38 35.46 -51.70
N ILE A 22 -73.70 35.44 -51.89
CA ILE A 22 -74.44 34.19 -51.88
C ILE A 22 -74.00 33.30 -53.04
N ARG A 23 -73.75 33.90 -54.22
CA ARG A 23 -73.32 33.10 -55.36
C ARG A 23 -71.99 32.40 -55.07
N THR A 24 -71.04 33.11 -54.46
CA THR A 24 -69.73 32.53 -54.19
C THR A 24 -69.80 31.43 -53.14
N ILE A 25 -70.86 31.39 -52.31
CA ILE A 25 -70.93 30.41 -51.23
C ILE A 25 -70.83 28.99 -51.75
N THR A 26 -71.52 28.71 -52.86
CA THR A 26 -71.44 27.37 -53.44
C THR A 26 -70.03 27.03 -53.90
N LYS A 27 -69.21 28.04 -54.18
CA LYS A 27 -67.81 27.87 -54.54
C LYS A 27 -67.60 26.87 -55.69
N PRO A 28 -68.09 27.19 -56.89
CA PRO A 28 -67.91 26.28 -58.03
C PRO A 28 -66.47 26.24 -58.56
N ASN A 29 -65.56 27.06 -58.03
CA ASN A 29 -64.17 27.05 -58.48
C ASN A 29 -63.29 26.14 -57.63
N THR A 30 -63.20 26.43 -56.33
CA THR A 30 -62.26 25.76 -55.45
C THR A 30 -62.89 24.53 -54.82
N VAL A 31 -62.15 23.43 -54.84
CA VAL A 31 -62.62 22.14 -54.34
C VAL A 31 -62.75 22.20 -52.82
N PRO A 32 -63.60 21.36 -52.22
CA PRO A 32 -63.67 21.33 -50.76
C PRO A 32 -62.36 20.92 -50.13
N GLN A 33 -62.14 21.41 -48.91
CA GLN A 33 -60.92 21.13 -48.15
C GLN A 33 -61.31 20.68 -46.75
N LEU A 34 -60.67 19.62 -46.27
CA LEU A 34 -61.03 19.05 -44.97
C LEU A 34 -60.87 20.06 -43.83
N GLY A 35 -60.03 21.08 -44.00
CA GLY A 35 -59.84 22.05 -42.95
C GLY A 35 -61.10 22.85 -42.66
N THR A 36 -61.76 23.34 -43.70
CA THR A 36 -62.87 24.28 -43.53
C THR A 36 -64.10 23.93 -44.36
N ASP A 37 -64.18 22.73 -44.95
CA ASP A 37 -65.34 22.38 -45.77
C ASP A 37 -66.05 21.10 -45.38
N TYR A 38 -65.40 20.19 -44.64
CA TYR A 38 -66.05 18.95 -44.24
C TYR A 38 -65.23 18.32 -43.12
N LEU A 39 -65.83 17.33 -42.44
CA LEU A 39 -65.18 16.57 -41.38
C LEU A 39 -65.64 15.13 -41.50
N TYR A 40 -64.87 14.31 -42.21
CA TYR A 40 -65.19 12.92 -42.46
C TYR A 40 -64.29 12.02 -41.63
N THR A 41 -64.91 11.09 -40.89
CA THR A 41 -64.20 10.05 -40.18
C THR A 41 -64.92 8.72 -40.38
N PHE A 42 -64.17 7.64 -40.31
CA PHE A 42 -64.71 6.29 -40.44
C PHE A 42 -64.46 5.51 -39.16
N ASN A 43 -65.51 4.90 -38.62
CA ASN A 43 -65.41 4.07 -37.44
C ASN A 43 -65.45 2.61 -37.87
N SER A 44 -64.37 1.88 -37.60
CA SER A 44 -64.24 0.52 -38.11
C SER A 44 -65.30 -0.40 -37.52
N GLN A 45 -65.54 -0.32 -36.21
CA GLN A 45 -66.48 -1.22 -35.56
C GLN A 45 -67.93 -0.85 -35.82
N ARG A 46 -68.23 0.42 -36.07
CA ARG A 46 -69.61 0.85 -36.24
C ARG A 46 -70.15 0.61 -37.64
N ARG A 47 -69.29 0.30 -38.61
CA ARG A 47 -69.68 0.08 -40.01
C ARG A 47 -70.41 1.29 -40.60
N SER A 48 -70.20 2.48 -40.04
CA SER A 48 -70.97 3.65 -40.42
C SER A 48 -70.05 4.80 -40.80
N HIS A 49 -70.59 5.71 -41.60
CA HIS A 49 -69.87 6.87 -42.08
C HIS A 49 -70.54 8.14 -41.56
N THR A 50 -69.72 9.11 -41.16
CA THR A 50 -70.22 10.40 -40.71
C THR A 50 -69.56 11.50 -41.53
N LEU A 51 -70.35 12.52 -41.87
CA LEU A 51 -69.86 13.65 -42.64
C LEU A 51 -70.60 14.90 -42.18
N ARG A 52 -69.86 15.89 -41.69
CA ARG A 52 -70.44 17.12 -41.20
C ARG A 52 -69.90 18.28 -42.02
N LEU A 53 -70.80 18.99 -42.71
CA LEU A 53 -70.41 20.17 -43.45
C LEU A 53 -70.08 21.31 -42.49
N LEU A 54 -69.28 22.26 -42.98
CA LEU A 54 -68.84 23.38 -42.16
C LEU A 54 -69.43 24.68 -42.71
N GLY A 55 -69.20 25.75 -41.96
CA GLY A 55 -69.89 27.01 -42.16
C GLY A 55 -69.78 27.55 -43.57
N PRO A 56 -70.84 28.23 -44.04
CA PRO A 56 -72.07 28.46 -43.28
C PRO A 56 -73.12 27.38 -43.51
N PHE A 57 -72.68 26.23 -44.02
CA PHE A 57 -73.55 25.10 -44.32
C PHE A 57 -73.81 24.21 -43.11
N GLN A 58 -73.53 24.69 -41.90
CA GLN A 58 -73.74 23.87 -40.71
C GLN A 58 -75.21 23.59 -40.44
N TYR A 59 -76.12 24.32 -41.08
CA TYR A 59 -77.55 24.10 -40.92
C TYR A 59 -78.18 24.15 -42.30
N PHE A 60 -78.38 22.97 -42.89
CA PHE A 60 -78.91 22.85 -44.24
C PHE A 60 -80.02 21.82 -44.28
N ASN A 61 -81.00 22.06 -45.14
CA ASN A 61 -82.12 21.15 -45.37
C ASN A 61 -81.99 20.56 -46.76
N PHE A 62 -82.08 19.23 -46.86
CA PHE A 62 -81.86 18.53 -48.11
C PHE A 62 -83.18 18.19 -48.77
N SER A 63 -83.26 18.42 -50.08
CA SER A 63 -84.46 18.18 -50.86
C SER A 63 -84.48 16.74 -51.39
N GLU A 64 -85.56 16.39 -52.07
CA GLU A 64 -85.66 15.06 -52.68
C GLU A 64 -84.63 14.88 -53.77
N THR A 65 -84.38 15.92 -54.57
CA THR A 65 -83.34 15.84 -55.58
C THR A 65 -81.95 15.78 -54.94
N ASP A 66 -81.77 16.48 -53.82
CA ASP A 66 -80.47 16.49 -53.17
C ASP A 66 -80.08 15.10 -52.67
N ARG A 67 -81.02 14.36 -52.09
CA ARG A 67 -80.73 13.03 -51.59
C ARG A 67 -80.48 12.02 -52.71
N GLY A 68 -80.90 12.34 -53.94
CA GLY A 68 -80.65 11.45 -55.06
C GLY A 68 -79.27 11.56 -55.67
N HIS A 69 -78.50 12.57 -55.29
CA HIS A 69 -77.16 12.74 -55.83
C HIS A 69 -76.23 11.63 -55.34
N PRO A 70 -75.24 11.24 -56.14
CA PRO A 70 -74.37 10.13 -55.73
C PRO A 70 -73.64 10.33 -54.41
N LEU A 71 -73.64 11.54 -53.84
CA LEU A 71 -73.03 11.72 -52.52
C LEU A 71 -73.74 10.88 -51.46
N PHE A 72 -75.06 10.85 -51.49
CA PHE A 72 -75.81 10.22 -50.41
C PHE A 72 -76.01 8.73 -50.62
N ARG A 73 -75.68 8.19 -51.80
CA ARG A 73 -75.57 6.76 -52.01
C ARG A 73 -74.14 6.27 -51.79
N LEU A 74 -73.21 7.19 -51.53
CA LEU A 74 -71.80 6.80 -51.35
C LEU A 74 -71.55 5.89 -50.15
N PRO A 75 -72.08 6.15 -48.95
CA PRO A 75 -71.69 5.31 -47.81
C PRO A 75 -72.28 3.91 -47.85
N LEU A 76 -73.24 3.65 -48.72
CA LEU A 76 -73.67 2.29 -49.00
C LEU A 76 -72.80 1.62 -50.06
N LYS A 77 -71.96 2.38 -50.75
CA LYS A 77 -71.02 1.80 -51.71
C LYS A 77 -69.83 1.15 -51.01
N TYR A 78 -69.41 1.68 -49.87
CA TYR A 78 -68.25 1.17 -49.14
C TYR A 78 -68.64 0.83 -47.71
N PRO A 79 -69.39 -0.26 -47.49
CA PRO A 79 -69.69 -0.67 -46.11
C PRO A 79 -68.49 -1.22 -45.37
N SER A 80 -67.42 -1.57 -46.07
CA SER A 80 -66.30 -2.29 -45.48
C SER A 80 -65.04 -1.47 -45.30
N LYS A 81 -64.84 -0.42 -46.09
CA LYS A 81 -63.63 0.38 -46.03
C LYS A 81 -63.98 1.86 -46.04
N ALA A 82 -63.06 2.67 -45.52
CA ALA A 82 -63.26 4.11 -45.49
C ALA A 82 -63.35 4.67 -46.90
N ILE A 83 -64.17 5.69 -47.07
CA ILE A 83 -64.37 6.31 -48.38
C ILE A 83 -63.07 7.00 -48.80
N PRO A 84 -62.57 6.74 -50.01
CA PRO A 84 -61.39 7.47 -50.48
C PRO A 84 -61.65 8.97 -50.47
N ALA A 85 -60.61 9.72 -50.10
CA ALA A 85 -60.76 11.17 -50.01
C ALA A 85 -61.08 11.78 -51.36
N ASP A 86 -60.45 11.28 -52.43
CA ASP A 86 -60.63 11.88 -53.75
C ASP A 86 -62.06 11.71 -54.25
N GLU A 87 -62.64 10.53 -54.06
CA GLU A 87 -64.01 10.31 -54.50
C GLU A 87 -64.99 11.17 -53.69
N LEU A 88 -64.77 11.26 -52.39
CA LEU A 88 -65.61 12.13 -51.56
C LEU A 88 -65.53 13.56 -52.02
N ILE A 89 -64.32 14.04 -52.31
CA ILE A 89 -64.14 15.41 -52.81
C ILE A 89 -64.86 15.59 -54.13
N ASP A 90 -64.74 14.61 -55.04
CA ASP A 90 -65.37 14.73 -56.34
C ASP A 90 -66.88 14.82 -56.22
N ASN A 91 -67.50 13.92 -55.46
CA ASN A 91 -68.95 13.96 -55.32
C ASN A 91 -69.40 15.23 -54.59
N LEU A 92 -68.65 15.64 -53.56
CA LEU A 92 -69.02 16.86 -52.82
C LEU A 92 -68.99 18.08 -53.74
N HIS A 93 -67.95 18.21 -54.55
CA HIS A 93 -67.87 19.32 -55.50
C HIS A 93 -68.99 19.24 -56.52
N SER A 94 -69.30 18.02 -57.01
CA SER A 94 -70.36 17.89 -58.00
C SER A 94 -71.71 18.28 -57.42
N TRP A 95 -71.94 18.01 -56.14
CA TRP A 95 -73.20 18.44 -55.52
C TRP A 95 -73.20 19.94 -55.27
N MET A 96 -72.07 20.48 -54.79
CA MET A 96 -71.98 21.91 -54.55
C MET A 96 -72.22 22.72 -55.82
N ARG A 97 -71.81 22.18 -56.96
CA ARG A 97 -72.04 22.88 -58.23
C ARG A 97 -73.51 22.98 -58.58
N SER A 98 -74.39 22.24 -57.91
CA SER A 98 -75.81 22.25 -58.19
C SER A 98 -76.61 23.10 -57.20
N VAL A 99 -75.93 23.87 -56.35
CA VAL A 99 -76.59 24.66 -55.31
C VAL A 99 -76.79 26.08 -55.83
N HIS A 100 -78.04 26.56 -55.75
CA HIS A 100 -78.37 27.93 -56.11
C HIS A 100 -79.55 28.36 -55.25
N LEU A 101 -79.40 29.46 -54.53
CA LEU A 101 -80.44 29.97 -53.64
C LEU A 101 -80.97 31.29 -54.18
N LEU A 102 -82.29 31.46 -54.14
CA LEU A 102 -82.91 32.65 -54.68
C LEU A 102 -82.60 33.86 -53.83
N HIS A 103 -82.18 34.95 -54.48
CA HIS A 103 -81.70 36.13 -53.78
C HIS A 103 -81.66 37.29 -54.78
N VAL A 104 -81.50 38.50 -54.25
CA VAL A 104 -81.28 39.70 -55.05
C VAL A 104 -80.10 40.47 -54.45
N ARG A 105 -79.16 40.85 -55.30
CA ARG A 105 -78.01 41.61 -54.83
C ARG A 105 -78.42 43.05 -54.50
N SER A 106 -77.67 43.66 -53.59
CA SER A 106 -77.92 45.03 -53.19
C SER A 106 -76.68 45.56 -52.48
N GLU A 107 -76.28 46.78 -52.83
CA GLU A 107 -75.07 47.39 -52.29
C GLU A 107 -75.33 48.12 -50.97
N ASP A 108 -76.42 47.79 -50.28
CA ASP A 108 -76.64 48.32 -48.94
C ASP A 108 -75.70 47.64 -47.98
N ASN A 109 -74.99 48.43 -47.17
CA ASN A 109 -73.97 47.89 -46.29
C ASN A 109 -74.52 47.39 -44.96
N THR A 110 -75.83 47.49 -44.75
CA THR A 110 -76.47 47.06 -43.51
C THR A 110 -77.50 45.97 -43.78
N LEU A 111 -77.15 44.98 -44.59
CA LEU A 111 -78.05 43.88 -44.90
C LEU A 111 -77.38 42.53 -44.66
N ARG A 112 -78.20 41.55 -44.35
CA ARG A 112 -77.73 40.19 -44.18
C ARG A 112 -78.79 39.34 -44.87
N TYR A 113 -78.41 38.18 -45.39
CA TYR A 113 -79.31 37.29 -46.10
C TYR A 113 -79.87 36.26 -45.13
N ASN A 114 -81.19 36.10 -45.13
CA ASN A 114 -81.82 35.11 -44.26
C ASN A 114 -81.51 33.71 -44.78
N TRP A 115 -80.43 33.12 -44.28
CA TRP A 115 -79.97 31.83 -44.80
C TRP A 115 -81.00 30.73 -44.53
N MET A 116 -81.58 30.71 -43.32
CA MET A 116 -82.42 29.60 -42.93
C MET A 116 -83.67 29.49 -43.79
N LEU A 117 -84.34 30.62 -44.03
CA LEU A 117 -85.56 30.59 -44.83
C LEU A 117 -85.27 30.22 -46.28
N GLY A 118 -84.18 30.74 -46.84
CA GLY A 118 -83.84 30.39 -48.21
C GLY A 118 -83.58 28.91 -48.38
N VAL A 119 -82.78 28.34 -47.49
CA VAL A 119 -82.49 26.91 -47.54
C VAL A 119 -83.76 26.10 -47.32
N TYR A 120 -84.59 26.50 -46.35
CA TYR A 120 -85.82 25.77 -46.09
C TYR A 120 -86.74 25.78 -47.30
N ALA A 121 -86.86 26.93 -47.97
CA ALA A 121 -87.69 27.02 -49.16
C ALA A 121 -87.11 26.21 -50.31
N ARG A 122 -85.78 26.16 -50.43
CA ARG A 122 -85.18 25.33 -51.48
C ARG A 122 -85.46 23.85 -51.24
N SER A 123 -85.29 23.39 -50.00
CA SER A 123 -85.47 21.98 -49.71
C SER A 123 -86.90 21.52 -49.96
N THR A 124 -87.88 22.32 -49.55
CA THR A 124 -89.26 21.98 -49.81
C THR A 124 -89.67 22.24 -51.25
N ASN A 125 -88.77 22.82 -52.06
CA ASN A 125 -88.99 23.01 -53.51
C ASN A 125 -90.07 24.07 -53.76
N TYR A 126 -90.13 25.07 -52.89
CA TYR A 126 -90.99 26.24 -53.08
C TYR A 126 -92.45 25.85 -53.30
N THR A 127 -92.93 24.92 -52.48
CA THR A 127 -94.34 24.54 -52.50
C THR A 127 -95.07 24.91 -51.22
N THR A 128 -94.37 25.11 -50.12
CA THR A 128 -94.99 25.63 -48.91
C THR A 128 -95.31 27.11 -49.10
N PRO A 129 -96.30 27.63 -48.36
CA PRO A 129 -96.60 29.07 -48.49
C PRO A 129 -95.41 29.98 -48.27
N VAL A 130 -94.53 29.67 -47.31
CA VAL A 130 -93.34 30.49 -47.09
C VAL A 130 -92.46 30.46 -48.33
N GLY A 131 -92.20 29.26 -48.86
CA GLY A 131 -91.44 29.16 -50.10
C GLY A 131 -92.18 29.75 -51.28
N GLN A 132 -93.51 29.62 -51.31
CA GLN A 132 -94.30 30.22 -52.38
C GLN A 132 -94.17 31.74 -52.38
N LEU A 133 -94.00 32.34 -51.22
CA LEU A 133 -93.73 33.78 -51.16
C LEU A 133 -92.28 34.08 -51.52
N VAL A 134 -91.34 33.24 -51.07
CA VAL A 134 -89.92 33.51 -51.31
C VAL A 134 -89.63 33.49 -52.80
N VAL A 135 -90.22 32.54 -53.54
CA VAL A 135 -89.93 32.44 -54.97
C VAL A 135 -90.44 33.67 -55.71
N ASN A 136 -91.62 34.17 -55.34
CA ASN A 136 -92.20 35.30 -56.05
C ASN A 136 -91.51 36.62 -55.69
N ALA A 137 -91.16 36.80 -54.42
CA ALA A 137 -90.52 38.02 -53.93
C ALA A 137 -89.25 37.64 -53.18
N PRO A 138 -88.15 37.39 -53.90
CA PRO A 138 -86.92 36.95 -53.22
C PRO A 138 -86.28 38.00 -52.33
N ALA A 139 -86.65 39.28 -52.50
CA ALA A 139 -86.04 40.35 -51.74
C ALA A 139 -86.44 40.35 -50.27
N ILE A 140 -87.44 39.55 -49.89
CA ILE A 140 -87.89 39.56 -48.50
C ILE A 140 -86.82 39.00 -47.57
N LEU A 141 -85.94 38.13 -48.07
CA LEU A 141 -84.94 37.50 -47.22
C LEU A 141 -83.82 38.45 -46.81
N ASN A 142 -83.71 39.62 -47.45
CA ASN A 142 -82.71 40.60 -47.04
C ASN A 142 -83.26 41.42 -45.88
N TYR A 143 -82.47 41.53 -44.81
CA TYR A 143 -82.92 42.23 -43.62
C TYR A 143 -81.80 43.11 -43.08
N SER A 144 -82.19 44.18 -42.40
CA SER A 144 -81.28 44.99 -41.61
C SER A 144 -81.40 44.67 -40.12
N ASN A 145 -82.62 44.67 -39.60
CA ASN A 145 -82.89 44.24 -38.23
C ASN A 145 -83.26 42.75 -38.25
N PRO A 146 -82.52 41.89 -37.55
CA PRO A 146 -82.76 40.45 -37.67
C PRO A 146 -84.18 40.01 -37.32
N GLN A 147 -84.83 40.67 -36.35
CA GLN A 147 -86.21 40.30 -36.02
C GLN A 147 -87.17 40.65 -37.14
N ASP A 148 -86.92 41.76 -37.84
CA ASP A 148 -87.76 42.13 -38.96
C ASP A 148 -87.75 41.08 -40.05
N ALA A 149 -86.64 40.34 -40.17
CA ALA A 149 -86.54 39.30 -41.20
C ALA A 149 -87.68 38.30 -41.10
N PHE A 150 -88.08 37.95 -39.88
CA PHE A 150 -89.20 37.05 -39.68
C PHE A 150 -90.53 37.79 -39.56
N ASN A 151 -90.52 38.93 -38.86
CA ASN A 151 -91.77 39.68 -38.67
C ASN A 151 -92.39 40.07 -39.99
N SER A 152 -91.57 40.39 -41.00
CA SER A 152 -92.11 40.67 -42.32
C SER A 152 -92.81 39.44 -42.90
N VAL A 153 -92.23 38.25 -42.70
CA VAL A 153 -92.84 37.04 -43.22
C VAL A 153 -94.20 36.81 -42.58
N PHE A 154 -94.29 36.94 -41.26
CA PHE A 154 -95.59 36.72 -40.61
C PHE A 154 -96.60 37.79 -40.99
N VAL A 155 -96.18 39.05 -41.11
CA VAL A 155 -97.16 40.08 -41.47
C VAL A 155 -97.59 39.92 -42.92
N ALA A 156 -96.75 39.32 -43.76
CA ALA A 156 -97.12 39.10 -45.16
C ALA A 156 -98.08 37.93 -45.29
N LEU A 157 -97.69 36.74 -44.80
CA LEU A 157 -98.54 35.57 -44.94
C LEU A 157 -99.80 35.67 -44.09
N GLY A 158 -99.79 36.46 -43.03
CA GLY A 158 -100.91 36.47 -42.11
C GLY A 158 -101.09 35.17 -41.36
N ILE A 159 -99.98 34.58 -40.92
CA ILE A 159 -100.00 33.34 -40.15
C ILE A 159 -99.25 33.58 -38.85
N ASP A 160 -99.81 33.04 -37.75
CA ASP A 160 -99.24 33.32 -36.43
C ASP A 160 -97.87 32.68 -36.24
N TYR A 161 -97.61 31.56 -36.91
CA TYR A 161 -96.37 30.84 -36.70
C TYR A 161 -96.00 30.05 -37.95
N ILE A 162 -94.72 29.70 -38.05
CA ILE A 162 -94.21 28.83 -39.09
C ILE A 162 -93.30 27.80 -38.44
N ASP A 163 -93.39 26.55 -38.90
CA ASP A 163 -92.60 25.46 -38.35
C ASP A 163 -91.54 25.01 -39.34
N ILE A 164 -90.39 24.60 -38.80
CA ILE A 164 -89.22 24.25 -39.60
C ILE A 164 -88.67 22.91 -39.14
N PRO A 165 -88.94 21.82 -39.85
CA PRO A 165 -88.29 20.55 -39.48
C PRO A 165 -86.78 20.65 -39.63
N ILE A 166 -86.07 20.04 -38.70
CA ILE A 166 -84.62 20.13 -38.65
C ILE A 166 -84.02 18.92 -39.36
N THR A 167 -82.75 19.03 -39.71
CA THR A 167 -82.01 17.98 -40.39
C THR A 167 -80.80 17.59 -39.55
N ASN A 168 -80.49 16.30 -39.52
CA ASN A 168 -79.37 15.80 -38.74
C ASN A 168 -78.05 16.40 -39.25
N SER A 169 -77.12 16.59 -38.33
CA SER A 169 -75.82 17.16 -38.69
C SER A 169 -75.10 16.27 -39.68
N ASN A 170 -75.12 14.96 -39.46
CA ASN A 170 -74.57 14.02 -40.42
C ASN A 170 -75.50 13.96 -41.63
N ILE A 171 -74.95 14.27 -42.80
CA ILE A 171 -75.76 14.24 -44.02
C ILE A 171 -75.97 12.83 -44.53
N PHE A 172 -75.18 11.85 -44.03
CA PHE A 172 -75.43 10.46 -44.37
C PHE A 172 -76.49 9.83 -43.48
N ASP A 173 -76.55 10.26 -42.22
CA ASP A 173 -77.54 9.75 -41.27
C ASP A 173 -78.88 10.40 -41.57
N ASP A 174 -79.76 9.67 -42.23
CA ASP A 174 -81.09 10.15 -42.57
C ASP A 174 -82.13 9.29 -41.86
N SER A 175 -83.07 9.94 -41.20
CA SER A 175 -84.15 9.25 -40.50
C SER A 175 -85.30 10.22 -40.31
N SER A 176 -86.35 9.76 -39.63
CA SER A 176 -87.44 10.64 -39.25
C SER A 176 -86.96 11.63 -38.19
N THR A 177 -87.41 12.87 -38.31
CA THR A 177 -86.92 13.92 -37.44
C THR A 177 -87.38 13.69 -36.00
N PRO A 178 -86.55 14.02 -35.00
CA PRO A 178 -86.95 13.83 -33.61
C PRO A 178 -87.88 14.93 -33.11
N TYR A 179 -87.73 16.13 -33.66
CA TYR A 179 -88.56 17.26 -33.28
C TYR A 179 -88.48 18.32 -34.37
N ASN A 180 -89.45 19.24 -34.34
CA ASN A 180 -89.49 20.34 -35.28
C ASN A 180 -89.61 21.65 -34.51
N VAL A 181 -88.86 22.66 -34.94
CA VAL A 181 -88.92 23.96 -34.29
C VAL A 181 -90.07 24.77 -34.89
N ARG A 182 -90.57 25.72 -34.11
CA ARG A 182 -91.73 26.54 -34.51
C ARG A 182 -91.44 27.99 -34.15
N ILE A 183 -91.21 28.82 -35.17
CA ILE A 183 -90.91 30.23 -34.97
C ILE A 183 -92.22 31.01 -34.88
N TRP A 184 -92.38 31.76 -33.80
CA TRP A 184 -93.61 32.50 -33.54
C TRP A 184 -93.53 33.93 -34.07
N HIS A 185 -94.67 34.61 -34.03
CA HIS A 185 -94.78 36.03 -34.38
C HIS A 185 -95.08 36.77 -33.09
N ALA A 186 -94.02 37.18 -32.39
CA ALA A 186 -94.15 37.90 -31.12
C ALA A 186 -93.00 38.88 -31.04
N PRO A 187 -93.23 40.14 -31.38
CA PRO A 187 -92.14 41.11 -31.40
C PRO A 187 -91.71 41.58 -30.01
N THR A 188 -92.66 41.71 -29.09
CA THR A 188 -92.42 42.35 -27.81
C THR A 188 -92.48 41.35 -26.67
N MET A 189 -92.18 41.84 -25.46
CA MET A 189 -92.17 40.99 -24.27
C MET A 189 -93.56 40.45 -23.95
N THR A 190 -94.59 41.28 -24.08
CA THR A 190 -95.93 40.87 -23.66
C THR A 190 -96.43 39.70 -24.50
N GLU A 191 -96.22 39.75 -25.82
CA GLU A 191 -96.66 38.66 -26.68
C GLU A 191 -95.90 37.38 -26.36
N VAL A 192 -94.60 37.49 -26.09
CA VAL A 192 -93.80 36.33 -25.71
C VAL A 192 -94.34 35.72 -24.42
N ASN A 193 -94.65 36.57 -23.43
CA ASN A 193 -95.17 36.06 -22.17
C ASN A 193 -96.51 35.36 -22.36
N HIS A 194 -97.39 35.94 -23.17
CA HIS A 194 -98.69 35.30 -23.41
C HIS A 194 -98.54 33.98 -24.14
N ILE A 195 -97.64 33.92 -25.13
CA ILE A 195 -97.41 32.67 -25.85
C ILE A 195 -96.87 31.60 -24.91
N LEU A 196 -95.93 31.97 -24.05
CA LEU A 196 -95.37 31.01 -23.11
C LEU A 196 -96.41 30.56 -22.09
N ALA A 197 -97.30 31.47 -21.69
CA ALA A 197 -98.37 31.10 -20.77
C ALA A 197 -99.33 30.10 -21.40
N LEU A 198 -99.68 30.31 -22.67
CA LEU A 198 -100.54 29.34 -23.34
C LEU A 198 -99.83 28.00 -23.52
N MET A 199 -98.52 28.03 -23.82
CA MET A 199 -97.83 26.84 -24.27
C MET A 199 -97.78 25.75 -23.21
N ARG A 200 -97.81 26.12 -21.92
CA ARG A 200 -97.78 25.10 -20.88
C ARG A 200 -99.05 24.26 -20.85
N LYS A 201 -100.09 24.66 -21.57
CA LYS A 201 -101.27 23.82 -21.73
C LYS A 201 -101.13 22.82 -22.87
N SER A 202 -100.04 22.87 -23.62
CA SER A 202 -99.79 21.96 -24.73
C SER A 202 -99.01 20.75 -24.21
N THR A 203 -98.43 19.96 -25.12
CA THR A 203 -97.72 18.75 -24.75
C THR A 203 -96.38 18.68 -25.48
N LEU A 204 -95.33 18.30 -24.75
CA LEU A 204 -94.01 18.00 -25.32
C LEU A 204 -93.43 19.21 -26.06
N VAL A 205 -93.13 20.24 -25.29
CA VAL A 205 -92.61 21.49 -25.83
C VAL A 205 -91.60 22.08 -24.84
N SER A 206 -90.58 22.73 -25.37
CA SER A 206 -89.57 23.39 -24.55
C SER A 206 -88.95 24.53 -25.35
N THR A 207 -88.32 25.46 -24.64
CA THR A 207 -87.66 26.61 -25.26
C THR A 207 -86.26 26.78 -24.65
N HIS A 208 -85.52 27.74 -25.21
CA HIS A 208 -84.23 28.15 -24.67
C HIS A 208 -84.45 29.28 -23.67
N SER A 209 -83.36 29.93 -23.26
CA SER A 209 -83.48 31.16 -22.49
C SER A 209 -83.40 32.40 -23.38
N SER A 210 -82.49 32.38 -24.36
CA SER A 210 -82.37 33.44 -25.34
C SER A 210 -82.51 32.84 -26.73
N TRP A 211 -83.13 33.60 -27.62
CA TRP A 211 -83.54 33.08 -28.92
C TRP A 211 -82.74 33.72 -30.05
N HIS A 212 -82.32 32.89 -31.01
CA HIS A 212 -81.59 33.38 -32.16
C HIS A 212 -82.46 34.32 -32.99
N TRP A 213 -81.81 35.29 -33.62
CA TRP A 213 -82.46 36.39 -34.34
C TRP A 213 -83.37 37.21 -33.44
N ASN A 214 -83.31 37.00 -32.13
CA ASN A 214 -84.19 37.66 -31.17
C ASN A 214 -85.66 37.45 -31.52
N VAL A 215 -85.99 36.24 -31.99
CA VAL A 215 -87.36 35.87 -32.35
C VAL A 215 -87.69 34.55 -31.66
N LEU A 216 -88.87 34.48 -31.07
CA LEU A 216 -89.29 33.30 -30.32
C LEU A 216 -89.38 32.08 -31.23
N HIS A 217 -88.79 30.97 -30.77
CA HIS A 217 -89.01 29.68 -31.41
C HIS A 217 -88.96 28.59 -30.35
N THR A 218 -89.92 27.66 -30.45
CA THR A 218 -90.07 26.58 -29.49
C THR A 218 -89.91 25.23 -30.18
N PHE A 219 -89.37 24.26 -29.45
CA PHE A 219 -89.12 22.92 -29.98
C PHE A 219 -90.28 22.01 -29.60
N HIS A 220 -90.82 21.29 -30.60
CA HIS A 220 -91.95 20.40 -30.39
C HIS A 220 -91.51 18.98 -30.71
N TYR A 221 -91.57 18.10 -29.71
CA TYR A 221 -91.02 16.76 -29.79
C TYR A 221 -92.06 15.75 -30.26
N ARG A 222 -91.59 14.75 -31.00
CA ARG A 222 -92.46 13.68 -31.47
C ARG A 222 -92.70 12.61 -30.41
N SER A 223 -91.81 12.52 -29.41
CA SER A 223 -91.90 11.47 -28.41
C SER A 223 -91.13 11.91 -27.17
N GLU A 224 -91.23 11.11 -26.11
CA GLU A 224 -90.61 11.46 -24.84
C GLU A 224 -89.10 11.23 -24.85
N SER A 225 -88.64 10.16 -25.49
CA SER A 225 -87.21 9.87 -25.50
C SER A 225 -86.42 10.94 -26.24
N ASP A 226 -87.01 11.51 -27.30
CA ASP A 226 -86.39 12.63 -28.00
C ASP A 226 -86.23 13.82 -27.06
N MET A 227 -87.26 14.11 -26.27
CA MET A 227 -87.16 15.18 -25.28
C MET A 227 -86.04 14.89 -24.29
N ILE A 228 -85.98 13.65 -23.79
CA ILE A 228 -85.02 13.32 -22.75
C ILE A 228 -83.58 13.46 -23.25
N ASP A 229 -83.29 12.91 -24.43
CA ASP A 229 -81.90 12.97 -24.86
C ASP A 229 -81.52 14.35 -25.40
N HIS A 230 -82.47 15.11 -25.97
CA HIS A 230 -82.18 16.50 -26.30
C HIS A 230 -81.85 17.30 -25.05
N PHE A 231 -82.64 17.12 -23.99
CA PHE A 231 -82.37 17.79 -22.73
C PHE A 231 -81.01 17.38 -22.17
N ALA A 232 -80.65 16.09 -22.29
CA ALA A 232 -79.36 15.64 -21.79
C ALA A 232 -78.21 16.30 -22.53
N ALA A 233 -78.31 16.39 -23.86
CA ALA A 233 -77.26 17.06 -24.63
C ALA A 233 -77.13 18.52 -24.21
N LYS A 234 -78.25 19.23 -24.10
CA LYS A 234 -78.19 20.63 -23.72
C LYS A 234 -77.70 20.80 -22.29
N ILE A 235 -77.97 19.83 -21.41
CA ILE A 235 -77.49 19.91 -20.04
C ILE A 235 -75.98 19.74 -20.00
N LEU A 236 -75.45 18.83 -20.82
CA LEU A 236 -73.99 18.73 -20.93
C LEU A 236 -73.40 20.06 -21.40
N GLU A 237 -74.01 20.65 -22.42
CA GLU A 237 -73.49 21.92 -22.94
C GLU A 237 -73.52 23.01 -21.87
N ASP A 238 -74.63 23.09 -21.13
CA ASP A 238 -74.77 24.08 -20.07
C ASP A 238 -73.74 23.86 -18.98
N TRP A 239 -73.52 22.62 -18.58
CA TRP A 239 -72.54 22.35 -17.51
C TRP A 239 -71.14 22.68 -17.96
N ARG A 240 -70.78 22.38 -19.22
CA ARG A 240 -69.47 22.74 -19.71
C ARG A 240 -69.27 24.25 -19.73
N GLN A 241 -70.27 24.98 -20.22
CA GLN A 241 -70.16 26.44 -20.21
C GLN A 241 -70.06 26.97 -18.79
N LYS A 242 -70.82 26.40 -17.86
CA LYS A 242 -70.77 26.84 -16.47
C LYS A 242 -69.39 26.59 -15.88
N GLU A 243 -68.79 25.45 -16.19
CA GLU A 243 -67.43 25.17 -15.68
C GLU A 243 -66.44 26.17 -16.24
N LYS A 244 -66.53 26.47 -17.54
CA LYS A 244 -65.60 27.42 -18.13
C LYS A 244 -65.82 28.84 -17.60
N LEU A 245 -67.04 29.18 -17.20
CA LEU A 245 -67.27 30.43 -16.48
C LEU A 245 -66.68 30.39 -15.08
N ASP A 246 -66.80 29.26 -14.40
CA ASP A 246 -66.36 29.16 -13.00
C ASP A 246 -64.85 29.19 -12.88
N LYS A 247 -64.14 28.67 -13.88
CA LYS A 247 -62.68 28.74 -13.86
C LYS A 247 -62.21 30.19 -13.72
N GLY A 248 -62.96 31.13 -14.27
CA GLY A 248 -62.61 32.54 -14.21
C GLY A 248 -62.17 33.15 -15.52
N ALA A 249 -62.27 32.41 -16.63
CA ALA A 249 -61.77 32.87 -17.91
C ALA A 249 -62.82 33.72 -18.64
N LEU A 250 -62.42 34.25 -19.78
CA LEU A 250 -63.32 35.00 -20.66
C LEU A 250 -63.71 34.09 -21.81
N VAL A 251 -65.00 33.79 -21.93
CA VAL A 251 -65.49 32.83 -22.90
C VAL A 251 -66.53 33.52 -23.79
N GLU A 252 -66.48 33.19 -25.08
CA GLU A 252 -67.46 33.69 -26.05
C GLU A 252 -68.62 32.72 -26.08
N ALA A 253 -69.70 33.06 -25.38
CA ALA A 253 -70.86 32.19 -25.24
C ALA A 253 -72.04 32.77 -26.01
N ASP A 254 -72.75 31.90 -26.73
CA ASP A 254 -73.94 32.34 -27.45
C ASP A 254 -75.00 32.85 -26.49
N ARG A 255 -75.20 32.15 -25.39
CA ARG A 255 -76.16 32.55 -24.37
C ARG A 255 -75.64 32.12 -23.02
N VAL A 256 -76.12 32.81 -21.97
CA VAL A 256 -75.59 32.56 -20.63
C VAL A 256 -76.03 31.19 -20.13
N ILE A 257 -77.27 30.79 -20.40
CA ILE A 257 -77.81 29.52 -19.96
C ILE A 257 -78.13 28.69 -21.18
N GLN A 258 -77.41 27.58 -21.35
CA GLN A 258 -77.65 26.67 -22.47
C GLN A 258 -78.74 25.66 -22.17
N ARG A 259 -79.21 25.58 -20.93
CA ARG A 259 -80.20 24.60 -20.55
C ARG A 259 -81.58 24.98 -21.09
N LEU A 260 -82.35 23.96 -21.46
CA LEU A 260 -83.71 24.17 -21.94
C LEU A 260 -84.66 24.41 -20.78
N ILE A 261 -85.88 24.81 -21.11
CA ILE A 261 -86.93 25.02 -20.12
C ILE A 261 -88.15 24.17 -20.51
N PRO A 262 -88.50 23.15 -19.72
CA PRO A 262 -89.65 22.31 -20.10
C PRO A 262 -90.98 23.01 -19.91
N LEU A 263 -91.61 23.42 -21.01
CA LEU A 263 -92.89 24.11 -20.92
C LEU A 263 -94.00 23.13 -20.53
N SER A 264 -93.98 21.93 -21.12
CA SER A 264 -94.98 20.91 -20.81
C SER A 264 -94.35 19.55 -21.12
N SER A 265 -93.90 18.86 -20.08
CA SER A 265 -93.11 17.65 -20.24
C SER A 265 -93.68 16.56 -19.34
N SER A 266 -92.97 15.43 -19.29
CA SER A 266 -93.34 14.30 -18.46
C SER A 266 -92.58 14.37 -17.14
N THR A 267 -92.66 13.29 -16.36
CA THR A 267 -92.02 13.27 -15.04
C THR A 267 -90.49 13.16 -15.18
N TYR A 268 -90.03 12.26 -16.05
CA TYR A 268 -88.60 12.07 -16.21
C TYR A 268 -87.93 13.34 -16.73
N VAL A 269 -88.59 14.04 -17.65
CA VAL A 269 -88.03 15.27 -18.19
C VAL A 269 -87.96 16.35 -17.12
N GLN A 270 -88.97 16.41 -16.25
CA GLN A 270 -88.93 17.37 -15.15
C GLN A 270 -87.79 17.07 -14.18
N ARG A 271 -87.57 15.79 -13.88
CA ARG A 271 -86.44 15.40 -13.04
C ARG A 271 -85.13 15.80 -13.69
N LEU A 272 -85.00 15.56 -15.00
CA LEU A 272 -83.78 15.88 -15.71
C LEU A 272 -83.53 17.39 -15.73
N ALA A 273 -84.58 18.17 -15.95
CA ALA A 273 -84.43 19.62 -15.92
C ALA A 273 -84.01 20.10 -14.53
N ALA A 274 -84.60 19.52 -13.48
CA ALA A 274 -84.24 19.91 -12.12
C ALA A 274 -82.77 19.63 -11.85
N ILE A 275 -82.30 18.43 -12.17
CA ILE A 275 -80.90 18.12 -11.91
C ILE A 275 -79.99 18.99 -12.78
N GLY A 276 -80.41 19.30 -14.01
CA GLY A 276 -79.60 20.18 -14.84
C GLY A 276 -79.46 21.57 -14.25
N ALA A 277 -80.54 22.09 -13.67
CA ALA A 277 -80.50 23.39 -13.03
C ALA A 277 -79.81 23.37 -11.67
N LEU A 278 -79.63 22.20 -11.06
CA LEU A 278 -79.01 22.12 -9.74
C LEU A 278 -77.49 22.19 -9.77
N TYR A 279 -76.87 21.83 -10.90
CA TYR A 279 -75.41 21.82 -11.04
C TYR A 279 -74.78 20.90 -10.00
N PRO A 280 -74.95 19.59 -10.12
CA PRO A 280 -74.48 18.67 -9.07
C PRO A 280 -72.97 18.68 -8.93
N ASN A 281 -72.52 18.40 -7.70
CA ASN A 281 -71.10 18.34 -7.39
C ASN A 281 -70.42 17.19 -8.13
N GLU A 282 -71.19 16.23 -8.63
CA GLU A 282 -70.62 15.02 -9.22
C GLU A 282 -70.07 15.23 -10.62
N PHE A 283 -70.53 16.25 -11.35
CA PHE A 283 -69.98 16.49 -12.68
C PHE A 283 -68.57 17.07 -12.62
N THR A 284 -68.35 18.06 -11.75
CA THR A 284 -67.05 18.71 -11.68
C THR A 284 -65.97 17.78 -11.16
N GLU A 285 -66.36 16.65 -10.54
CA GLU A 285 -65.42 15.57 -10.23
C GLU A 285 -65.61 14.37 -11.14
N ASN A 286 -66.34 14.54 -12.24
CA ASN A 286 -66.45 13.52 -13.29
C ASN A 286 -67.03 12.21 -12.77
N VAL A 287 -67.87 12.28 -11.74
CA VAL A 287 -68.45 11.07 -11.15
C VAL A 287 -69.32 10.35 -12.17
N LEU A 288 -70.16 11.08 -12.89
CA LEU A 288 -71.00 10.47 -13.91
C LEU A 288 -70.18 10.21 -15.18
N ASP A 289 -70.46 9.08 -15.83
CA ASP A 289 -69.78 8.74 -17.06
C ASP A 289 -70.31 9.59 -18.22
N LEU A 290 -69.45 9.77 -19.22
CA LEU A 290 -69.80 10.53 -20.41
C LEU A 290 -70.24 9.64 -21.57
N SER A 291 -70.34 8.33 -21.35
CA SER A 291 -70.74 7.43 -22.42
C SER A 291 -72.24 7.49 -22.68
N ARG A 292 -73.04 7.64 -21.63
CA ARG A 292 -74.50 7.61 -21.75
C ARG A 292 -75.07 8.66 -20.81
N LEU A 293 -75.53 9.78 -21.38
CA LEU A 293 -75.92 10.92 -20.57
C LEU A 293 -77.24 10.68 -19.85
N SER A 294 -78.24 10.16 -20.56
CA SER A 294 -79.60 10.16 -20.03
C SER A 294 -79.73 9.31 -18.78
N THR A 295 -79.27 8.05 -18.84
CA THR A 295 -79.44 7.16 -17.70
C THR A 295 -78.59 7.62 -16.51
N ALA A 296 -77.38 8.11 -16.77
CA ALA A 296 -76.52 8.60 -15.69
C ALA A 296 -77.16 9.80 -14.99
N LEU A 297 -77.61 10.77 -15.77
CA LEU A 297 -78.25 11.94 -15.17
C LEU A 297 -79.51 11.54 -14.42
N LEU A 298 -80.25 10.55 -14.94
CA LEU A 298 -81.44 10.09 -14.24
C LEU A 298 -81.10 9.44 -12.90
N GLN A 299 -80.02 8.64 -12.86
CA GLN A 299 -79.69 7.99 -11.60
C GLN A 299 -79.15 9.00 -10.58
N LEU A 300 -78.42 10.02 -11.04
CA LEU A 300 -78.05 11.08 -10.11
C LEU A 300 -79.27 11.88 -9.64
N SER A 301 -80.28 12.05 -10.49
CA SER A 301 -81.53 12.64 -10.02
C SER A 301 -82.18 11.79 -8.95
N ASP A 302 -82.13 10.47 -9.12
CA ASP A 302 -82.63 9.56 -8.11
C ASP A 302 -81.87 9.75 -6.79
N THR A 303 -80.55 9.86 -6.88
CA THR A 303 -79.73 10.05 -5.68
C THR A 303 -80.08 11.36 -4.99
N TYR A 304 -80.26 12.44 -5.75
CA TYR A 304 -80.58 13.73 -5.14
C TYR A 304 -82.02 13.81 -4.63
N TYR A 305 -82.93 12.96 -5.12
CA TYR A 305 -84.29 12.99 -4.61
C TYR A 305 -84.33 12.62 -3.13
N GLN A 306 -83.55 11.60 -2.74
CA GLN A 306 -83.50 11.16 -1.36
C GLN A 306 -82.08 11.28 -0.83
N HIS A 307 -81.43 12.41 -1.08
CA HIS A 307 -80.08 12.63 -0.62
C HIS A 307 -80.06 12.82 0.90
N ALA A 308 -78.93 12.48 1.51
CA ALA A 308 -78.80 12.62 2.96
C ALA A 308 -78.86 14.09 3.38
N ASN A 309 -78.20 14.97 2.62
CA ASN A 309 -78.18 16.38 2.97
C ASN A 309 -79.59 16.97 2.87
N ASP A 310 -79.94 17.79 3.86
CA ASP A 310 -81.28 18.38 3.88
C ASP A 310 -81.41 19.50 2.86
N GLN A 311 -80.38 20.34 2.72
CA GLN A 311 -80.48 21.48 1.82
C GLN A 311 -80.64 21.05 0.37
N LEU A 312 -79.86 20.04 -0.05
CA LEU A 312 -79.98 19.54 -1.42
C LEU A 312 -81.36 18.96 -1.68
N ARG A 313 -81.89 18.20 -0.72
CA ARG A 313 -83.21 17.62 -0.88
C ARG A 313 -84.27 18.72 -1.00
N ARG A 314 -84.18 19.74 -0.15
CA ARG A 314 -85.17 20.81 -0.20
C ARG A 314 -85.10 21.54 -1.54
N LEU A 315 -83.88 21.83 -2.01
CA LEU A 315 -83.76 22.55 -3.28
C LEU A 315 -84.24 21.72 -4.45
N TYR A 316 -83.92 20.42 -4.47
CA TYR A 316 -84.40 19.58 -5.55
C TYR A 316 -85.91 19.42 -5.52
N ARG A 317 -86.50 19.34 -4.31
CA ARG A 317 -87.94 19.32 -4.18
C ARG A 317 -88.56 20.58 -4.76
N ARG A 318 -87.99 21.74 -4.43
CA ARG A 318 -88.53 22.99 -4.94
C ARG A 318 -88.41 23.07 -6.46
N MET A 319 -87.28 22.62 -7.01
CA MET A 319 -87.10 22.65 -8.46
C MET A 319 -88.06 21.71 -9.18
N TYR A 320 -88.18 20.47 -8.68
CA TYR A 320 -89.03 19.50 -9.34
C TYR A 320 -90.51 19.83 -9.20
N ASN A 321 -90.92 20.42 -8.08
CA ASN A 321 -92.33 20.76 -7.90
C ASN A 321 -92.76 21.96 -8.75
N ASP A 322 -91.81 22.69 -9.33
CA ASP A 322 -92.12 23.78 -10.26
C ASP A 322 -90.98 23.86 -11.27
N SER A 323 -91.16 23.16 -12.39
CA SER A 323 -90.12 23.06 -13.40
C SER A 323 -90.22 24.13 -14.48
N ARG A 324 -91.28 24.93 -14.48
CA ARG A 324 -91.46 25.97 -15.49
C ARG A 324 -90.70 27.25 -15.18
N THR A 325 -90.01 27.31 -14.04
CA THR A 325 -89.24 28.47 -13.66
C THR A 325 -87.77 28.26 -14.02
N LEU A 326 -87.14 29.31 -14.56
CA LEU A 326 -85.72 29.29 -14.84
C LEU A 326 -84.95 29.39 -13.53
N TYR A 327 -84.48 28.25 -13.03
CA TYR A 327 -83.70 28.22 -11.80
C TYR A 327 -82.25 28.50 -12.15
N MET A 328 -81.68 29.53 -11.54
CA MET A 328 -80.43 30.10 -12.02
C MET A 328 -79.74 30.87 -10.90
N THR A 329 -78.41 30.92 -10.98
CA THR A 329 -77.61 31.57 -9.95
C THR A 329 -77.51 33.06 -10.22
N GLN A 330 -77.27 33.83 -9.16
CA GLN A 330 -77.17 35.27 -9.27
C GLN A 330 -76.06 35.68 -10.25
N ARG A 331 -74.96 34.94 -10.26
CA ARG A 331 -73.82 35.29 -11.10
C ARG A 331 -74.17 35.24 -12.58
N HIS A 332 -75.16 34.44 -12.97
CA HIS A 332 -75.72 34.55 -14.31
C HIS A 332 -76.62 35.78 -14.41
N GLN A 333 -77.23 36.19 -13.30
CA GLN A 333 -78.15 37.31 -13.35
C GLN A 333 -77.43 38.63 -13.60
N GLU A 334 -76.21 38.79 -13.10
CA GLU A 334 -75.47 40.00 -13.45
C GLU A 334 -75.19 40.06 -14.95
N LEU A 335 -74.88 38.92 -15.57
CA LEU A 335 -74.67 38.91 -17.01
C LEU A 335 -75.96 39.21 -17.77
N LEU A 336 -77.09 38.68 -17.30
CA LEU A 336 -78.36 39.00 -17.92
C LEU A 336 -78.66 40.50 -17.81
N LEU A 337 -78.41 41.09 -16.63
CA LEU A 337 -78.59 42.53 -16.47
C LEU A 337 -77.65 43.31 -17.39
N ALA A 338 -76.43 42.80 -17.61
CA ALA A 338 -75.52 43.45 -18.55
C ALA A 338 -76.09 43.43 -19.95
N GLN A 339 -76.69 42.31 -20.35
CA GLN A 339 -77.35 42.27 -21.66
C GLN A 339 -78.50 43.25 -21.73
N ILE A 340 -79.28 43.36 -20.66
CA ILE A 340 -80.41 44.29 -20.63
C ILE A 340 -79.91 45.73 -20.77
N THR A 341 -78.87 46.10 -20.03
CA THR A 341 -78.40 47.48 -20.02
C THR A 341 -77.47 47.81 -21.19
N ALA A 342 -77.04 46.81 -21.95
CA ALA A 342 -76.28 47.04 -23.18
C ALA A 342 -77.14 46.97 -24.42
N ASP A 343 -78.12 46.06 -24.44
CA ASP A 343 -79.09 45.97 -25.53
C ASP A 343 -80.47 46.20 -24.96
N PRO A 344 -81.12 47.33 -25.23
CA PRO A 344 -82.43 47.60 -24.60
C PRO A 344 -83.48 46.55 -24.93
N ASN A 345 -83.50 46.05 -26.16
CA ASN A 345 -84.54 45.13 -26.63
C ASN A 345 -83.95 43.74 -26.78
N ILE A 346 -84.51 42.78 -26.06
CA ILE A 346 -84.08 41.39 -26.10
C ILE A 346 -85.18 40.55 -25.49
N LEU A 347 -85.42 39.37 -26.08
CA LEU A 347 -86.41 38.45 -25.57
C LEU A 347 -85.74 37.44 -24.66
N LEU A 348 -86.18 37.40 -23.39
CA LEU A 348 -85.65 36.48 -22.41
C LEU A 348 -86.81 35.84 -21.65
N TYR A 349 -86.54 34.69 -21.05
CA TYR A 349 -87.56 33.99 -20.29
C TYR A 349 -87.99 34.85 -19.11
N PRO A 350 -89.29 35.17 -18.98
CA PRO A 350 -89.72 36.13 -17.96
C PRO A 350 -89.80 35.52 -16.57
N TYR A 351 -90.09 34.23 -16.50
CA TYR A 351 -90.32 33.55 -15.22
C TYR A 351 -88.99 32.99 -14.74
N THR A 352 -88.32 33.74 -13.87
CA THR A 352 -87.00 33.39 -13.37
C THR A 352 -87.00 33.31 -11.85
N TYR A 353 -85.97 32.65 -11.32
CA TYR A 353 -85.75 32.57 -9.89
C TYR A 353 -84.24 32.58 -9.64
N ILE A 354 -83.83 33.22 -8.56
CA ILE A 354 -82.42 33.30 -8.16
C ILE A 354 -82.25 32.50 -6.89
N PHE A 355 -81.35 31.52 -6.93
CA PHE A 355 -81.09 30.65 -5.79
C PHE A 355 -79.60 30.63 -5.49
N THR A 356 -79.28 30.37 -4.22
CA THR A 356 -77.90 30.30 -3.77
C THR A 356 -77.44 28.84 -3.76
N THR A 357 -76.19 28.62 -4.14
CA THR A 357 -75.64 27.29 -4.21
C THR A 357 -75.28 26.80 -2.81
N ILE A 358 -75.75 25.60 -2.46
CA ILE A 358 -75.37 25.00 -1.18
C ILE A 358 -73.89 24.66 -1.20
N PRO A 359 -73.12 25.05 -0.18
CA PRO A 359 -71.69 24.73 -0.18
C PRO A 359 -71.45 23.23 -0.16
N THR A 360 -70.34 22.81 -0.77
CA THR A 360 -69.96 21.41 -0.83
C THR A 360 -68.55 21.26 -0.28
N SER A 361 -68.40 20.36 0.70
CA SER A 361 -67.11 19.98 1.23
C SER A 361 -66.67 18.58 0.81
N MET A 362 -67.61 17.75 0.35
CA MET A 362 -67.29 16.42 -0.12
C MET A 362 -66.77 16.49 -1.55
N ASN A 363 -65.59 15.93 -1.79
CA ASN A 363 -64.96 15.96 -3.09
C ASN A 363 -64.60 14.55 -3.52
N TYR A 364 -64.61 14.32 -4.84
CA TYR A 364 -64.51 12.99 -5.40
C TYR A 364 -63.25 12.84 -6.25
N ILE A 365 -62.97 11.61 -6.63
CA ILE A 365 -61.94 11.27 -7.60
C ILE A 365 -62.57 10.40 -8.67
N SER A 366 -62.29 10.70 -9.94
CA SER A 366 -62.79 9.86 -11.01
C SER A 366 -61.81 9.84 -12.17
N ASN A 367 -61.84 8.74 -12.92
CA ASN A 367 -61.04 8.60 -14.14
C ASN A 367 -61.78 7.59 -15.02
N THR A 368 -62.49 8.09 -16.02
CA THR A 368 -63.33 7.22 -16.84
C THR A 368 -62.54 6.48 -17.92
N GLY A 369 -61.31 6.91 -18.19
CA GLY A 369 -60.48 6.21 -19.14
C GLY A 369 -60.00 4.87 -18.61
N GLN A 370 -59.48 4.06 -19.53
CA GLN A 370 -59.00 2.74 -19.17
C GLN A 370 -57.75 2.83 -18.30
N GLY A 371 -57.62 1.87 -17.39
CA GLY A 371 -56.47 1.81 -16.50
C GLY A 371 -56.82 1.35 -15.11
N ARG A 372 -56.04 0.41 -14.58
CA ARG A 372 -56.26 -0.06 -13.22
C ARG A 372 -55.70 0.94 -12.22
N ILE A 373 -55.77 0.59 -10.93
CA ILE A 373 -55.19 1.40 -9.88
C ILE A 373 -54.17 0.55 -9.12
N LYS A 374 -53.25 1.23 -8.44
CA LYS A 374 -52.24 0.57 -7.61
C LYS A 374 -52.21 1.31 -6.28
N HIS A 375 -53.06 0.88 -5.34
CA HIS A 375 -53.21 1.57 -4.08
C HIS A 375 -52.03 1.31 -3.15
N SER A 376 -51.77 2.27 -2.28
CA SER A 376 -50.79 2.14 -1.20
C SER A 376 -51.54 2.35 0.10
N LEU A 377 -51.80 1.25 0.81
CA LEU A 377 -52.70 1.25 1.95
C LEU A 377 -51.94 1.62 3.22
N THR A 378 -52.24 2.79 3.77
CA THR A 378 -51.63 3.23 5.01
C THR A 378 -52.11 2.38 6.18
N VAL A 379 -51.25 2.25 7.18
CA VAL A 379 -51.58 1.43 8.35
C VAL A 379 -52.65 2.10 9.20
N THR A 380 -52.50 3.39 9.46
CA THR A 380 -53.39 4.12 10.36
C THR A 380 -54.14 5.21 9.61
N GLY A 381 -55.16 5.75 10.27
CA GLY A 381 -55.99 6.76 9.67
C GLY A 381 -56.79 7.50 10.72
N ALA A 382 -57.80 8.23 10.24
CA ALA A 382 -58.66 9.02 11.11
C ALA A 382 -60.00 8.34 11.42
N THR A 383 -60.22 7.14 10.91
CA THR A 383 -61.46 6.41 11.14
C THR A 383 -61.21 5.26 12.10
N GLU A 384 -62.05 5.15 13.12
CA GLU A 384 -61.90 4.13 14.16
C GLU A 384 -62.88 2.99 13.91
N HIS A 385 -62.36 1.79 13.74
CA HIS A 385 -63.18 0.60 13.53
C HIS A 385 -63.29 -0.21 14.81
N ASP A 386 -64.39 -0.94 14.94
CA ASP A 386 -64.56 -1.90 16.02
C ASP A 386 -65.66 -2.89 15.64
N THR A 387 -65.44 -4.16 15.98
CA THR A 387 -66.36 -5.28 15.72
C THR A 387 -67.06 -5.14 14.37
N VAL A 388 -66.26 -4.89 13.34
CA VAL A 388 -66.77 -4.69 11.99
C VAL A 388 -67.08 -6.04 11.36
N ALA A 389 -68.16 -6.09 10.59
CA ALA A 389 -68.54 -7.33 9.91
C ALA A 389 -67.54 -7.65 8.80
N ASP A 390 -67.30 -8.94 8.60
CA ASP A 390 -66.32 -9.37 7.62
C ASP A 390 -66.84 -9.15 6.21
N ILE A 391 -65.91 -9.19 5.25
CA ILE A 391 -66.20 -8.93 3.84
C ILE A 391 -65.94 -10.21 3.06
N VAL A 392 -66.89 -10.60 2.21
CA VAL A 392 -66.78 -11.78 1.37
C VAL A 392 -66.60 -11.31 -0.07
N LEU A 393 -65.55 -11.82 -0.72
CA LEU A 393 -65.25 -11.49 -2.11
C LEU A 393 -65.82 -12.58 -3.01
N GLY A 394 -66.69 -12.20 -3.93
CA GLY A 394 -67.23 -13.15 -4.87
C GLY A 394 -66.20 -13.63 -5.87
N GLN A 395 -66.42 -14.84 -6.38
CA GLN A 395 -65.47 -15.45 -7.30
C GLN A 395 -65.54 -14.79 -8.66
N THR A 396 -64.38 -14.43 -9.21
CA THR A 396 -64.29 -13.81 -10.52
C THR A 396 -64.11 -14.89 -11.58
N GLY A 397 -64.69 -14.65 -12.76
CA GLY A 397 -64.55 -15.59 -13.83
C GLY A 397 -63.12 -15.68 -14.33
N GLU A 398 -62.82 -16.78 -15.02
CA GLU A 398 -61.49 -16.98 -15.59
C GLU A 398 -61.23 -16.07 -16.78
N ASP A 399 -62.24 -15.36 -17.27
CA ASP A 399 -62.10 -14.45 -18.40
C ASP A 399 -61.77 -13.03 -17.97
N VAL A 400 -61.63 -12.77 -16.68
CA VAL A 400 -61.32 -11.44 -16.15
C VAL A 400 -59.99 -11.45 -15.40
N ILE A 401 -59.84 -12.34 -14.43
CA ILE A 401 -58.62 -12.50 -13.67
C ILE A 401 -58.11 -13.92 -13.85
N THR A 402 -56.85 -14.04 -14.26
CA THR A 402 -56.19 -15.34 -14.39
C THR A 402 -54.91 -15.34 -13.57
N ILE A 403 -54.66 -16.45 -12.90
CA ILE A 403 -53.54 -16.56 -11.96
C ILE A 403 -52.58 -17.62 -12.49
N SER A 404 -51.32 -17.24 -12.65
CA SER A 404 -50.26 -18.15 -13.08
C SER A 404 -49.32 -18.43 -11.93
N MET A 405 -48.50 -19.47 -12.09
CA MET A 405 -47.67 -19.94 -11.00
C MET A 405 -46.40 -19.11 -10.86
N VAL A 406 -45.56 -19.12 -11.88
CA VAL A 406 -44.24 -18.49 -11.83
C VAL A 406 -44.20 -17.36 -12.85
N GLU A 407 -43.80 -16.18 -12.40
CA GLU A 407 -43.75 -15.02 -13.28
C GLU A 407 -42.54 -15.12 -14.22
N PRO A 408 -42.73 -14.97 -15.53
CA PRO A 408 -41.57 -14.86 -16.42
C PRO A 408 -40.78 -13.61 -16.13
N MET A 409 -39.48 -13.68 -16.39
CA MET A 409 -38.58 -12.58 -16.09
C MET A 409 -37.99 -12.02 -17.37
N SER A 410 -37.85 -10.69 -17.40
CA SER A 410 -37.35 -9.97 -18.57
C SER A 410 -35.95 -9.46 -18.27
N ILE A 411 -34.98 -9.87 -19.07
CA ILE A 411 -33.60 -9.42 -18.94
C ILE A 411 -33.04 -9.16 -20.33
N ALA A 412 -32.00 -8.33 -20.37
CA ALA A 412 -31.31 -8.07 -21.63
C ALA A 412 -30.66 -9.34 -22.15
N VAL A 413 -30.56 -9.44 -23.47
CA VAL A 413 -30.09 -10.68 -24.09
C VAL A 413 -28.64 -10.96 -23.71
N GLU A 414 -27.86 -9.93 -23.39
CA GLU A 414 -26.46 -10.14 -23.04
C GLU A 414 -26.27 -10.74 -21.65
N ASP A 415 -27.31 -10.76 -20.83
CA ASP A 415 -27.20 -11.19 -19.44
C ASP A 415 -27.59 -12.65 -19.23
N MET A 416 -27.90 -13.38 -20.30
CA MET A 416 -28.17 -14.81 -20.16
C MET A 416 -26.89 -15.60 -19.93
N TYR A 417 -25.77 -15.12 -20.42
CA TYR A 417 -24.49 -15.83 -20.39
C TYR A 417 -23.61 -15.20 -19.30
N GLY A 418 -23.72 -15.74 -18.08
CA GLY A 418 -22.93 -15.28 -16.97
C GLY A 418 -22.39 -16.46 -16.17
N TYR A 419 -21.58 -16.12 -15.17
CA TYR A 419 -20.96 -17.10 -14.28
C TYR A 419 -20.26 -16.35 -13.16
N VAL A 420 -20.14 -17.00 -12.02
CA VAL A 420 -19.51 -16.43 -10.82
C VAL A 420 -18.46 -17.39 -10.32
N LEU A 421 -17.27 -16.88 -10.05
CA LEU A 421 -16.15 -17.70 -9.60
C LEU A 421 -16.15 -17.87 -8.09
N ASP A 422 -15.69 -19.05 -7.66
CA ASP A 422 -15.40 -19.32 -6.26
C ASP A 422 -14.07 -20.05 -6.19
N THR A 423 -13.24 -19.67 -5.23
CA THR A 423 -11.85 -20.14 -5.21
C THR A 423 -11.51 -20.77 -3.86
N PRO A 424 -10.61 -21.74 -3.85
CA PRO A 424 -10.25 -22.41 -2.59
C PRO A 424 -9.49 -21.49 -1.65
N THR A 425 -9.62 -21.76 -0.35
CA THR A 425 -8.99 -20.93 0.68
C THR A 425 -8.41 -21.76 1.82
N ARG A 426 -7.92 -22.97 1.55
CA ARG A 426 -7.35 -23.81 2.58
C ARG A 426 -6.06 -24.45 2.07
N ASP A 427 -5.20 -24.83 3.03
CA ASP A 427 -3.87 -25.37 2.72
C ASP A 427 -3.79 -26.89 2.87
N ILE A 428 -4.39 -27.44 3.92
CA ILE A 428 -4.24 -28.85 4.26
C ILE A 428 -5.62 -29.46 4.44
N TRP A 429 -5.68 -30.79 4.28
CA TRP A 429 -6.90 -31.57 4.47
C TRP A 429 -6.60 -32.65 5.50
N PRO A 430 -6.72 -32.33 6.78
CA PRO A 430 -6.33 -33.30 7.83
C PRO A 430 -7.33 -34.42 7.98
N ALA A 431 -6.90 -35.46 8.71
CA ALA A 431 -7.70 -36.67 8.83
C ALA A 431 -9.01 -36.44 9.57
N ASP A 432 -8.97 -35.64 10.64
CA ASP A 432 -10.21 -35.32 11.35
C ASP A 432 -11.19 -34.58 10.44
N GLU A 433 -10.69 -33.63 9.67
CA GLU A 433 -11.53 -32.95 8.69
C GLU A 433 -12.07 -33.93 7.67
N GLN A 434 -11.25 -34.88 7.23
CA GLN A 434 -11.70 -35.88 6.27
C GLN A 434 -12.88 -36.67 6.82
N ILE A 435 -12.75 -37.21 8.04
CA ILE A 435 -13.79 -38.08 8.57
C ILE A 435 -15.05 -37.27 8.90
N GLU A 436 -14.88 -36.06 9.45
CA GLU A 436 -16.05 -35.24 9.75
C GLU A 436 -16.79 -34.84 8.48
N GLN A 437 -16.05 -34.49 7.42
CA GLN A 437 -16.69 -34.12 6.16
C GLN A 437 -17.39 -35.32 5.54
N LYS A 438 -16.80 -36.51 5.62
CA LYS A 438 -17.48 -37.70 5.12
C LYS A 438 -18.76 -37.97 5.90
N GLY A 439 -18.70 -37.80 7.22
CA GLY A 439 -19.91 -37.99 8.02
C GLY A 439 -20.99 -36.98 7.67
N ASP A 440 -20.60 -35.72 7.45
CA ASP A 440 -21.58 -34.69 7.10
C ASP A 440 -22.12 -34.89 5.69
N ALA A 441 -21.36 -35.53 4.81
CA ALA A 441 -21.80 -35.71 3.44
C ALA A 441 -22.70 -36.93 3.29
N VAL A 442 -22.28 -38.08 3.82
CA VAL A 442 -23.10 -39.28 3.71
C VAL A 442 -24.41 -39.12 4.48
N ALA A 443 -24.41 -38.29 5.52
CA ALA A 443 -25.64 -38.07 6.28
C ALA A 443 -26.70 -37.37 5.44
N LEU A 444 -26.29 -36.52 4.50
CA LEU A 444 -27.22 -35.77 3.67
C LEU A 444 -27.57 -36.49 2.39
N TYR A 445 -27.08 -37.70 2.18
CA TYR A 445 -27.42 -38.47 0.99
C TYR A 445 -28.69 -39.28 1.21
N ASP A 446 -28.70 -40.14 2.23
CA ASP A 446 -29.90 -40.92 2.53
C ASP A 446 -31.05 -40.01 2.94
N THR A 447 -30.78 -39.03 3.79
CA THR A 447 -31.75 -38.00 4.13
C THR A 447 -31.67 -36.95 3.02
N LYS A 448 -32.56 -37.04 2.05
CA LYS A 448 -32.45 -36.26 0.82
C LYS A 448 -32.56 -34.76 1.11
N THR A 449 -32.33 -33.98 0.06
CA THR A 449 -32.39 -32.53 0.12
C THR A 449 -33.77 -32.09 0.62
N SER A 450 -33.83 -30.87 1.14
CA SER A 450 -35.07 -30.33 1.71
C SER A 450 -36.21 -30.40 0.69
N ARG A 451 -37.36 -30.87 1.16
CA ARG A 451 -38.50 -31.07 0.27
C ARG A 451 -38.98 -29.75 -0.32
N ALA A 452 -38.93 -28.67 0.48
CA ALA A 452 -39.34 -27.36 -0.03
C ALA A 452 -38.42 -26.89 -1.15
N LEU A 453 -37.11 -27.08 -0.99
CA LEU A 453 -36.19 -26.70 -2.05
C LEU A 453 -36.41 -27.54 -3.30
N GLY A 454 -36.71 -28.82 -3.13
CA GLY A 454 -37.06 -29.64 -4.28
C GLY A 454 -38.33 -29.17 -4.96
N MET A 455 -39.28 -28.67 -4.18
CA MET A 455 -40.52 -28.15 -4.74
C MET A 455 -40.28 -26.89 -5.55
N PHE A 456 -39.53 -25.93 -4.99
CA PHE A 456 -39.23 -24.71 -5.74
C PHE A 456 -38.35 -24.99 -6.96
N ASN A 457 -37.39 -25.91 -6.84
CA ASN A 457 -36.44 -26.11 -7.92
C ASN A 457 -37.14 -26.59 -9.19
N ASN A 458 -38.07 -27.54 -9.05
CA ASN A 458 -38.80 -28.05 -10.20
C ASN A 458 -39.96 -27.16 -10.63
N THR A 459 -40.44 -26.29 -9.75
CA THR A 459 -41.47 -25.34 -10.15
C THR A 459 -40.89 -24.23 -11.02
N VAL A 460 -39.73 -23.71 -10.65
CA VAL A 460 -39.11 -22.61 -11.38
C VAL A 460 -38.02 -23.22 -12.26
N ARG A 461 -38.40 -23.56 -13.50
CA ARG A 461 -37.43 -24.06 -14.46
C ARG A 461 -36.67 -22.89 -15.09
N ILE A 462 -35.81 -23.19 -16.06
CA ILE A 462 -35.01 -22.18 -16.72
C ILE A 462 -35.42 -21.98 -18.17
N ASP A 463 -35.84 -23.05 -18.86
CA ASP A 463 -36.30 -22.89 -20.23
C ASP A 463 -37.56 -22.06 -20.30
N ASP A 464 -38.48 -22.26 -19.35
CA ASP A 464 -39.70 -21.46 -19.29
C ASP A 464 -39.43 -20.08 -18.73
N LEU A 465 -38.43 -19.93 -17.86
CA LEU A 465 -38.15 -18.66 -17.21
C LEU A 465 -37.54 -17.64 -18.17
N LEU A 466 -37.14 -18.05 -19.38
CA LEU A 466 -36.61 -17.13 -20.37
C LEU A 466 -37.13 -17.40 -21.77
N SER A 467 -38.13 -18.28 -21.93
CA SER A 467 -38.66 -18.56 -23.26
C SER A 467 -39.21 -17.33 -23.99
N PRO A 468 -39.95 -16.42 -23.35
CA PRO A 468 -40.45 -15.26 -24.09
C PRO A 468 -39.38 -14.43 -24.77
N LEU A 469 -38.18 -14.31 -24.18
CA LEU A 469 -37.10 -13.57 -24.82
C LEU A 469 -36.68 -14.23 -26.13
N LEU A 470 -36.48 -15.55 -26.10
CA LEU A 470 -36.09 -16.26 -27.32
C LEU A 470 -37.20 -16.22 -28.36
N SER A 471 -38.46 -16.33 -27.92
CA SER A 471 -39.57 -16.22 -28.86
C SER A 471 -39.62 -14.85 -29.50
N LEU A 472 -39.39 -13.79 -28.71
CA LEU A 472 -39.33 -12.45 -29.26
C LEU A 472 -38.21 -12.32 -30.29
N VAL A 473 -37.04 -12.88 -29.98
CA VAL A 473 -35.93 -12.80 -30.92
C VAL A 473 -36.27 -13.50 -32.23
N TYR A 474 -36.85 -14.71 -32.12
CA TYR A 474 -37.18 -15.48 -33.32
C TYR A 474 -38.23 -14.76 -34.17
N ARG A 475 -39.28 -14.26 -33.52
CA ARG A 475 -40.34 -13.58 -34.26
C ARG A 475 -39.85 -12.26 -34.87
N THR A 476 -38.93 -11.58 -34.20
CA THR A 476 -38.30 -10.41 -34.82
C THR A 476 -37.47 -10.81 -36.02
N TYR A 477 -36.77 -11.94 -35.93
CA TYR A 477 -35.94 -12.38 -37.05
C TYR A 477 -36.79 -12.74 -38.27
N ILE A 478 -37.93 -13.41 -38.07
CA ILE A 478 -38.70 -13.84 -39.23
C ILE A 478 -39.31 -12.67 -39.99
N LYS A 479 -39.72 -11.61 -39.28
CA LYS A 479 -40.34 -10.48 -39.94
C LYS A 479 -39.35 -9.65 -40.77
N GLY A 480 -38.05 -9.89 -40.62
CA GLY A 480 -37.07 -9.13 -41.36
C GLY A 480 -36.63 -7.89 -40.63
N ASP A 481 -36.39 -8.00 -39.32
CA ASP A 481 -36.04 -6.87 -38.49
C ASP A 481 -34.75 -7.13 -37.71
N THR A 482 -33.84 -7.90 -38.28
CA THR A 482 -32.56 -8.22 -37.65
C THR A 482 -31.44 -7.72 -38.55
N MET A 483 -30.76 -6.65 -38.11
CA MET A 483 -29.64 -6.09 -38.84
C MET A 483 -28.61 -5.55 -37.85
N THR A 484 -27.38 -5.41 -38.33
CA THR A 484 -26.31 -4.68 -37.65
C THR A 484 -26.01 -5.30 -36.28
N MET A 485 -25.49 -6.52 -36.32
CA MET A 485 -24.90 -7.14 -35.14
C MET A 485 -23.59 -7.81 -35.51
N THR A 486 -22.66 -7.81 -34.55
CA THR A 486 -21.30 -8.26 -34.77
C THR A 486 -21.28 -9.76 -35.08
N GLN A 487 -20.21 -10.19 -35.76
CA GLN A 487 -20.09 -11.58 -36.20
C GLN A 487 -20.16 -12.54 -35.02
N GLY A 488 -19.45 -12.24 -33.94
CA GLY A 488 -19.37 -13.17 -32.83
C GLY A 488 -19.89 -12.62 -31.52
N SER A 489 -20.83 -11.69 -31.58
CA SER A 489 -21.42 -11.15 -30.37
C SER A 489 -22.41 -12.14 -29.76
N LEU A 490 -22.78 -11.89 -28.51
CA LEU A 490 -23.75 -12.74 -27.84
C LEU A 490 -25.12 -12.66 -28.51
N ASP A 491 -25.42 -11.54 -29.16
CA ASP A 491 -26.67 -11.44 -29.91
C ASP A 491 -26.69 -12.44 -31.06
N HIS A 492 -25.56 -12.63 -31.73
CA HIS A 492 -25.46 -13.65 -32.77
C HIS A 492 -25.65 -15.04 -32.20
N LEU A 493 -25.04 -15.33 -31.04
CA LEU A 493 -25.21 -16.64 -30.43
C LEU A 493 -26.66 -16.90 -30.05
N THR A 494 -27.34 -15.88 -29.52
CA THR A 494 -28.75 -16.03 -29.18
C THR A 494 -29.58 -16.30 -30.42
N LEU A 495 -29.29 -15.62 -31.53
CA LEU A 495 -30.01 -15.87 -32.76
C LEU A 495 -29.78 -17.30 -33.25
N CYS A 496 -28.54 -17.79 -33.14
CA CYS A 496 -28.27 -19.17 -33.51
C CYS A 496 -29.03 -20.15 -32.64
N ALA A 497 -29.41 -19.75 -31.42
CA ALA A 497 -30.20 -20.59 -30.54
C ALA A 497 -31.70 -20.41 -30.74
N ALA A 498 -32.12 -19.36 -31.42
CA ALA A 498 -33.54 -19.05 -31.56
C ALA A 498 -34.15 -19.60 -32.84
N VAL A 499 -33.35 -19.81 -33.88
CA VAL A 499 -33.85 -20.24 -35.18
C VAL A 499 -33.09 -21.49 -35.61
N ASP A 500 -33.68 -22.20 -36.57
CA ASP A 500 -33.09 -23.44 -37.07
C ASP A 500 -32.22 -23.23 -38.30
N SER A 501 -32.63 -22.31 -39.19
CA SER A 501 -31.94 -22.16 -40.45
C SER A 501 -30.54 -21.58 -40.25
N ASP A 502 -29.72 -21.72 -41.29
CA ASP A 502 -28.38 -21.14 -41.28
C ASP A 502 -28.45 -19.65 -41.60
N ILE A 503 -27.67 -18.87 -40.85
CA ILE A 503 -27.68 -17.41 -40.99
C ILE A 503 -26.37 -16.99 -41.64
N THR A 504 -26.48 -16.22 -42.73
CA THR A 504 -25.33 -15.76 -43.48
C THR A 504 -25.24 -14.24 -43.42
N PHE A 505 -24.01 -13.74 -43.52
CA PHE A 505 -23.74 -12.31 -43.46
C PHE A 505 -23.47 -11.81 -44.88
N VAL A 506 -24.36 -10.96 -45.40
CA VAL A 506 -24.10 -10.33 -46.69
C VAL A 506 -22.90 -9.40 -46.58
N GLY A 507 -22.60 -8.91 -45.38
CA GLY A 507 -21.41 -8.14 -45.12
C GLY A 507 -21.16 -8.12 -43.64
N ASN A 508 -19.94 -7.76 -43.26
CA ASN A 508 -19.57 -7.76 -41.86
C ASN A 508 -20.46 -6.81 -41.08
N ARG A 509 -21.08 -7.33 -40.01
CA ARG A 509 -21.98 -6.58 -39.13
C ARG A 509 -23.29 -6.22 -39.84
N MET A 510 -23.85 -7.16 -40.60
CA MET A 510 -25.22 -7.06 -41.07
C MET A 510 -25.70 -8.45 -41.48
N ILE A 511 -26.96 -8.72 -41.18
CA ILE A 511 -27.57 -10.01 -41.51
C ILE A 511 -28.29 -9.89 -42.85
N ALA A 512 -27.98 -10.82 -43.76
CA ALA A 512 -28.65 -10.83 -45.05
C ALA A 512 -30.13 -11.16 -44.87
N PRO A 513 -31.02 -10.44 -45.54
CA PRO A 513 -32.45 -10.76 -45.46
C PRO A 513 -32.71 -12.16 -46.00
N LEU A 514 -33.65 -12.86 -45.36
CA LEU A 514 -33.96 -14.22 -45.76
C LEU A 514 -34.66 -14.23 -47.11
N PRO A 515 -34.41 -15.26 -47.93
CA PRO A 515 -35.05 -15.34 -49.24
C PRO A 515 -36.56 -15.47 -49.11
N GLU A 516 -37.26 -14.93 -50.11
CA GLU A 516 -38.72 -14.89 -50.07
C GLU A 516 -39.30 -16.30 -50.06
N GLY A 517 -40.40 -16.47 -49.33
CA GLY A 517 -41.06 -17.75 -49.23
C GLY A 517 -40.44 -18.71 -48.25
N TYR A 518 -39.45 -18.29 -47.49
CA TYR A 518 -38.74 -19.15 -46.55
C TYR A 518 -39.19 -18.82 -45.14
N ILE A 519 -39.73 -19.81 -44.44
CA ILE A 519 -40.06 -19.67 -43.02
C ILE A 519 -39.38 -20.79 -42.25
N PRO A 520 -38.35 -20.50 -41.46
CA PRO A 520 -37.65 -21.56 -40.72
C PRO A 520 -38.30 -21.82 -39.37
N LYS A 521 -38.42 -23.11 -39.05
CA LYS A 521 -39.04 -23.50 -37.79
C LYS A 521 -38.18 -23.04 -36.62
N PRO A 522 -38.78 -22.61 -35.52
CA PRO A 522 -37.99 -22.22 -34.34
C PRO A 522 -37.22 -23.40 -33.77
N MET A 523 -36.04 -23.11 -33.26
CA MET A 523 -35.17 -24.15 -32.71
C MET A 523 -35.77 -24.70 -31.42
N HIS A 524 -36.09 -25.98 -31.41
CA HIS A 524 -36.71 -26.62 -30.25
C HIS A 524 -35.60 -27.16 -29.36
N ARG A 525 -35.25 -26.40 -28.33
CA ARG A 525 -34.19 -26.75 -27.40
C ARG A 525 -34.79 -27.18 -26.07
N ASN A 526 -34.06 -28.03 -25.36
CA ASN A 526 -34.53 -28.56 -24.08
C ASN A 526 -34.23 -27.57 -22.97
N ASN A 527 -34.38 -28.02 -21.72
CA ASN A 527 -34.20 -27.14 -20.57
C ASN A 527 -32.73 -26.76 -20.39
N SER A 528 -31.82 -27.68 -20.64
CA SER A 528 -30.40 -27.49 -20.33
C SER A 528 -29.58 -27.09 -21.55
N THR A 529 -30.15 -26.28 -22.45
CA THR A 529 -29.45 -25.81 -23.63
C THR A 529 -28.78 -24.45 -23.42
N MET A 530 -29.54 -23.46 -22.95
CA MET A 530 -28.96 -22.16 -22.65
C MET A 530 -27.87 -22.26 -21.60
N LYS A 531 -27.99 -23.21 -20.67
CA LYS A 531 -26.90 -23.46 -19.73
C LYS A 531 -25.64 -23.92 -20.45
N MET A 532 -25.78 -24.78 -21.45
CA MET A 532 -24.62 -25.24 -22.20
C MET A 532 -24.01 -24.11 -23.00
N LEU A 533 -24.84 -23.23 -23.56
CA LEU A 533 -24.30 -22.06 -24.27
C LEU A 533 -23.53 -21.16 -23.31
N SER A 534 -24.06 -20.93 -22.11
CA SER A 534 -23.36 -20.11 -21.13
C SER A 534 -22.06 -20.77 -20.70
N LEU A 535 -22.06 -22.10 -20.56
CA LEU A 535 -20.84 -22.81 -20.20
C LEU A 535 -19.78 -22.69 -21.29
N TYR A 536 -20.20 -22.80 -22.55
CA TYR A 536 -19.27 -22.60 -23.66
C TYR A 536 -18.72 -21.19 -23.66
N VAL A 537 -19.57 -20.20 -23.39
CA VAL A 537 -19.10 -18.82 -23.31
C VAL A 537 -18.08 -18.68 -22.18
N ALA A 538 -18.35 -19.31 -21.03
CA ALA A 538 -17.43 -19.22 -19.89
C ALA A 538 -16.08 -19.83 -20.24
N LEU A 539 -16.07 -20.99 -20.87
CA LEU A 539 -14.81 -21.59 -21.28
C LEU A 539 -14.10 -20.75 -22.34
N LYS A 540 -14.85 -20.07 -23.20
CA LYS A 540 -14.26 -19.17 -24.17
C LYS A 540 -13.87 -17.83 -23.59
N LYS A 541 -14.27 -17.55 -22.35
CA LYS A 541 -13.98 -16.27 -21.71
C LYS A 541 -12.89 -16.35 -20.66
N LEU A 542 -12.70 -17.52 -20.04
CA LEU A 542 -11.68 -17.65 -19.00
C LEU A 542 -10.27 -17.45 -19.56
N GLU A 543 -10.00 -18.00 -20.75
CA GLU A 543 -8.67 -17.89 -21.32
C GLU A 543 -8.34 -16.48 -21.79
N ASN A 544 -9.37 -15.66 -22.08
CA ASN A 544 -9.16 -14.26 -22.46
C ASN A 544 -10.32 -13.47 -21.89
N PHE A 545 -10.08 -12.75 -20.79
CA PHE A 545 -11.14 -12.03 -20.11
C PHE A 545 -11.58 -10.78 -20.86
N ALA A 546 -10.82 -10.33 -21.86
CA ALA A 546 -11.14 -9.11 -22.58
C ALA A 546 -11.80 -9.39 -23.93
N THR A 547 -12.13 -10.65 -24.21
CA THR A 547 -12.70 -10.98 -25.51
C THR A 547 -14.11 -10.44 -25.65
N ASN A 548 -14.46 -10.04 -26.88
CA ASN A 548 -15.81 -9.63 -27.21
C ASN A 548 -16.46 -10.54 -28.24
N SER A 549 -15.72 -11.54 -28.74
CA SER A 549 -16.22 -12.51 -29.70
C SER A 549 -15.82 -13.91 -29.24
N TYR A 550 -16.63 -14.90 -29.61
CA TYR A 550 -16.46 -16.27 -29.13
C TYR A 550 -16.40 -17.21 -30.33
N LEU A 551 -15.21 -17.37 -30.89
CA LEU A 551 -14.97 -18.26 -32.01
C LEU A 551 -13.70 -19.04 -31.73
N MET A 552 -13.59 -20.24 -32.32
CA MET A 552 -12.62 -21.23 -31.88
C MET A 552 -11.54 -21.55 -32.91
N ALA A 553 -11.31 -20.68 -33.88
CA ALA A 553 -10.38 -21.01 -34.96
C ALA A 553 -8.97 -21.21 -34.42
N PRO A 554 -8.28 -22.31 -34.78
CA PRO A 554 -8.83 -23.51 -35.40
C PRO A 554 -8.95 -24.67 -34.42
N ASP A 555 -9.40 -24.42 -33.20
CA ASP A 555 -9.36 -25.41 -32.12
C ASP A 555 -10.50 -26.41 -32.27
N THR A 556 -10.70 -27.22 -31.24
CA THR A 556 -11.76 -28.23 -31.22
C THR A 556 -12.32 -28.33 -29.81
N SER A 557 -13.53 -28.86 -29.72
CA SER A 557 -14.21 -29.03 -28.44
C SER A 557 -15.15 -30.22 -28.53
N ILE A 558 -15.43 -30.83 -27.39
CA ILE A 558 -16.41 -31.90 -27.28
C ILE A 558 -17.21 -31.69 -26.01
N ILE A 559 -18.49 -32.06 -26.07
CA ILE A 559 -19.41 -31.89 -24.95
C ILE A 559 -19.70 -33.30 -24.41
N LEU A 560 -19.06 -33.64 -23.30
CA LEU A 560 -19.29 -34.94 -22.68
C LEU A 560 -20.65 -34.93 -21.99
N LEU A 561 -21.62 -35.61 -22.61
CA LEU A 561 -23.00 -35.57 -22.15
C LEU A 561 -23.78 -36.63 -22.89
N GLY A 562 -24.69 -37.30 -22.17
CA GLY A 562 -25.49 -38.36 -22.79
C GLY A 562 -26.15 -37.92 -24.07
N ALA A 563 -26.72 -36.72 -24.07
CA ALA A 563 -27.16 -36.04 -25.28
C ALA A 563 -28.12 -36.91 -26.09
N GLU A 564 -29.28 -37.21 -25.51
CA GLU A 564 -30.28 -37.99 -26.23
C GLU A 564 -30.54 -37.26 -27.53
N ARG A 565 -31.03 -36.02 -27.45
CA ARG A 565 -31.22 -35.20 -28.65
C ARG A 565 -30.61 -33.85 -28.31
N GLU A 566 -29.30 -33.75 -28.57
CA GLU A 566 -28.56 -32.53 -28.23
C GLU A 566 -28.76 -31.36 -29.21
N PRO A 567 -29.38 -30.24 -28.74
CA PRO A 567 -29.49 -29.09 -29.65
C PRO A 567 -28.27 -28.18 -29.59
N ALA A 568 -27.53 -28.24 -28.48
CA ALA A 568 -26.39 -27.34 -28.30
C ALA A 568 -25.31 -27.59 -29.33
N VAL A 569 -25.10 -28.85 -29.72
CA VAL A 569 -24.14 -29.14 -30.77
C VAL A 569 -24.57 -28.48 -32.08
N ASN A 570 -25.85 -28.57 -32.41
CA ASN A 570 -26.35 -27.91 -33.62
C ASN A 570 -26.17 -26.41 -33.55
N ILE A 571 -26.46 -25.81 -32.40
CA ILE A 571 -26.33 -24.36 -32.25
C ILE A 571 -24.88 -23.93 -32.42
N LEU A 572 -23.96 -24.67 -31.81
CA LEU A 572 -22.56 -24.29 -31.88
C LEU A 572 -21.98 -24.52 -33.27
N ARG A 573 -22.43 -25.58 -33.97
CA ARG A 573 -22.01 -25.77 -35.35
C ARG A 573 -22.53 -24.64 -36.24
N ARG A 574 -23.79 -24.25 -36.04
CA ARG A 574 -24.36 -23.12 -36.76
C ARG A 574 -23.73 -21.80 -36.37
N PHE A 575 -23.03 -21.76 -35.24
CA PHE A 575 -22.45 -20.53 -34.73
C PHE A 575 -21.00 -20.33 -35.16
N ASN A 576 -20.27 -21.41 -35.45
CA ASN A 576 -18.87 -21.34 -35.83
C ASN A 576 -18.63 -21.71 -37.30
N ARG A 577 -19.64 -21.57 -38.15
CA ARG A 577 -19.52 -22.05 -39.52
C ARG A 577 -18.47 -21.27 -40.31
N ASN A 578 -18.42 -19.94 -40.10
CA ASN A 578 -17.47 -19.12 -40.85
C ASN A 578 -16.02 -19.46 -40.50
N VAL A 579 -15.79 -20.13 -39.37
CA VAL A 579 -14.46 -20.54 -38.98
C VAL A 579 -13.91 -21.55 -39.98
N SER A 580 -12.59 -21.54 -40.16
CA SER A 580 -11.95 -22.44 -41.12
C SER A 580 -12.30 -23.89 -40.85
N ASN A 581 -11.90 -24.41 -39.70
CA ASN A 581 -12.21 -25.79 -39.34
C ASN A 581 -12.13 -25.95 -37.82
N VAL A 582 -13.28 -26.10 -37.17
CA VAL A 582 -13.35 -26.47 -35.76
C VAL A 582 -14.23 -27.71 -35.65
N ARG A 583 -13.75 -28.70 -34.91
CA ARG A 583 -14.46 -29.95 -34.74
C ARG A 583 -15.14 -29.94 -33.37
N ILE A 584 -16.47 -29.95 -33.37
CA ILE A 584 -17.27 -29.96 -32.15
C ILE A 584 -18.32 -31.04 -32.27
N ILE A 585 -18.46 -31.84 -31.22
CA ILE A 585 -19.39 -32.96 -31.23
C ILE A 585 -19.63 -33.44 -29.80
N GLY A 586 -20.78 -34.03 -29.54
CA GLY A 586 -21.11 -34.57 -28.23
C GLY A 586 -20.86 -36.06 -28.15
N MET A 587 -20.54 -36.52 -26.93
CA MET A 587 -20.32 -37.93 -26.66
C MET A 587 -21.01 -38.27 -25.35
N GLY A 588 -21.76 -39.36 -25.33
CA GLY A 588 -22.49 -39.69 -24.12
C GLY A 588 -23.16 -41.04 -24.22
N ASP A 589 -23.91 -41.37 -23.16
CA ASP A 589 -24.44 -42.72 -22.99
C ASP A 589 -25.61 -43.00 -23.91
N ARG A 590 -26.49 -42.02 -24.13
CA ARG A 590 -27.67 -42.20 -24.95
C ARG A 590 -27.64 -41.28 -26.17
N ALA A 591 -26.46 -41.09 -26.74
CA ALA A 591 -26.31 -40.15 -27.84
C ALA A 591 -26.87 -40.72 -29.14
N VAL A 592 -27.41 -39.82 -29.97
CA VAL A 592 -27.87 -40.18 -31.30
C VAL A 592 -27.04 -39.40 -32.32
N GLU A 593 -27.32 -39.60 -33.60
CA GLU A 593 -26.62 -38.85 -34.62
C GLU A 593 -26.83 -37.35 -34.41
N PRO A 594 -25.80 -36.52 -34.61
CA PRO A 594 -24.45 -36.92 -35.01
C PRO A 594 -23.52 -37.27 -33.85
N ASN A 595 -24.03 -37.23 -32.63
CA ASN A 595 -23.22 -37.55 -31.46
C ASN A 595 -22.93 -39.05 -31.40
N ILE A 596 -21.89 -39.40 -30.63
CA ILE A 596 -21.40 -40.77 -30.55
C ILE A 596 -21.83 -41.36 -29.21
N ARG A 597 -22.31 -42.60 -29.23
CA ARG A 597 -22.81 -43.28 -28.04
C ARG A 597 -21.66 -44.07 -27.41
N VAL A 598 -21.06 -43.49 -26.37
CA VAL A 598 -19.99 -44.14 -25.63
C VAL A 598 -20.24 -44.00 -24.13
N ARG A 599 -19.54 -44.82 -23.36
CA ARG A 599 -19.65 -44.82 -21.90
C ARG A 599 -18.36 -44.29 -21.29
N VAL A 600 -18.49 -43.47 -20.27
CA VAL A 600 -17.36 -42.84 -19.59
C VAL A 600 -17.02 -43.67 -18.36
N PRO A 601 -15.75 -44.04 -18.14
CA PRO A 601 -14.56 -43.71 -18.94
C PRO A 601 -14.51 -44.42 -20.29
N PHE A 602 -13.79 -43.82 -21.23
CA PHE A 602 -13.83 -44.25 -22.61
C PHE A 602 -13.20 -45.64 -22.77
N PRO A 603 -13.56 -46.36 -23.84
CA PRO A 603 -12.95 -47.68 -24.08
C PRO A 603 -11.44 -47.57 -24.21
N ILE A 604 -10.76 -48.63 -23.75
CA ILE A 604 -9.30 -48.63 -23.72
C ILE A 604 -8.73 -48.49 -25.12
N ASP A 605 -9.36 -49.11 -26.12
CA ASP A 605 -8.87 -49.09 -27.49
C ASP A 605 -9.52 -47.95 -28.27
N LYS A 606 -9.35 -46.74 -27.75
CA LYS A 606 -9.76 -45.54 -28.46
C LYS A 606 -9.04 -44.34 -27.88
N ASN A 607 -8.79 -43.36 -28.73
CA ASN A 607 -8.13 -42.12 -28.33
C ASN A 607 -9.08 -40.97 -28.54
N ILE A 608 -9.28 -40.17 -27.48
CA ILE A 608 -10.10 -38.97 -27.55
C ILE A 608 -9.25 -37.81 -27.05
N SER A 609 -9.31 -36.69 -27.74
CA SER A 609 -8.49 -35.53 -27.40
C SER A 609 -9.14 -34.27 -27.96
N ALA A 610 -9.24 -33.24 -27.15
CA ALA A 610 -9.84 -31.97 -27.55
C ALA A 610 -9.30 -30.88 -26.66
N ASP A 611 -9.69 -29.65 -26.95
CA ASP A 611 -9.24 -28.50 -26.17
C ASP A 611 -10.20 -28.15 -25.04
N PHE A 612 -11.49 -28.37 -25.22
CA PHE A 612 -12.49 -28.01 -24.24
C PHE A 612 -13.33 -29.22 -23.86
N ILE A 613 -13.68 -29.32 -22.58
CA ILE A 613 -14.60 -30.34 -22.08
C ILE A 613 -15.71 -29.64 -21.31
N ILE A 614 -16.95 -29.93 -21.67
CA ILE A 614 -18.12 -29.45 -20.95
C ILE A 614 -18.90 -30.70 -20.54
N CYS A 615 -18.65 -31.19 -19.34
CA CYS A 615 -19.20 -32.46 -18.89
C CYS A 615 -20.30 -32.22 -17.87
N ASP A 616 -21.43 -32.88 -18.07
CA ASP A 616 -22.52 -32.88 -17.09
C ASP A 616 -23.24 -34.23 -17.13
N ILE A 617 -22.79 -35.15 -16.29
CA ILE A 617 -23.27 -36.52 -16.24
C ILE A 617 -24.13 -36.68 -15.00
N ASN A 618 -25.35 -37.18 -15.18
CA ASN A 618 -26.30 -37.34 -14.09
C ASN A 618 -26.44 -38.81 -13.71
N SER A 619 -26.98 -39.04 -12.51
CA SER A 619 -27.23 -40.38 -12.00
C SER A 619 -28.75 -40.58 -11.95
N TYR A 620 -29.31 -41.03 -13.09
CA TYR A 620 -30.75 -41.25 -13.16
C TYR A 620 -31.19 -42.37 -12.22
N GLU A 621 -30.44 -43.47 -12.19
CA GLU A 621 -30.74 -44.54 -11.27
C GLU A 621 -30.31 -44.16 -9.84
N ASP A 622 -30.80 -44.95 -8.88
CA ASP A 622 -30.48 -44.73 -7.48
C ASP A 622 -29.40 -45.69 -7.02
N GLN A 623 -28.32 -45.16 -6.47
CA GLN A 623 -27.19 -45.95 -6.00
C GLN A 623 -26.77 -45.44 -4.63
N SER A 624 -25.77 -46.10 -4.06
CA SER A 624 -25.25 -45.71 -2.75
C SER A 624 -24.27 -44.55 -2.91
N PHE A 625 -23.71 -44.11 -1.78
CA PHE A 625 -22.73 -43.03 -1.82
C PHE A 625 -21.46 -43.47 -2.56
N GLU A 626 -21.05 -44.72 -2.37
CA GLU A 626 -19.80 -45.19 -2.96
C GLU A 626 -19.86 -45.22 -4.47
N SER A 627 -20.99 -45.63 -5.04
CA SER A 627 -21.08 -45.79 -6.49
C SER A 627 -21.00 -44.45 -7.20
N MET A 628 -21.75 -43.45 -6.72
CA MET A 628 -21.65 -42.12 -7.32
C MET A 628 -20.29 -41.51 -7.07
N PHE A 629 -19.66 -41.82 -5.93
CA PHE A 629 -18.30 -41.39 -5.68
C PHE A 629 -17.34 -41.91 -6.75
N SER A 630 -17.38 -43.21 -7.00
CA SER A 630 -16.50 -43.80 -8.00
C SER A 630 -16.80 -43.24 -9.38
N GLU A 631 -18.09 -43.10 -9.72
CA GLU A 631 -18.47 -42.57 -11.02
C GLU A 631 -17.93 -41.16 -11.23
N THR A 632 -18.09 -40.30 -10.23
CA THR A 632 -17.63 -38.92 -10.39
C THR A 632 -16.12 -38.82 -10.38
N ILE A 633 -15.44 -39.65 -9.58
CA ILE A 633 -13.98 -39.64 -9.61
C ILE A 633 -13.46 -40.03 -10.98
N SER A 634 -14.03 -41.10 -11.55
CA SER A 634 -13.61 -41.52 -12.89
C SER A 634 -13.91 -40.44 -13.92
N VAL A 635 -15.09 -39.80 -13.82
CA VAL A 635 -15.45 -38.76 -14.78
C VAL A 635 -14.47 -37.61 -14.71
N VAL A 636 -14.14 -37.15 -13.50
CA VAL A 636 -13.24 -36.02 -13.35
C VAL A 636 -11.85 -36.37 -13.84
N THR A 637 -11.34 -37.56 -13.51
CA THR A 637 -10.02 -37.94 -13.97
C THR A 637 -9.95 -37.99 -15.49
N THR A 638 -10.96 -38.62 -16.11
CA THR A 638 -10.95 -38.74 -17.56
C THR A 638 -11.06 -37.38 -18.24
N CYS A 639 -11.93 -36.50 -17.72
CA CYS A 639 -12.06 -35.17 -18.29
C CYS A 639 -10.77 -34.37 -18.15
N ALA A 640 -10.14 -34.43 -16.97
CA ALA A 640 -8.90 -33.68 -16.77
C ALA A 640 -7.77 -34.23 -17.62
N SER A 641 -7.78 -35.52 -17.92
CA SER A 641 -6.77 -36.10 -18.80
C SER A 641 -7.15 -36.01 -20.27
N ALA A 642 -8.33 -35.50 -20.60
CA ALA A 642 -8.77 -35.43 -21.99
C ALA A 642 -8.58 -34.06 -22.64
N ALA A 643 -8.52 -32.98 -21.86
CA ALA A 643 -8.44 -31.65 -22.45
C ALA A 643 -7.62 -30.73 -21.57
N THR A 644 -7.22 -29.59 -22.15
CA THR A 644 -6.48 -28.57 -21.42
C THR A 644 -7.39 -27.68 -20.58
N ARG A 645 -8.69 -27.69 -20.83
CA ARG A 645 -9.67 -26.97 -20.02
C ARG A 645 -10.92 -27.82 -19.93
N ALA A 646 -11.51 -27.90 -18.74
CA ALA A 646 -12.66 -28.76 -18.53
C ALA A 646 -13.62 -28.11 -17.54
N LEU A 647 -14.91 -28.27 -17.79
CA LEU A 647 -15.97 -27.89 -16.86
C LEU A 647 -16.81 -29.13 -16.59
N VAL A 648 -16.79 -29.61 -15.35
CA VAL A 648 -17.45 -30.84 -14.97
C VAL A 648 -18.52 -30.53 -13.93
N LYS A 649 -19.72 -31.05 -14.15
CA LYS A 649 -20.82 -30.86 -13.21
C LYS A 649 -20.71 -31.85 -12.06
N ILE A 650 -20.93 -31.35 -10.84
CA ILE A 650 -20.95 -32.19 -9.65
C ILE A 650 -22.40 -32.24 -9.17
N ASN A 651 -23.01 -33.42 -9.25
CA ASN A 651 -24.41 -33.56 -8.88
C ASN A 651 -24.63 -33.29 -7.40
N HIS A 652 -23.72 -33.77 -6.54
CA HIS A 652 -23.84 -33.66 -5.09
C HIS A 652 -22.56 -33.00 -4.58
N PRO A 653 -22.47 -31.67 -4.70
CA PRO A 653 -21.23 -31.00 -4.28
C PRO A 653 -21.10 -30.91 -2.78
N SER A 654 -20.22 -31.71 -2.20
CA SER A 654 -19.95 -31.68 -0.78
C SER A 654 -18.48 -31.33 -0.55
N GLU A 655 -18.19 -30.83 0.65
CA GLU A 655 -16.82 -30.49 1.00
C GLU A 655 -15.91 -31.70 0.84
N TYR A 656 -16.35 -32.85 1.36
CA TYR A 656 -15.56 -34.07 1.23
C TYR A 656 -15.40 -34.47 -0.23
N MET A 657 -16.48 -34.39 -1.01
CA MET A 657 -16.43 -34.84 -2.40
C MET A 657 -15.52 -33.94 -3.24
N ILE A 658 -15.69 -32.62 -3.10
CA ILE A 658 -14.86 -31.69 -3.86
C ILE A 658 -13.40 -31.79 -3.45
N ASN A 659 -13.14 -31.92 -2.14
CA ASN A 659 -11.76 -32.03 -1.70
C ASN A 659 -11.13 -33.35 -2.13
N SER A 660 -11.89 -34.44 -2.17
CA SER A 660 -11.37 -35.70 -2.68
C SER A 660 -11.07 -35.59 -4.17
N VAL A 661 -11.93 -34.90 -4.92
CA VAL A 661 -11.64 -34.63 -6.32
C VAL A 661 -10.33 -33.86 -6.46
N ILE A 662 -10.14 -32.84 -5.61
CA ILE A 662 -8.92 -32.05 -5.64
C ILE A 662 -7.70 -32.92 -5.37
N GLU A 663 -7.82 -33.81 -4.38
CA GLU A 663 -6.72 -34.72 -4.05
C GLU A 663 -6.40 -35.64 -5.22
N ARG A 664 -7.43 -36.21 -5.85
CA ARG A 664 -7.21 -37.07 -7.00
C ARG A 664 -6.63 -36.33 -8.19
N LEU A 665 -6.84 -35.02 -8.27
CA LEU A 665 -6.29 -34.24 -9.37
C LEU A 665 -4.76 -34.23 -9.33
N SER A 666 -4.17 -34.32 -8.14
CA SER A 666 -2.72 -34.28 -8.02
C SER A 666 -2.05 -35.57 -8.48
N GLN A 667 -2.74 -36.70 -8.36
CA GLN A 667 -2.17 -37.99 -8.73
C GLN A 667 -2.03 -38.17 -10.23
N LEU A 668 -2.59 -37.28 -11.05
CA LEU A 668 -2.61 -37.46 -12.50
C LEU A 668 -1.23 -37.16 -13.08
N GLY A 669 -0.30 -38.05 -12.79
CA GLY A 669 1.02 -37.97 -13.37
C GLY A 669 1.90 -36.87 -12.82
N GLY A 670 1.61 -36.37 -11.62
CA GLY A 670 2.42 -35.31 -11.05
C GLY A 670 2.25 -33.96 -11.70
N VAL A 671 1.12 -33.71 -12.34
CA VAL A 671 0.83 -32.43 -12.97
C VAL A 671 0.07 -31.56 -11.97
N PHE A 672 0.35 -30.26 -12.00
CA PHE A 672 -0.31 -29.32 -11.10
C PHE A 672 -1.55 -28.75 -11.77
N TYR A 673 -2.68 -28.82 -11.07
CA TYR A 673 -3.97 -28.41 -11.61
C TYR A 673 -4.53 -27.24 -10.79
N HIS A 674 -5.09 -26.26 -11.50
CA HIS A 674 -5.76 -25.13 -10.88
C HIS A 674 -7.27 -25.30 -11.02
N THR A 675 -7.99 -25.15 -9.90
CA THR A 675 -9.41 -25.43 -9.86
C THR A 675 -10.15 -24.32 -9.14
N ALA A 676 -11.30 -23.95 -9.68
CA ALA A 676 -12.16 -22.94 -9.07
C ALA A 676 -13.62 -23.31 -9.34
N LEU A 677 -14.44 -23.21 -8.30
CA LEU A 677 -15.86 -23.51 -8.45
C LEU A 677 -16.55 -22.46 -9.28
N LEU A 678 -17.54 -22.88 -10.07
CA LEU A 678 -18.24 -22.00 -10.99
C LEU A 678 -19.73 -22.28 -10.92
N LYS A 679 -20.53 -21.29 -11.32
CA LYS A 679 -21.98 -21.43 -11.33
C LYS A 679 -22.54 -20.41 -12.31
N THR A 680 -23.10 -20.88 -13.42
CA THR A 680 -23.53 -20.01 -14.49
C THR A 680 -24.83 -19.29 -14.15
N ALA A 681 -25.11 -18.25 -14.92
CA ALA A 681 -26.30 -17.44 -14.73
C ALA A 681 -27.49 -17.93 -15.55
N SER A 682 -27.31 -18.93 -16.38
CA SER A 682 -28.39 -19.53 -17.17
C SER A 682 -28.75 -20.91 -16.65
N GLN A 683 -28.67 -21.07 -15.33
CA GLN A 683 -28.96 -22.33 -14.65
C GLN A 683 -30.22 -22.17 -13.81
N ASN A 684 -30.76 -23.29 -13.35
CA ASN A 684 -31.93 -23.23 -12.49
C ASN A 684 -31.58 -22.48 -11.21
N PRO A 685 -32.35 -21.45 -10.85
CA PRO A 685 -31.95 -20.58 -9.73
C PRO A 685 -31.78 -21.31 -8.41
N TYR A 686 -32.58 -22.34 -8.15
CA TYR A 686 -32.54 -23.06 -6.88
C TYR A 686 -31.71 -24.32 -6.93
N SER A 687 -31.04 -24.60 -8.04
CA SER A 687 -30.24 -25.81 -8.15
C SER A 687 -28.99 -25.67 -7.29
N TYR A 688 -28.74 -26.67 -6.45
CA TYR A 688 -27.54 -26.73 -5.65
C TYR A 688 -26.37 -27.34 -6.39
N GLU A 689 -26.57 -27.78 -7.64
CA GLU A 689 -25.48 -28.30 -8.44
C GLU A 689 -24.58 -27.16 -8.90
N THR A 690 -23.28 -27.32 -8.67
CA THR A 690 -22.29 -26.34 -9.10
C THR A 690 -21.27 -27.03 -9.99
N TYR A 691 -20.65 -26.24 -10.86
CA TYR A 691 -19.70 -26.75 -11.85
C TYR A 691 -18.27 -26.54 -11.36
N ILE A 692 -17.41 -27.51 -11.66
CA ILE A 692 -16.00 -27.42 -11.32
C ILE A 692 -15.22 -27.11 -12.59
N TYR A 693 -14.13 -26.36 -12.42
CA TYR A 693 -13.29 -25.94 -13.53
C TYR A 693 -11.88 -26.44 -13.29
N ILE A 694 -11.32 -27.14 -14.28
CA ILE A 694 -10.02 -27.81 -14.13
C ILE A 694 -9.13 -27.39 -15.29
N THR A 695 -7.90 -27.00 -14.97
CA THR A 695 -6.90 -26.67 -15.98
C THR A 695 -5.52 -26.86 -15.37
N PRO A 696 -4.53 -27.26 -16.17
CA PRO A 696 -3.17 -27.37 -15.64
C PRO A 696 -2.58 -26.01 -15.32
N ILE A 697 -1.69 -25.99 -14.33
CA ILE A 697 -1.00 -24.79 -13.90
C ILE A 697 0.48 -25.09 -13.77
N ALA A 698 1.32 -24.11 -14.12
CA ALA A 698 2.77 -24.32 -14.10
C ALA A 698 3.26 -24.59 -12.68
N ALA A 699 2.78 -23.83 -11.71
CA ALA A 699 3.18 -23.97 -10.32
C ALA A 699 1.98 -24.39 -9.49
N ALA A 700 2.16 -25.41 -8.66
CA ALA A 700 1.05 -25.93 -7.85
C ALA A 700 0.49 -24.84 -6.95
N VAL A 701 -0.85 -24.80 -6.87
CA VAL A 701 -1.52 -23.76 -6.11
C VAL A 701 -1.27 -23.96 -4.61
N ARG A 702 -0.95 -22.86 -3.92
CA ARG A 702 -0.68 -22.94 -2.49
C ARG A 702 -1.92 -23.38 -1.72
N PHE A 703 -3.08 -22.83 -2.08
CA PHE A 703 -4.34 -23.11 -1.39
C PHE A 703 -5.23 -23.90 -2.34
N PRO A 704 -5.22 -25.24 -2.27
CA PRO A 704 -6.01 -26.02 -3.23
C PRO A 704 -7.36 -26.48 -2.71
N PHE A 705 -7.64 -26.27 -1.41
CA PHE A 705 -8.79 -26.88 -0.77
C PHE A 705 -9.84 -25.85 -0.39
N TYR A 706 -11.10 -26.29 -0.40
CA TYR A 706 -12.24 -25.45 -0.08
C TYR A 706 -12.75 -25.77 1.32
N SER A 707 -13.16 -24.74 2.05
CA SER A 707 -13.78 -24.92 3.36
C SER A 707 -14.80 -23.82 3.57
N ASN A 708 -16.05 -24.20 3.82
CA ASN A 708 -17.15 -23.26 4.05
C ASN A 708 -17.26 -22.26 2.90
N SER A 709 -17.16 -22.77 1.68
CA SER A 709 -17.25 -21.91 0.51
C SER A 709 -18.70 -21.45 0.30
N ALA A 710 -18.86 -20.47 -0.57
CA ALA A 710 -20.18 -19.93 -0.82
C ALA A 710 -21.07 -20.92 -1.56
N MET A 711 -20.50 -21.71 -2.47
CA MET A 711 -21.28 -22.55 -3.38
C MET A 711 -21.48 -23.97 -2.88
N ILE A 712 -20.99 -24.31 -1.69
CA ILE A 712 -21.22 -25.63 -1.12
C ILE A 712 -22.28 -25.50 -0.03
N ASN A 713 -22.34 -24.32 0.59
CA ASN A 713 -23.27 -24.11 1.70
C ASN A 713 -24.72 -24.03 1.27
N ARG A 714 -24.99 -23.91 -0.04
CA ARG A 714 -26.36 -24.08 -0.49
C ARG A 714 -26.78 -25.55 -0.44
N TYR A 715 -25.82 -26.46 -0.53
CA TYR A 715 -26.10 -27.89 -0.46
C TYR A 715 -26.01 -28.43 0.95
N MET A 716 -25.02 -27.98 1.73
CA MET A 716 -24.92 -28.40 3.12
C MET A 716 -26.15 -28.02 3.93
N THR A 717 -26.66 -26.81 3.75
CA THR A 717 -27.74 -26.30 4.58
C THR A 717 -29.11 -26.70 4.05
N ALA A 718 -29.16 -27.50 2.99
CA ALA A 718 -30.43 -27.97 2.44
C ALA A 718 -30.82 -29.28 3.11
N VAL A 719 -31.13 -29.18 4.39
CA VAL A 719 -31.46 -30.32 5.25
C VAL A 719 -32.97 -30.50 5.25
N ALA A 720 -33.41 -31.76 5.34
CA ALA A 720 -34.83 -32.09 5.24
C ALA A 720 -35.65 -31.35 6.29
N ASP A 721 -36.82 -30.87 5.87
CA ASP A 721 -37.64 -30.01 6.70
C ASP A 721 -38.34 -30.80 7.80
N ASP A 722 -38.71 -30.08 8.86
CA ASP A 722 -39.53 -30.62 9.92
C ASP A 722 -41.01 -30.33 9.74
N GLU A 723 -41.38 -29.64 8.67
CA GLU A 723 -42.77 -29.41 8.30
C GLU A 723 -42.91 -29.50 6.80
N MET A 724 -44.13 -29.81 6.35
CA MET A 724 -44.41 -29.87 4.93
C MET A 724 -44.31 -28.49 4.30
N PRO A 725 -43.93 -28.41 3.02
CA PRO A 725 -43.89 -27.10 2.35
C PRO A 725 -45.27 -26.46 2.33
N ILE A 726 -45.29 -25.15 2.49
CA ILE A 726 -46.54 -24.39 2.55
C ILE A 726 -46.89 -23.90 1.15
N ILE A 727 -48.06 -24.30 0.66
CA ILE A 727 -48.51 -23.95 -0.68
C ILE A 727 -49.29 -22.64 -0.60
N PRO A 728 -48.93 -21.63 -1.40
CA PRO A 728 -49.67 -20.36 -1.34
C PRO A 728 -51.12 -20.54 -1.77
N SER A 729 -52.01 -19.83 -1.09
CA SER A 729 -53.45 -20.00 -1.28
C SER A 729 -54.10 -18.65 -1.51
N ILE A 730 -55.29 -18.70 -2.09
CA ILE A 730 -56.09 -17.51 -2.38
C ILE A 730 -57.15 -17.35 -1.29
N HIS A 731 -57.20 -16.18 -0.68
CA HIS A 731 -58.16 -15.88 0.37
C HIS A 731 -59.27 -15.01 -0.20
N THR A 732 -60.52 -15.40 0.05
CA THR A 732 -61.68 -14.70 -0.47
C THR A 732 -62.48 -13.97 0.59
N VAL A 733 -62.11 -14.09 1.86
CA VAL A 733 -62.82 -13.46 2.96
C VAL A 733 -61.88 -12.49 3.66
N ILE A 734 -62.32 -11.26 3.85
CA ILE A 734 -61.55 -10.24 4.54
C ILE A 734 -62.09 -10.11 5.96
N LYS A 735 -61.20 -10.22 6.93
CA LYS A 735 -61.58 -10.19 8.34
C LYS A 735 -60.95 -8.99 9.02
N GLY A 736 -61.65 -8.48 10.03
CA GLY A 736 -61.15 -7.34 10.79
C GLY A 736 -60.25 -7.74 11.93
N HIS A 737 -58.94 -7.54 11.75
CA HIS A 737 -57.93 -7.86 12.76
C HIS A 737 -58.01 -9.33 13.18
N SER A 738 -57.81 -10.20 12.19
CA SER A 738 -57.77 -11.64 12.41
C SER A 738 -56.52 -12.19 11.74
N ASN A 739 -55.64 -12.82 12.53
CA ASN A 739 -54.32 -13.24 12.07
C ASN A 739 -54.30 -14.69 11.61
N THR A 740 -55.41 -15.20 11.06
CA THR A 740 -55.48 -16.57 10.58
C THR A 740 -55.18 -16.70 9.09
N TYR A 741 -54.33 -15.83 8.55
CA TYR A 741 -54.06 -15.77 7.11
C TYR A 741 -52.66 -16.29 6.82
N SER A 742 -52.57 -17.27 5.95
CA SER A 742 -51.31 -17.74 5.39
C SER A 742 -50.94 -16.88 4.19
N PRO A 743 -49.65 -16.85 3.81
CA PRO A 743 -49.24 -16.03 2.68
C PRO A 743 -49.96 -16.42 1.39
N GLY A 744 -50.29 -15.42 0.59
CA GLY A 744 -51.04 -15.67 -0.64
C GLY A 744 -51.58 -14.39 -1.23
N LEU A 745 -52.71 -14.51 -1.91
CA LEU A 745 -53.34 -13.39 -2.60
C LEU A 745 -54.79 -13.26 -2.17
N PHE A 746 -55.32 -12.04 -2.32
CA PHE A 746 -56.74 -11.76 -2.11
C PHE A 746 -57.35 -11.53 -3.48
N CYS A 747 -58.06 -12.54 -3.99
CA CYS A 747 -58.65 -12.50 -5.32
C CYS A 747 -60.16 -12.63 -5.20
N GLY A 748 -60.88 -11.70 -5.81
CA GLY A 748 -62.33 -11.72 -5.77
C GLY A 748 -62.90 -10.41 -6.22
N CYS A 749 -64.23 -10.35 -6.25
CA CYS A 749 -64.96 -9.15 -6.63
C CYS A 749 -66.03 -8.84 -5.59
N VAL A 750 -66.23 -7.55 -5.33
CA VAL A 750 -67.19 -7.07 -4.35
C VAL A 750 -67.96 -5.92 -4.97
N ASP A 751 -69.12 -5.61 -4.40
CA ASP A 751 -69.93 -4.50 -4.86
C ASP A 751 -69.17 -3.19 -4.69
N VAL A 752 -69.47 -2.24 -5.58
CA VAL A 752 -68.73 -0.97 -5.60
C VAL A 752 -68.90 -0.22 -4.29
N GLN A 753 -70.01 -0.43 -3.58
CA GLN A 753 -70.24 0.28 -2.34
C GLN A 753 -69.39 -0.25 -1.20
N SER A 754 -69.13 -1.55 -1.18
CA SER A 754 -68.30 -2.15 -0.15
C SER A 754 -66.82 -2.12 -0.51
N ALA A 755 -66.46 -1.61 -1.68
CA ALA A 755 -65.05 -1.54 -2.06
C ALA A 755 -64.23 -0.67 -1.13
N PRO A 756 -64.64 0.55 -0.76
CA PRO A 756 -63.84 1.31 0.23
C PRO A 756 -63.72 0.60 1.57
N LEU A 757 -64.78 -0.06 2.02
CA LEU A 757 -64.74 -0.75 3.31
C LEU A 757 -63.79 -1.95 3.27
N ALA A 758 -63.88 -2.76 2.22
CA ALA A 758 -62.98 -3.89 2.09
C ALA A 758 -61.53 -3.43 1.93
N LEU A 759 -61.32 -2.36 1.16
CA LEU A 759 -59.99 -1.82 0.98
C LEU A 759 -59.43 -1.25 2.27
N SER A 760 -60.30 -0.72 3.14
CA SER A 760 -59.89 -0.24 4.45
C SER A 760 -59.65 -1.36 5.44
N GLN A 761 -60.28 -2.51 5.26
CA GLN A 761 -60.05 -3.63 6.17
C GLN A 761 -58.90 -4.55 5.73
N LEU A 762 -58.50 -4.52 4.46
CA LEU A 762 -57.40 -5.37 4.03
C LEU A 762 -56.05 -4.66 4.08
N LYS A 763 -56.01 -3.42 4.54
CA LYS A 763 -54.72 -2.78 4.83
C LYS A 763 -54.00 -3.45 5.98
N SER A 764 -54.73 -4.17 6.85
CA SER A 764 -54.14 -4.83 7.99
C SER A 764 -53.27 -6.02 7.60
N TYR A 765 -53.31 -6.43 6.34
CA TYR A 765 -52.53 -7.59 5.89
C TYR A 765 -51.65 -7.25 4.70
N CYS A 766 -52.10 -6.34 3.85
CA CYS A 766 -51.46 -6.05 2.58
C CYS A 766 -51.09 -4.58 2.50
N SER A 767 -49.91 -4.29 1.97
CA SER A 767 -49.46 -2.91 1.77
C SER A 767 -49.80 -2.37 0.40
N GLU A 768 -50.32 -3.20 -0.51
CA GLU A 768 -50.70 -2.77 -1.84
C GLU A 768 -51.97 -3.49 -2.25
N ALA A 769 -52.71 -2.86 -3.16
CA ALA A 769 -53.93 -3.46 -3.69
C ALA A 769 -54.25 -2.81 -5.02
N THR A 770 -54.58 -3.63 -6.02
CA THR A 770 -54.95 -3.16 -7.34
C THR A 770 -56.45 -3.36 -7.53
N THR A 771 -57.20 -2.26 -7.48
CA THR A 771 -58.64 -2.30 -7.64
C THR A 771 -59.02 -1.78 -9.02
N TRP A 772 -59.94 -2.48 -9.68
CA TRP A 772 -60.40 -2.05 -10.99
C TRP A 772 -61.79 -2.62 -11.24
N ARG A 773 -62.46 -2.05 -12.25
CA ARG A 773 -63.79 -2.46 -12.64
C ARG A 773 -63.78 -2.77 -14.13
N VAL A 774 -64.65 -3.68 -14.55
CA VAL A 774 -64.66 -4.09 -15.95
C VAL A 774 -65.34 -3.05 -16.82
N ASP A 775 -66.61 -2.78 -16.57
CA ASP A 775 -67.38 -1.82 -17.34
C ASP A 775 -68.09 -0.86 -16.40
N SER A 776 -68.40 0.33 -16.91
CA SER A 776 -69.18 1.30 -16.16
C SER A 776 -70.61 0.83 -15.93
N ASP A 777 -71.06 -0.20 -16.64
CA ASP A 777 -72.36 -0.80 -16.41
C ASP A 777 -72.31 -1.96 -15.44
N ASP A 778 -71.14 -2.28 -14.92
CA ASP A 778 -70.95 -3.39 -13.97
C ASP A 778 -70.82 -2.84 -12.56
N ASN A 779 -71.59 -3.40 -11.64
CA ASN A 779 -71.62 -2.93 -10.26
C ASN A 779 -70.55 -3.56 -9.37
N LEU A 780 -69.84 -4.58 -9.86
CA LEU A 780 -68.86 -5.29 -9.07
C LEU A 780 -67.46 -4.79 -9.37
N VAL A 781 -66.60 -4.83 -8.35
CA VAL A 781 -65.23 -4.33 -8.44
C VAL A 781 -64.27 -5.46 -8.14
N ASN A 782 -63.28 -5.64 -9.01
CA ASN A 782 -62.29 -6.71 -8.86
C ASN A 782 -61.11 -6.21 -8.04
N ILE A 783 -60.66 -7.05 -7.10
CA ILE A 783 -59.63 -6.68 -6.14
C ILE A 783 -58.55 -7.77 -6.11
N ILE A 784 -57.29 -7.35 -6.19
CA ILE A 784 -56.14 -8.24 -6.04
C ILE A 784 -55.18 -7.59 -5.05
N ALA A 785 -54.74 -8.38 -4.06
CA ALA A 785 -53.82 -7.87 -3.05
C ALA A 785 -53.01 -9.03 -2.48
N ARG A 786 -51.73 -8.78 -2.22
CA ARG A 786 -50.81 -9.79 -1.72
C ARG A 786 -50.51 -9.58 -0.24
N ILE A 787 -50.48 -10.66 0.52
CA ILE A 787 -50.25 -10.58 1.95
C ILE A 787 -48.78 -10.26 2.20
N ASP A 788 -48.52 -9.16 2.90
CA ASP A 788 -47.17 -8.67 3.14
C ASP A 788 -46.79 -8.92 4.59
N PRO A 789 -45.85 -9.81 4.88
CA PRO A 789 -45.49 -10.08 6.28
C PRO A 789 -44.96 -8.87 7.03
N ALA A 790 -44.31 -7.93 6.34
CA ALA A 790 -43.87 -6.71 7.01
C ALA A 790 -45.07 -5.91 7.50
N ARG A 791 -46.12 -5.82 6.68
CA ARG A 791 -47.34 -5.13 7.10
C ARG A 791 -48.01 -5.85 8.26
N ILE A 792 -47.99 -7.19 8.27
CA ILE A 792 -48.53 -7.93 9.40
C ILE A 792 -47.73 -7.63 10.66
N ALA A 793 -46.40 -7.61 10.56
CA ALA A 793 -45.56 -7.37 11.72
C ALA A 793 -45.79 -5.97 12.27
N LEU A 794 -45.90 -4.97 11.39
CA LEU A 794 -46.13 -3.61 11.87
C LEU A 794 -47.53 -3.47 12.46
N GLU A 795 -48.53 -4.03 11.79
CA GLU A 795 -49.86 -4.17 12.34
C GLU A 795 -49.83 -5.15 13.51
N PHE A 796 -50.97 -5.30 14.16
CA PHE A 796 -51.17 -6.34 15.17
C PHE A 796 -50.26 -6.15 16.38
N ARG A 797 -49.51 -5.05 16.42
CA ARG A 797 -48.72 -4.73 17.60
C ARG A 797 -49.58 -4.17 18.72
N THR A 798 -50.77 -3.69 18.40
CA THR A 798 -51.72 -3.20 19.39
C THR A 798 -53.09 -3.76 19.03
N ARG A 799 -54.13 -3.26 19.70
CA ARG A 799 -55.50 -3.63 19.39
C ARG A 799 -56.26 -2.54 18.64
N SER A 800 -55.67 -1.36 18.47
CA SER A 800 -56.36 -0.28 17.78
C SER A 800 -56.53 -0.59 16.31
N ASN A 801 -57.67 -0.19 15.75
CA ASN A 801 -57.98 -0.40 14.33
C ASN A 801 -58.33 0.96 13.73
N THR A 802 -57.39 1.55 13.01
CA THR A 802 -57.59 2.83 12.35
C THR A 802 -57.14 2.73 10.90
N SER A 803 -57.86 3.45 10.02
CA SER A 803 -57.55 3.45 8.60
C SER A 803 -58.15 4.71 7.99
N ALA A 804 -57.72 5.00 6.76
CA ALA A 804 -58.23 6.16 6.03
C ALA A 804 -59.47 5.78 5.23
N TYR A 805 -60.47 5.25 5.95
CA TYR A 805 -61.74 4.92 5.31
C TYR A 805 -62.45 6.16 4.82
N HIS A 806 -62.22 7.31 5.47
CA HIS A 806 -62.80 8.56 5.01
C HIS A 806 -62.22 8.98 3.66
N GLU A 807 -60.96 8.62 3.40
CA GLU A 807 -60.34 8.94 2.11
C GLU A 807 -60.83 8.04 1.01
N TYR A 808 -61.09 6.76 1.32
CA TYR A 808 -61.45 5.79 0.30
C TYR A 808 -62.89 5.94 -0.17
N GLN A 809 -63.77 6.51 0.66
CA GLN A 809 -65.13 6.76 0.21
C GLN A 809 -65.21 7.87 -0.82
N ARG A 810 -64.13 8.63 -1.01
CA ARG A 810 -64.07 9.63 -2.08
C ARG A 810 -63.93 8.99 -3.44
N TYR A 811 -63.70 7.67 -3.51
CA TYR A 811 -63.50 6.98 -4.77
C TYR A 811 -64.80 6.49 -5.39
N VAL A 812 -65.78 6.11 -4.58
CA VAL A 812 -67.04 5.57 -5.11
C VAL A 812 -67.72 6.64 -5.96
N PRO A 813 -68.21 6.31 -7.16
CA PRO A 813 -68.11 4.98 -7.78
C PRO A 813 -67.12 4.87 -8.92
N ASN A 814 -66.62 6.01 -9.42
CA ASN A 814 -65.74 6.03 -10.58
C ASN A 814 -64.27 6.21 -10.23
N GLY A 815 -63.93 6.28 -8.95
CA GLY A 815 -62.53 6.40 -8.58
C GLY A 815 -61.74 5.12 -8.67
N LEU A 816 -62.41 4.00 -8.90
CA LEU A 816 -61.75 2.71 -9.05
C LEU A 816 -61.66 2.41 -10.55
N GLY A 817 -60.46 2.04 -10.99
CA GLY A 817 -60.15 2.06 -12.41
C GLY A 817 -60.95 1.08 -13.25
N PHE A 818 -60.79 1.24 -14.56
CA PHE A 818 -61.44 0.40 -15.55
C PHE A 818 -60.38 -0.31 -16.39
N LYS A 819 -60.59 -1.60 -16.64
CA LYS A 819 -59.67 -2.36 -17.48
C LYS A 819 -60.43 -3.54 -18.08
N VAL A 820 -60.78 -3.42 -19.36
CA VAL A 820 -61.53 -4.48 -20.03
C VAL A 820 -60.65 -5.70 -20.24
N ARG A 821 -59.38 -5.50 -20.58
CA ARG A 821 -58.50 -6.61 -20.92
C ARG A 821 -58.29 -7.53 -19.72
N LYS A 822 -57.98 -8.78 -20.02
CA LYS A 822 -57.72 -9.76 -18.98
C LYS A 822 -56.50 -9.36 -18.16
N THR A 823 -56.55 -9.67 -16.86
CA THR A 823 -55.47 -9.35 -15.93
C THR A 823 -54.72 -10.62 -15.57
N ARG A 824 -53.39 -10.56 -15.65
CA ARG A 824 -52.53 -11.71 -15.40
C ARG A 824 -51.68 -11.43 -14.17
N GLU A 825 -51.89 -12.20 -13.11
CA GLU A 825 -51.13 -12.06 -11.88
C GLU A 825 -50.52 -13.41 -11.53
N PHE A 826 -49.36 -13.37 -10.87
CA PHE A 826 -48.56 -14.56 -10.63
C PHE A 826 -48.48 -14.86 -9.14
N ARG A 827 -48.47 -16.15 -8.81
CA ARG A 827 -48.32 -16.55 -7.42
C ARG A 827 -46.96 -16.16 -6.87
N TYR A 828 -45.90 -16.36 -7.65
CA TYR A 828 -44.53 -16.02 -7.25
C TYR A 828 -44.06 -14.89 -8.15
N MET A 829 -44.08 -13.67 -7.65
CA MET A 829 -43.65 -12.51 -8.43
C MET A 829 -42.13 -12.40 -8.35
N HIS A 830 -41.58 -11.32 -8.90
CA HIS A 830 -40.15 -11.15 -9.04
C HIS A 830 -39.65 -10.02 -8.16
N ARG A 831 -38.48 -10.23 -7.56
CA ARG A 831 -37.77 -9.20 -6.82
C ARG A 831 -36.29 -9.30 -7.13
N GLU A 832 -35.57 -8.20 -6.96
CA GLU A 832 -34.16 -8.19 -7.29
C GLU A 832 -33.36 -8.94 -6.22
N VAL A 833 -32.07 -9.13 -6.50
CA VAL A 833 -31.24 -9.97 -5.65
C VAL A 833 -31.11 -9.39 -4.25
N THR A 834 -30.87 -8.08 -4.15
CA THR A 834 -30.66 -7.47 -2.85
C THR A 834 -31.89 -7.61 -1.95
N PHE A 835 -33.09 -7.52 -2.53
CA PHE A 835 -34.29 -7.76 -1.75
C PHE A 835 -34.31 -9.17 -1.19
N ILE A 836 -33.93 -10.15 -2.01
CA ILE A 836 -33.87 -11.53 -1.53
C ILE A 836 -32.91 -11.63 -0.35
N HIS A 837 -31.71 -11.05 -0.49
CA HIS A 837 -30.70 -11.13 0.56
C HIS A 837 -31.20 -10.50 1.85
N LYS A 838 -31.84 -9.32 1.75
CA LYS A 838 -32.36 -8.68 2.94
C LYS A 838 -33.44 -9.54 3.60
N LEU A 839 -34.29 -10.18 2.80
CA LEU A 839 -35.33 -11.03 3.36
C LEU A 839 -34.73 -12.24 4.08
N MET A 840 -33.72 -12.88 3.49
CA MET A 840 -33.07 -14.01 4.17
C MET A 840 -32.43 -13.57 5.47
N MET A 841 -31.73 -12.44 5.45
CA MET A 841 -31.05 -11.98 6.65
C MET A 841 -32.06 -11.60 7.74
N TYR A 842 -33.18 -11.00 7.35
CA TYR A 842 -34.24 -10.71 8.33
C TYR A 842 -34.80 -12.00 8.92
N ALA A 843 -34.99 -13.03 8.09
CA ALA A 843 -35.47 -14.31 8.63
C ALA A 843 -34.47 -14.88 9.63
N LEU A 844 -33.17 -14.83 9.30
CA LEU A 844 -32.16 -15.35 10.20
C LEU A 844 -32.15 -14.59 11.53
N ILE A 845 -32.19 -13.25 11.45
CA ILE A 845 -32.16 -12.44 12.67
C ILE A 845 -33.42 -12.68 13.49
N ARG A 846 -34.56 -12.88 12.82
CA ARG A 846 -35.80 -13.15 13.54
C ARG A 846 -35.74 -14.48 14.27
N GLU A 847 -35.18 -15.51 13.63
CA GLU A 847 -35.01 -16.78 14.33
C GLU A 847 -34.09 -16.61 15.54
N GLN A 848 -32.97 -15.91 15.34
CA GLN A 848 -32.02 -15.69 16.44
C GLN A 848 -32.68 -14.95 17.60
N ILE A 849 -33.43 -13.89 17.30
CA ILE A 849 -34.04 -13.08 18.36
C ILE A 849 -35.14 -13.85 19.07
N SER A 850 -35.91 -14.66 18.33
CA SER A 850 -36.95 -15.44 18.97
C SER A 850 -36.36 -16.52 19.85
N LEU A 851 -35.15 -17.00 19.54
CA LEU A 851 -34.53 -18.02 20.37
C LEU A 851 -34.20 -17.50 21.77
N THR A 852 -33.83 -16.22 21.88
CA THR A 852 -33.47 -15.67 23.18
C THR A 852 -34.72 -15.41 24.03
N GLU A 853 -34.51 -14.85 25.21
CA GLU A 853 -35.60 -14.66 26.17
C GLU A 853 -35.22 -13.53 27.13
N ASN A 854 -36.23 -13.05 27.85
CA ASN A 854 -36.06 -12.03 28.90
C ASN A 854 -35.43 -10.76 28.34
N MET A 855 -36.16 -10.12 27.43
CA MET A 855 -35.65 -8.95 26.73
C MET A 855 -36.76 -7.91 26.64
N THR A 856 -36.36 -6.63 26.60
CA THR A 856 -37.32 -5.53 26.71
C THR A 856 -37.58 -4.79 25.41
N GLN A 857 -36.56 -4.56 24.58
CA GLN A 857 -36.76 -3.75 23.39
C GLN A 857 -35.70 -4.11 22.35
N VAL A 858 -35.95 -3.68 21.12
CA VAL A 858 -35.07 -3.93 19.98
C VAL A 858 -34.82 -2.57 19.32
N VAL A 859 -33.65 -1.99 19.58
CA VAL A 859 -33.30 -0.68 19.04
C VAL A 859 -32.69 -0.86 17.66
N SER A 860 -33.36 -0.31 16.65
CA SER A 860 -32.92 -0.45 15.26
C SER A 860 -32.21 0.84 14.85
N ILE A 861 -30.88 0.84 14.97
CA ILE A 861 -30.10 2.03 14.67
C ILE A 861 -30.13 2.33 13.18
N GLY A 862 -29.91 1.31 12.35
CA GLY A 862 -29.89 1.53 10.92
C GLY A 862 -31.25 1.54 10.25
N GLY A 863 -32.31 1.25 11.00
CA GLY A 863 -33.64 1.16 10.44
C GLY A 863 -34.15 2.47 9.86
N ARG A 864 -34.49 2.45 8.58
CA ARG A 864 -35.06 3.60 7.89
C ARG A 864 -36.40 3.19 7.29
N ASN A 865 -37.45 3.94 7.62
CA ASN A 865 -38.81 3.62 7.22
C ASN A 865 -39.24 2.24 7.68
N LEU A 866 -38.89 1.91 8.93
CA LEU A 866 -39.41 0.72 9.62
C LEU A 866 -39.14 -0.55 8.81
N ALA A 867 -37.94 -0.64 8.24
CA ALA A 867 -37.59 -1.79 7.41
C ALA A 867 -37.30 -3.03 8.23
N ASP A 868 -36.83 -2.89 9.46
CA ASP A 868 -36.42 -4.01 10.28
C ASP A 868 -37.54 -4.57 11.15
N ILE A 869 -38.76 -4.03 11.02
CA ILE A 869 -39.86 -4.45 11.87
C ILE A 869 -40.31 -5.88 11.61
N SER A 870 -39.80 -6.52 10.55
CA SER A 870 -40.20 -7.88 10.25
C SER A 870 -39.65 -8.91 11.22
N VAL A 871 -38.74 -8.51 12.13
CA VAL A 871 -38.11 -9.44 13.04
C VAL A 871 -38.58 -9.27 14.48
N VAL A 872 -39.03 -8.08 14.87
CA VAL A 872 -39.32 -7.81 16.28
C VAL A 872 -40.61 -8.51 16.68
N PRO A 873 -40.65 -9.22 17.80
CA PRO A 873 -41.91 -9.82 18.25
C PRO A 873 -42.93 -8.76 18.61
N LEU A 874 -44.20 -9.11 18.40
CA LEU A 874 -45.28 -8.15 18.60
C LEU A 874 -45.42 -7.72 20.05
N ASN A 875 -44.95 -8.52 20.99
CA ASN A 875 -45.12 -8.19 22.41
C ASN A 875 -44.17 -7.10 22.87
N MET A 876 -42.91 -7.12 22.42
CA MET A 876 -41.91 -6.21 22.96
C MET A 876 -41.74 -4.98 22.07
N LYS A 877 -41.15 -3.95 22.67
CA LYS A 877 -41.06 -2.63 22.05
C LYS A 877 -40.08 -2.65 20.88
N TYR A 878 -39.95 -1.51 20.21
CA TYR A 878 -39.08 -1.38 19.05
C TYR A 878 -38.78 0.10 18.84
N VAL A 879 -37.49 0.46 18.87
CA VAL A 879 -37.07 1.85 18.87
C VAL A 879 -36.15 2.11 17.69
N VAL A 880 -36.39 3.23 17.01
CA VAL A 880 -35.63 3.61 15.81
C VAL A 880 -34.85 4.87 16.12
N ILE A 881 -33.55 4.86 15.83
CA ILE A 881 -32.69 6.02 15.98
C ILE A 881 -32.07 6.28 14.61
N ASP A 882 -32.73 7.12 13.81
CA ASP A 882 -32.26 7.41 12.46
C ASP A 882 -32.40 8.91 12.22
N PRO A 883 -31.34 9.57 11.77
CA PRO A 883 -31.43 11.02 11.54
C PRO A 883 -32.39 11.41 10.43
N ALA A 884 -32.76 10.47 9.55
CA ALA A 884 -33.64 10.75 8.42
C ALA A 884 -34.79 9.75 8.44
N THR A 885 -35.87 10.13 9.12
CA THR A 885 -37.09 9.32 9.15
C THR A 885 -38.27 10.24 9.46
N ARG A 886 -39.42 9.91 8.90
CA ARG A 886 -40.61 10.73 9.09
C ARG A 886 -41.01 10.79 10.57
N ILE A 887 -41.52 11.95 10.98
CA ILE A 887 -42.00 12.17 12.33
C ILE A 887 -43.51 12.29 12.27
N GLU A 888 -44.21 11.39 12.96
CA GLU A 888 -45.65 11.52 13.16
C GLU A 888 -45.97 10.83 14.49
N THR A 889 -46.21 11.63 15.52
CA THR A 889 -46.19 11.12 16.89
C THR A 889 -47.41 10.26 17.19
N LEU A 890 -48.58 10.63 16.66
CA LEU A 890 -49.78 9.86 16.97
C LEU A 890 -49.73 8.47 16.32
N THR A 891 -49.41 8.42 15.03
CA THR A 891 -49.36 7.14 14.34
C THR A 891 -48.23 6.25 14.82
N GLN A 892 -47.26 6.80 15.54
CA GLN A 892 -46.24 5.99 16.19
C GLN A 892 -46.60 5.60 17.61
N GLU A 893 -47.46 6.37 18.27
CA GLU A 893 -48.00 5.93 19.55
C GLU A 893 -48.99 4.79 19.36
N LYS A 894 -49.79 4.84 18.29
CA LYS A 894 -50.84 3.84 18.09
C LYS A 894 -50.28 2.47 17.72
N LYS A 895 -48.97 2.35 17.44
CA LYS A 895 -48.38 1.06 17.11
C LYS A 895 -47.21 0.69 18.01
N ASN A 896 -47.01 1.42 19.11
CA ASN A 896 -45.99 1.09 20.11
C ASN A 896 -44.59 1.06 19.51
N ILE A 897 -44.25 2.13 18.80
CA ILE A 897 -42.89 2.35 18.33
C ILE A 897 -42.46 3.75 18.76
N GLU A 898 -41.16 3.92 18.90
CA GLU A 898 -40.58 5.21 19.27
C GLU A 898 -39.48 5.56 18.28
N VAL A 899 -39.42 6.82 17.89
CA VAL A 899 -38.48 7.30 16.88
C VAL A 899 -37.64 8.41 17.49
N GLN A 900 -36.33 8.34 17.27
CA GLN A 900 -35.39 9.38 17.68
C GLN A 900 -34.62 9.83 16.44
N SER A 901 -34.94 11.02 15.95
CA SER A 901 -34.33 11.53 14.72
C SER A 901 -32.93 12.10 14.94
N ARG A 902 -32.32 11.82 16.09
CA ARG A 902 -30.96 12.25 16.35
C ARG A 902 -29.97 11.20 15.86
N PRO A 903 -28.76 11.61 15.47
CA PRO A 903 -27.78 10.63 14.99
C PRO A 903 -27.27 9.75 16.12
N PHE A 904 -26.81 8.56 15.74
CA PHE A 904 -26.25 7.61 16.69
C PHE A 904 -24.75 7.88 16.82
N GLN A 905 -24.34 8.43 17.95
CA GLN A 905 -22.95 8.81 18.17
C GLN A 905 -22.15 7.60 18.62
N PHE A 906 -21.10 7.27 17.87
CA PHE A 906 -20.26 6.12 18.16
C PHE A 906 -19.12 6.48 19.13
N ASP A 907 -19.48 7.09 20.26
CA ASP A 907 -18.52 7.48 21.29
C ASP A 907 -18.86 6.71 22.56
N ALA A 908 -17.98 5.79 22.96
CA ALA A 908 -18.28 4.88 24.06
C ALA A 908 -18.58 5.61 25.36
N ALA A 909 -18.12 6.86 25.50
CA ALA A 909 -18.44 7.63 26.70
C ALA A 909 -19.88 8.13 26.67
N ASN A 910 -20.45 8.36 25.50
CA ASN A 910 -21.82 8.86 25.37
C ASN A 910 -22.76 7.84 24.75
N MET A 911 -22.31 6.60 24.56
CA MET A 911 -23.14 5.57 23.95
C MET A 911 -24.28 5.20 24.89
N ASP A 912 -25.52 5.27 24.38
CA ASP A 912 -26.71 5.06 25.19
C ASP A 912 -27.22 3.64 24.95
N LEU A 913 -26.61 2.69 25.65
CA LEU A 913 -26.99 1.29 25.56
C LEU A 913 -27.68 0.87 26.86
N GLU A 914 -28.94 0.46 26.74
CA GLU A 914 -29.68 -0.04 27.90
C GLU A 914 -29.14 -1.40 28.32
N ASN A 915 -29.27 -1.70 29.62
CA ASN A 915 -28.80 -2.97 30.15
C ASN A 915 -29.46 -4.15 29.46
N ASN A 916 -30.77 -4.06 29.22
CA ASN A 916 -31.56 -5.17 28.69
C ASN A 916 -32.19 -4.72 27.37
N SER A 917 -31.47 -4.91 26.27
CA SER A 917 -31.95 -4.47 24.97
C SER A 917 -31.25 -5.26 23.87
N ILE A 918 -31.71 -5.07 22.64
CA ILE A 918 -31.10 -5.62 21.44
C ILE A 918 -30.90 -4.47 20.46
N TYR A 919 -29.70 -4.37 19.90
CA TYR A 919 -29.33 -3.28 19.01
C TYR A 919 -29.00 -3.83 17.62
N LEU A 920 -29.59 -3.24 16.59
CA LEU A 920 -29.46 -3.72 15.23
C LEU A 920 -28.66 -2.71 14.40
N PHE A 921 -27.60 -3.21 13.76
CA PHE A 921 -26.74 -2.42 12.87
C PHE A 921 -26.73 -3.09 11.51
N ILE A 922 -27.70 -2.73 10.67
CA ILE A 922 -27.90 -3.36 9.37
C ILE A 922 -27.60 -2.32 8.30
N ALA A 923 -26.52 -2.57 7.54
CA ALA A 923 -26.14 -1.72 6.40
C ALA A 923 -26.01 -0.25 6.80
N VAL A 924 -25.62 0.00 8.05
CA VAL A 924 -25.48 1.35 8.56
C VAL A 924 -24.02 1.71 8.81
N ILE A 925 -23.22 0.74 9.26
CA ILE A 925 -21.80 0.98 9.51
C ILE A 925 -21.08 1.36 8.22
N MET A 926 -21.51 0.78 7.10
CA MET A 926 -20.80 0.85 5.84
C MET A 926 -20.92 2.19 5.15
N ASN A 927 -21.75 3.10 5.66
CA ASN A 927 -22.04 4.37 5.00
C ASN A 927 -22.05 5.47 6.05
N GLU A 928 -22.51 6.65 5.65
CA GLU A 928 -22.63 7.83 6.47
C GLU A 928 -24.05 8.36 6.33
N PRO A 929 -24.63 8.95 7.39
CA PRO A 929 -26.02 9.42 7.27
C PRO A 929 -26.21 10.54 6.25
N ASN A 930 -25.14 11.23 5.85
CA ASN A 930 -25.29 12.28 4.84
C ASN A 930 -25.23 11.74 3.42
N GLY A 931 -24.97 10.45 3.24
CA GLY A 931 -24.88 9.87 1.92
C GLY A 931 -23.48 9.54 1.45
N ALA A 932 -22.48 9.63 2.32
CA ALA A 932 -21.10 9.35 1.95
C ALA A 932 -20.70 7.95 2.38
N ALA A 933 -19.64 7.45 1.77
CA ALA A 933 -19.06 6.17 2.12
C ALA A 933 -18.00 6.36 3.20
N THR A 934 -17.73 5.28 3.94
CA THR A 934 -16.69 5.38 4.95
C THR A 934 -15.56 4.40 4.66
N PRO A 935 -14.33 4.74 5.02
CA PRO A 935 -13.22 3.81 4.82
C PRO A 935 -13.28 2.65 5.81
N ALA A 936 -12.48 1.63 5.53
CA ALA A 936 -12.53 0.40 6.33
C ALA A 936 -12.12 0.66 7.78
N ARG A 937 -11.12 1.52 7.99
CA ARG A 937 -10.69 1.80 9.36
C ARG A 937 -11.77 2.50 10.16
N MET A 938 -12.56 3.37 9.52
CA MET A 938 -13.67 4.01 10.22
C MET A 938 -14.72 2.97 10.63
N GLN A 939 -15.01 2.02 9.74
CA GLN A 939 -15.96 0.96 10.10
C GLN A 939 -15.43 0.11 11.25
N MET A 940 -14.15 -0.22 11.22
CA MET A 940 -13.56 -0.98 12.31
C MET A 940 -13.59 -0.20 13.62
N ASP A 941 -13.36 1.10 13.55
CA ASP A 941 -13.45 1.93 14.76
C ASP A 941 -14.88 1.96 15.30
N LYS A 942 -15.87 2.02 14.40
CA LYS A 942 -17.26 1.98 14.84
C LYS A 942 -17.57 0.66 15.52
N ILE A 943 -17.12 -0.45 14.94
CA ILE A 943 -17.35 -1.76 15.53
C ILE A 943 -16.68 -1.84 16.90
N ARG A 944 -15.45 -1.34 17.01
CA ARG A 944 -14.76 -1.35 18.28
C ARG A 944 -15.49 -0.51 19.32
N ASN A 945 -15.98 0.66 18.93
CA ASN A 945 -16.69 1.51 19.87
C ASN A 945 -17.95 0.84 20.38
N VAL A 946 -18.76 0.26 19.49
CA VAL A 946 -20.00 -0.37 19.93
C VAL A 946 -19.70 -1.60 20.77
N ALA A 947 -18.64 -2.33 20.45
CA ALA A 947 -18.28 -3.52 21.23
C ALA A 947 -17.84 -3.14 22.64
N THR A 948 -16.95 -2.15 22.75
CA THR A 948 -16.46 -1.74 24.07
C THR A 948 -17.57 -1.11 24.91
N ALA A 949 -18.36 -0.22 24.31
CA ALA A 949 -19.46 0.39 25.06
C ALA A 949 -20.55 -0.61 25.38
N MET A 950 -20.64 -1.71 24.62
CA MET A 950 -21.60 -2.76 24.95
C MET A 950 -21.14 -3.58 26.15
N LEU A 951 -19.87 -3.46 26.54
CA LEU A 951 -19.41 -4.04 27.80
C LEU A 951 -20.02 -3.29 28.98
N THR A 952 -19.75 -3.78 30.18
CA THR A 952 -20.36 -3.25 31.41
C THR A 952 -21.89 -3.25 31.30
N ARG A 953 -22.44 -4.33 30.74
CA ARG A 953 -23.87 -4.50 30.59
C ARG A 953 -24.24 -5.91 31.01
N THR A 954 -25.51 -6.11 31.35
CA THR A 954 -25.96 -7.40 31.87
C THR A 954 -26.44 -8.31 30.75
N ASN A 955 -27.48 -7.90 30.02
CA ASN A 955 -28.08 -8.71 28.95
C ASN A 955 -28.22 -7.84 27.71
N CYS A 956 -27.16 -7.76 26.90
CA CYS A 956 -27.16 -6.96 25.69
C CYS A 956 -26.77 -7.81 24.50
N VAL A 957 -27.41 -7.55 23.36
CA VAL A 957 -27.14 -8.25 22.11
C VAL A 957 -27.09 -7.23 20.99
N ALA A 958 -26.10 -7.35 20.11
CA ALA A 958 -25.94 -6.46 18.97
C ALA A 958 -25.66 -7.25 17.72
N TYR A 959 -26.25 -6.82 16.60
CA TYR A 959 -26.07 -7.47 15.31
C TYR A 959 -25.51 -6.46 14.31
N ILE A 960 -24.39 -6.82 13.68
CA ILE A 960 -23.71 -5.94 12.74
C ILE A 960 -23.46 -6.71 11.44
N SER A 961 -23.72 -6.07 10.31
CA SER A 961 -23.47 -6.66 9.01
C SER A 961 -22.51 -5.77 8.21
N PHE A 962 -21.68 -6.41 7.39
CA PHE A 962 -20.65 -5.72 6.64
C PHE A 962 -20.26 -6.58 5.45
N TYR A 963 -19.91 -5.92 4.33
CA TYR A 963 -19.36 -6.67 3.22
C TYR A 963 -17.95 -7.14 3.55
N GLU A 964 -17.59 -8.32 3.08
CA GLU A 964 -16.30 -8.92 3.34
C GLU A 964 -15.39 -8.74 2.13
N ALA A 965 -14.08 -8.82 2.37
CA ALA A 965 -13.09 -8.57 1.33
C ALA A 965 -12.94 -9.72 0.34
N GLY A 966 -13.47 -10.90 0.67
CA GLY A 966 -13.33 -12.02 -0.24
C GLY A 966 -14.21 -11.95 -1.47
N ILE A 967 -15.16 -11.01 -1.50
CA ILE A 967 -16.07 -10.91 -2.64
C ILE A 967 -15.47 -10.12 -3.78
N ILE A 968 -14.44 -9.31 -3.51
CA ILE A 968 -13.79 -8.56 -4.59
C ILE A 968 -13.03 -9.50 -5.51
N THR A 969 -12.40 -10.53 -4.94
CA THR A 969 -11.65 -11.48 -5.74
C THR A 969 -12.58 -12.27 -6.66
N ARG A 970 -13.77 -12.64 -6.18
CA ARG A 970 -14.67 -13.44 -6.99
C ARG A 970 -15.35 -12.62 -8.08
N LEU A 971 -15.69 -11.36 -7.80
CA LEU A 971 -16.42 -10.56 -8.77
C LEU A 971 -15.52 -10.04 -9.89
N ASP A 972 -14.25 -9.74 -9.60
CA ASP A 972 -13.37 -9.20 -10.64
C ASP A 972 -12.92 -10.26 -11.63
N GLN A 973 -13.20 -11.53 -11.38
CA GLN A 973 -12.96 -12.59 -12.35
C GLN A 973 -14.22 -13.01 -13.08
N SER A 974 -15.40 -12.71 -12.55
CA SER A 974 -16.66 -13.16 -13.09
C SER A 974 -17.22 -12.15 -14.08
N THR A 975 -18.30 -12.54 -14.76
CA THR A 975 -18.99 -11.66 -15.70
C THR A 975 -20.49 -11.62 -15.48
N ALA A 976 -21.00 -12.22 -14.40
CA ALA A 976 -22.41 -12.24 -14.09
C ALA A 976 -22.86 -11.00 -13.33
N HIS A 977 -21.97 -10.05 -13.09
CA HIS A 977 -22.29 -8.84 -12.33
C HIS A 977 -23.32 -8.01 -13.08
N LYS A 978 -24.56 -7.99 -12.57
CA LYS A 978 -25.64 -7.21 -13.16
C LYS A 978 -25.88 -5.90 -12.41
N THR A 979 -26.14 -6.00 -11.11
CA THR A 979 -26.32 -4.84 -10.24
C THR A 979 -25.26 -4.77 -9.15
N ILE A 980 -24.87 -5.91 -8.59
CA ILE A 980 -23.79 -5.96 -7.60
C ILE A 980 -22.47 -5.93 -8.37
N ARG A 981 -21.79 -4.79 -8.33
CA ARG A 981 -20.62 -4.54 -9.17
C ARG A 981 -19.47 -4.06 -8.31
N VAL A 982 -18.27 -4.13 -8.86
CA VAL A 982 -17.06 -3.67 -8.18
C VAL A 982 -16.53 -2.45 -8.93
N GLU A 983 -16.32 -1.36 -8.21
CA GLU A 983 -15.75 -0.14 -8.75
C GLU A 983 -14.54 0.26 -7.91
N GLU A 984 -13.39 0.39 -8.57
CA GLU A 984 -12.12 0.77 -7.96
C GLU A 984 -11.87 0.11 -6.60
N GLY A 985 -12.22 -1.18 -6.51
CA GLY A 985 -12.02 -1.93 -5.27
C GLY A 985 -13.11 -1.76 -4.25
N ARG A 986 -14.14 -0.96 -4.54
CA ARG A 986 -15.25 -0.74 -3.62
C ARG A 986 -16.51 -1.35 -4.20
N LEU A 987 -17.26 -2.06 -3.36
CA LEU A 987 -18.35 -2.91 -3.81
C LEU A 987 -19.56 -2.05 -4.16
N LYS A 988 -19.80 -1.84 -5.45
CA LYS A 988 -20.90 -1.02 -5.94
C LYS A 988 -22.17 -1.86 -5.94
N VAL A 989 -23.00 -1.69 -4.94
CA VAL A 989 -24.20 -2.51 -4.74
C VAL A 989 -25.44 -1.64 -4.88
N ALA A 990 -26.27 -1.95 -5.87
CA ALA A 990 -27.62 -1.40 -6.01
C ALA A 990 -27.61 0.13 -5.96
N ASN A 991 -26.90 0.72 -6.92
CA ASN A 991 -26.87 2.17 -7.15
C ASN A 991 -26.54 2.96 -5.87
N TYR A 992 -25.91 2.30 -4.90
CA TYR A 992 -25.42 3.00 -3.72
C TYR A 992 -23.98 3.43 -3.97
N VAL A 993 -23.49 4.34 -3.13
CA VAL A 993 -22.13 4.84 -3.29
C VAL A 993 -21.17 3.67 -3.09
N PRO A 994 -20.06 3.61 -3.82
CA PRO A 994 -19.15 2.46 -3.70
C PRO A 994 -18.48 2.47 -2.33
N VAL A 995 -18.60 1.36 -1.60
CA VAL A 995 -18.11 1.24 -0.24
C VAL A 995 -17.08 0.12 -0.19
N ASP A 996 -16.03 0.33 0.60
CA ASP A 996 -14.97 -0.65 0.71
C ASP A 996 -15.40 -1.78 1.66
N THR A 997 -14.58 -2.83 1.70
CA THR A 997 -14.88 -4.05 2.41
C THR A 997 -13.99 -4.19 3.65
N LEU A 998 -14.31 -5.20 4.46
CA LEU A 998 -13.58 -5.51 5.68
C LEU A 998 -13.04 -6.93 5.59
N VAL A 999 -11.96 -7.18 6.32
CA VAL A 999 -11.32 -8.48 6.35
C VAL A 999 -11.79 -9.22 7.61
N GLU A 1000 -12.25 -10.45 7.43
CA GLU A 1000 -12.83 -11.21 8.55
C GLU A 1000 -11.80 -11.44 9.64
N ALA A 1001 -10.55 -11.75 9.26
CA ALA A 1001 -9.52 -12.04 10.25
C ALA A 1001 -9.25 -10.83 11.14
N ASP A 1002 -9.22 -9.63 10.55
CA ASP A 1002 -8.95 -8.43 11.33
C ASP A 1002 -10.07 -8.16 12.34
N VAL A 1003 -11.32 -8.28 11.90
CA VAL A 1003 -12.44 -8.06 12.81
C VAL A 1003 -12.43 -9.10 13.92
N THR A 1004 -12.17 -10.35 13.58
CA THR A 1004 -12.14 -11.41 14.59
C THR A 1004 -11.03 -11.16 15.60
N LEU A 1005 -9.86 -10.74 15.13
CA LEU A 1005 -8.76 -10.44 16.05
C LEU A 1005 -9.09 -9.25 16.94
N MET A 1006 -9.73 -8.22 16.38
CA MET A 1006 -10.11 -7.06 17.18
C MET A 1006 -11.11 -7.44 18.27
N LEU A 1007 -12.11 -8.25 17.93
CA LEU A 1007 -13.09 -8.64 18.93
C LEU A 1007 -12.51 -9.64 19.92
N ARG A 1008 -11.52 -10.44 19.51
CA ARG A 1008 -10.81 -11.29 20.46
C ARG A 1008 -10.04 -10.44 21.47
N ASP A 1009 -9.37 -9.40 21.00
CA ASP A 1009 -8.60 -8.54 21.90
C ASP A 1009 -9.51 -7.76 22.83
N ILE A 1010 -10.66 -7.31 22.33
CA ILE A 1010 -11.58 -6.53 23.17
C ILE A 1010 -12.07 -7.36 24.34
N GLY A 1011 -12.43 -8.62 24.09
CA GLY A 1011 -12.80 -9.52 25.16
C GLY A 1011 -14.29 -9.74 25.31
N ILE A 1012 -14.99 -9.93 24.19
CA ILE A 1012 -16.42 -10.16 24.19
C ILE A 1012 -16.72 -11.38 23.33
N THR A 1013 -17.90 -11.95 23.54
CA THR A 1013 -18.30 -13.17 22.84
C THR A 1013 -18.83 -12.80 21.46
N HIS A 1014 -18.05 -13.08 20.42
CA HIS A 1014 -18.37 -12.74 19.06
C HIS A 1014 -18.79 -13.98 18.28
N GLU A 1015 -19.41 -13.76 17.13
CA GLU A 1015 -19.90 -14.86 16.30
C GLU A 1015 -20.23 -14.40 14.89
N ILE A 1016 -19.73 -15.11 13.89
CA ILE A 1016 -20.02 -14.84 12.49
C ILE A 1016 -21.10 -15.80 12.03
N ILE A 1017 -22.27 -15.26 11.69
CA ILE A 1017 -23.40 -16.07 11.24
C ILE A 1017 -23.86 -15.54 9.89
N ARG A 1018 -24.24 -16.46 9.00
CA ARG A 1018 -24.63 -16.13 7.65
C ARG A 1018 -25.97 -16.78 7.31
N PRO A 1019 -26.79 -16.14 6.49
CA PRO A 1019 -28.04 -16.75 6.06
C PRO A 1019 -27.78 -18.02 5.25
N SER A 1020 -28.69 -18.98 5.39
CA SER A 1020 -28.54 -20.28 4.76
C SER A 1020 -29.75 -20.65 3.91
N THR A 1021 -29.77 -21.88 3.40
CA THR A 1021 -30.85 -22.31 2.52
C THR A 1021 -32.23 -22.21 3.17
N PRO A 1022 -32.46 -22.68 4.40
CA PRO A 1022 -33.79 -22.55 4.99
C PRO A 1022 -34.26 -21.10 5.08
N GLU A 1023 -33.36 -20.15 5.31
CA GLU A 1023 -33.76 -18.76 5.31
C GLU A 1023 -34.21 -18.32 3.93
N LEU A 1024 -33.52 -18.77 2.89
CA LEU A 1024 -33.95 -18.47 1.52
C LEU A 1024 -35.34 -19.03 1.25
N ILE A 1025 -35.58 -20.27 1.66
CA ILE A 1025 -36.88 -20.89 1.44
C ILE A 1025 -37.96 -20.14 2.19
N ASP A 1026 -37.70 -19.79 3.45
CA ASP A 1026 -38.70 -19.10 4.26
C ASP A 1026 -39.03 -17.73 3.67
N ALA A 1027 -38.00 -17.01 3.21
CA ALA A 1027 -38.24 -15.70 2.58
C ALA A 1027 -39.06 -15.86 1.31
N CYS A 1028 -38.61 -16.73 0.40
CA CYS A 1028 -39.30 -16.91 -0.87
C CYS A 1028 -40.67 -17.56 -0.72
N SER A 1029 -41.00 -18.09 0.46
CA SER A 1029 -42.30 -18.68 0.69
C SER A 1029 -43.26 -17.71 1.37
N ASN A 1030 -42.84 -17.06 2.47
CA ASN A 1030 -43.68 -16.06 3.10
C ASN A 1030 -43.95 -14.89 2.18
N TYR A 1031 -42.91 -14.41 1.49
CA TYR A 1031 -43.08 -13.43 0.42
C TYR A 1031 -43.27 -14.20 -0.88
N GLY A 1032 -44.37 -13.92 -1.58
CA GLY A 1032 -44.63 -14.65 -2.81
C GLY A 1032 -43.70 -14.25 -3.94
N ILE A 1033 -42.41 -14.49 -3.76
CA ILE A 1033 -41.37 -14.03 -4.68
C ILE A 1033 -40.37 -15.15 -4.90
N ARG A 1034 -39.86 -15.24 -6.12
CA ARG A 1034 -38.95 -16.31 -6.49
C ARG A 1034 -37.68 -15.75 -7.11
N LEU A 1035 -36.62 -16.56 -7.07
CA LEU A 1035 -35.33 -16.15 -7.58
C LEU A 1035 -35.34 -16.02 -9.10
N GLY A 1036 -34.56 -15.07 -9.60
CA GLY A 1036 -34.42 -14.89 -11.03
C GLY A 1036 -33.35 -15.78 -11.63
N SER A 1037 -33.29 -15.77 -12.97
CA SER A 1037 -32.28 -16.55 -13.67
C SER A 1037 -30.89 -16.01 -13.38
N THR A 1038 -30.69 -14.71 -13.54
CA THR A 1038 -29.38 -14.11 -13.31
C THR A 1038 -29.08 -13.98 -11.82
N GLY A 1039 -30.11 -13.85 -10.98
CA GLY A 1039 -29.88 -13.67 -9.56
C GLY A 1039 -29.48 -14.94 -8.84
N GLY A 1040 -29.78 -16.10 -9.40
CA GLY A 1040 -29.45 -17.35 -8.73
C GLY A 1040 -27.95 -17.58 -8.62
N ALA A 1041 -27.20 -17.21 -9.66
CA ALA A 1041 -25.77 -17.43 -9.65
C ALA A 1041 -25.07 -16.55 -8.63
N VAL A 1042 -25.48 -15.28 -8.53
CA VAL A 1042 -24.78 -14.33 -7.67
C VAL A 1042 -25.21 -14.46 -6.21
N LEU A 1043 -26.35 -15.08 -5.93
CA LEU A 1043 -26.86 -15.13 -4.55
C LEU A 1043 -25.99 -16.01 -3.66
N ASP A 1044 -25.39 -17.06 -4.21
CA ASP A 1044 -24.54 -17.93 -3.41
C ASP A 1044 -23.36 -17.15 -2.83
N VAL A 1045 -22.65 -16.42 -3.68
CA VAL A 1045 -21.46 -15.70 -3.24
C VAL A 1045 -21.84 -14.51 -2.37
N PHE A 1046 -22.90 -13.79 -2.74
CA PHE A 1046 -23.24 -12.55 -2.05
C PHE A 1046 -23.56 -12.80 -0.57
N ASN A 1047 -24.29 -13.87 -0.28
CA ASN A 1047 -24.68 -14.13 1.11
C ASN A 1047 -23.47 -14.48 1.97
N HIS A 1048 -22.53 -15.25 1.43
CA HIS A 1048 -21.38 -15.66 2.23
C HIS A 1048 -20.46 -14.50 2.57
N TYR A 1049 -20.50 -13.41 1.80
CA TYR A 1049 -19.59 -12.29 2.01
C TYR A 1049 -20.32 -11.04 2.48
N SER A 1050 -21.46 -11.23 3.14
CA SER A 1050 -22.11 -10.19 3.92
C SER A 1050 -22.53 -10.79 5.26
N PRO A 1051 -21.57 -11.16 6.09
CA PRO A 1051 -21.88 -11.90 7.31
C PRO A 1051 -22.43 -10.98 8.40
N VAL A 1052 -22.96 -11.62 9.45
CA VAL A 1052 -23.60 -10.94 10.57
C VAL A 1052 -22.83 -11.26 11.83
N ILE A 1053 -22.53 -10.23 12.63
CA ILE A 1053 -21.81 -10.39 13.89
C ILE A 1053 -22.81 -10.42 15.03
N LYS A 1054 -22.66 -11.37 15.94
CA LYS A 1054 -23.55 -11.54 17.08
C LYS A 1054 -22.75 -11.28 18.35
N LEU A 1055 -22.84 -10.05 18.87
CA LEU A 1055 -22.15 -9.65 20.09
C LEU A 1055 -23.12 -9.76 21.25
N VAL A 1056 -22.90 -10.74 22.13
CA VAL A 1056 -23.82 -11.02 23.23
C VAL A 1056 -23.06 -10.99 24.54
N ARG A 1057 -23.83 -10.93 25.63
CA ARG A 1057 -23.29 -10.99 26.97
C ARG A 1057 -23.99 -12.08 27.79
N MET B 1 67.37 -28.27 -7.07
CA MET B 1 66.30 -28.34 -6.07
C MET B 1 66.87 -28.68 -4.70
N TRP B 2 67.90 -29.53 -4.69
CA TRP B 2 68.58 -29.92 -3.45
C TRP B 2 70.02 -29.42 -3.41
N HIS B 3 70.85 -29.79 -4.38
CA HIS B 3 72.25 -29.43 -4.35
C HIS B 3 72.46 -27.98 -4.82
N TYR B 4 73.69 -27.51 -4.65
CA TYR B 4 74.04 -26.15 -5.03
C TYR B 4 74.49 -26.10 -6.48
N THR B 5 74.10 -25.03 -7.17
CA THR B 5 74.57 -24.74 -8.52
C THR B 5 75.02 -23.28 -8.57
N SER B 6 76.23 -23.06 -9.05
CA SER B 6 76.78 -21.70 -9.08
C SER B 6 77.86 -21.61 -10.14
N ILE B 7 78.14 -20.38 -10.56
CA ILE B 7 79.24 -20.08 -11.47
C ILE B 7 80.27 -19.27 -10.69
N ASN B 8 81.50 -19.75 -10.65
CA ASN B 8 82.57 -19.14 -9.88
C ASN B 8 83.55 -18.45 -10.81
N ASN B 9 83.74 -17.16 -10.62
CA ASN B 9 84.72 -16.39 -11.37
C ASN B 9 85.55 -15.53 -10.43
N ASP B 10 86.77 -15.24 -10.84
CA ASP B 10 87.67 -14.42 -10.05
C ASP B 10 87.29 -12.96 -10.27
N THR B 11 86.67 -12.34 -9.26
CA THR B 11 86.23 -10.96 -9.40
C THR B 11 87.41 -10.02 -9.61
N ARG B 12 88.50 -10.23 -8.89
CA ARG B 12 89.68 -9.38 -9.07
C ARG B 12 90.30 -9.56 -10.45
N VAL B 13 90.53 -10.82 -10.85
CA VAL B 13 91.19 -11.07 -12.13
C VAL B 13 90.34 -10.53 -13.28
N ALA B 14 89.03 -10.74 -13.22
CA ALA B 14 88.15 -10.25 -14.28
C ALA B 14 88.11 -8.73 -14.35
N LEU B 15 88.62 -8.03 -13.34
CA LEU B 15 88.58 -6.58 -13.30
C LEU B 15 89.89 -5.94 -13.76
N ASP B 16 90.87 -6.73 -14.17
CA ASP B 16 92.13 -6.20 -14.67
C ASP B 16 91.94 -5.64 -16.07
N PRO B 17 92.19 -4.36 -16.30
CA PRO B 17 92.05 -3.81 -17.65
C PRO B 17 93.13 -4.34 -18.58
N LYS B 18 92.81 -4.39 -19.87
CA LYS B 18 93.79 -4.77 -20.86
C LYS B 18 94.86 -3.70 -20.98
N PRO B 19 96.10 -4.07 -21.36
CA PRO B 19 97.18 -3.07 -21.40
C PRO B 19 96.90 -1.92 -22.34
N ASN B 20 96.22 -2.16 -23.45
CA ASN B 20 95.99 -1.10 -24.44
C ASN B 20 95.07 -0.01 -23.91
N GLN B 21 94.23 -0.31 -22.93
CA GLN B 21 93.19 0.61 -22.47
C GLN B 21 93.58 1.36 -21.21
N ILE B 22 94.80 1.18 -20.69
CA ILE B 22 95.19 1.86 -19.47
C ILE B 22 95.20 3.37 -19.68
N ARG B 23 95.62 3.83 -20.85
CA ARG B 23 95.50 5.25 -21.18
C ARG B 23 94.05 5.71 -21.15
N THR B 24 93.13 4.83 -21.52
CA THR B 24 91.72 5.19 -21.57
C THR B 24 91.07 5.20 -20.19
N ILE B 25 91.53 4.35 -19.27
CA ILE B 25 90.82 4.13 -18.00
C ILE B 25 90.67 5.44 -17.24
N THR B 26 91.70 6.28 -17.23
CA THR B 26 91.60 7.56 -16.55
C THR B 26 90.54 8.45 -17.18
N LYS B 27 90.23 8.25 -18.47
CA LYS B 27 89.23 9.02 -19.19
C LYS B 27 89.39 10.52 -18.97
N PRO B 28 90.49 11.12 -19.44
CA PRO B 28 90.69 12.56 -19.25
C PRO B 28 89.88 13.43 -20.19
N ASN B 29 88.98 12.83 -20.98
CA ASN B 29 88.16 13.57 -21.95
C ASN B 29 86.79 13.90 -21.38
N THR B 30 86.05 12.89 -20.93
CA THR B 30 84.70 13.09 -20.41
C THR B 30 84.72 13.26 -18.90
N VAL B 31 83.87 14.16 -18.40
CA VAL B 31 83.76 14.43 -16.97
C VAL B 31 83.13 13.23 -16.28
N PRO B 32 83.39 13.03 -14.99
CA PRO B 32 82.74 11.93 -14.26
C PRO B 32 81.24 12.12 -14.16
N GLN B 33 80.52 11.01 -14.06
CA GLN B 33 79.09 11.00 -13.82
C GLN B 33 78.81 10.17 -12.57
N LEU B 34 77.86 10.64 -11.75
CA LEU B 34 77.58 9.96 -10.50
C LEU B 34 77.07 8.54 -10.71
N GLY B 35 76.48 8.25 -11.87
CA GLY B 35 75.92 6.92 -12.09
C GLY B 35 76.99 5.84 -12.11
N THR B 36 78.07 6.05 -12.86
CA THR B 36 79.01 4.98 -13.17
C THR B 36 80.46 5.37 -12.93
N ASP B 37 80.72 6.40 -12.13
CA ASP B 37 82.09 6.83 -11.90
C ASP B 37 82.42 6.95 -10.42
N TYR B 38 81.42 7.26 -9.60
CA TYR B 38 81.62 7.38 -8.17
C TYR B 38 80.29 7.22 -7.47
N LEU B 39 80.35 7.02 -6.16
CA LEU B 39 79.16 6.97 -5.32
C LEU B 39 79.33 7.96 -4.18
N TYR B 40 78.42 8.93 -4.10
CA TYR B 40 78.49 9.96 -3.07
C TYR B 40 77.24 9.90 -2.20
N THR B 41 77.44 9.91 -0.88
CA THR B 41 76.35 9.98 0.07
C THR B 41 76.76 10.89 1.22
N PHE B 42 75.77 11.54 1.82
CA PHE B 42 75.99 12.43 2.95
C PHE B 42 75.05 12.04 4.07
N ASN B 43 75.55 12.06 5.29
CA ASN B 43 74.79 11.70 6.48
C ASN B 43 74.57 12.96 7.30
N SER B 44 73.30 13.39 7.42
CA SER B 44 73.01 14.63 8.12
C SER B 44 73.27 14.50 9.62
N GLN B 45 72.77 13.43 10.25
CA GLN B 45 72.92 13.28 11.69
C GLN B 45 74.33 12.84 12.08
N ARG B 46 75.01 12.10 11.23
CA ARG B 46 76.38 11.67 11.50
C ARG B 46 77.41 12.65 10.99
N ARG B 47 76.98 13.79 10.45
CA ARG B 47 77.84 14.87 9.93
C ARG B 47 79.04 14.30 9.18
N SER B 48 78.82 13.27 8.36
CA SER B 48 79.90 12.51 7.74
C SER B 48 79.72 12.47 6.23
N HIS B 49 80.85 12.42 5.53
CA HIS B 49 80.88 12.32 4.07
C HIS B 49 81.50 10.99 3.69
N THR B 50 80.87 10.28 2.75
CA THR B 50 81.38 9.02 2.24
C THR B 50 81.37 9.06 0.72
N LEU B 51 82.53 8.78 0.11
CA LEU B 51 82.68 8.80 -1.34
C LEU B 51 83.45 7.56 -1.75
N ARG B 52 82.86 6.75 -2.63
CA ARG B 52 83.47 5.52 -3.12
C ARG B 52 83.64 5.62 -4.63
N LEU B 53 84.86 5.40 -5.11
CA LEU B 53 85.12 5.36 -6.54
C LEU B 53 84.63 4.05 -7.12
N LEU B 54 84.29 4.09 -8.41
CA LEU B 54 83.77 2.92 -9.12
C LEU B 54 84.85 2.32 -10.01
N GLY B 55 84.50 1.20 -10.63
CA GLY B 55 85.46 0.33 -11.27
C GLY B 55 86.29 0.98 -12.36
N PRO B 56 87.55 0.56 -12.48
CA PRO B 56 88.17 -0.41 -11.59
C PRO B 56 88.93 0.26 -10.45
N PHE B 57 88.35 1.33 -9.91
CA PHE B 57 88.97 2.10 -8.84
C PHE B 57 88.48 1.70 -7.45
N GLN B 58 87.85 0.54 -7.30
CA GLN B 58 87.52 0.06 -5.96
C GLN B 58 88.77 -0.13 -5.13
N TYR B 59 89.81 -0.69 -5.71
CA TYR B 59 91.03 -1.07 -5.01
C TYR B 59 92.14 -0.13 -5.49
N PHE B 60 92.30 0.99 -4.79
CA PHE B 60 93.24 2.03 -5.18
C PHE B 60 94.07 2.43 -3.97
N ASN B 61 95.35 2.66 -4.19
CA ASN B 61 96.27 3.16 -3.18
C ASN B 61 96.72 4.56 -3.60
N PHE B 62 96.67 5.50 -2.66
CA PHE B 62 96.92 6.91 -2.95
C PHE B 62 98.32 7.31 -2.53
N SER B 63 98.99 8.06 -3.39
CA SER B 63 100.29 8.64 -3.05
C SER B 63 100.10 9.90 -2.19
N GLU B 64 101.21 10.42 -1.67
CA GLU B 64 101.14 11.59 -0.81
C GLU B 64 100.63 12.80 -1.57
N THR B 65 101.07 12.98 -2.82
CA THR B 65 100.58 14.10 -3.62
C THR B 65 99.08 13.98 -3.89
N ASP B 66 98.56 12.75 -3.94
CA ASP B 66 97.13 12.56 -4.14
C ASP B 66 96.33 13.10 -2.96
N ARG B 67 96.81 12.85 -1.73
CA ARG B 67 96.08 13.28 -0.54
C ARG B 67 96.16 14.77 -0.32
N GLY B 68 97.16 15.45 -0.88
CA GLY B 68 97.24 16.90 -0.79
C GLY B 68 96.39 17.65 -1.79
N HIS B 69 95.74 16.94 -2.71
CA HIS B 69 94.88 17.57 -3.70
C HIS B 69 93.68 18.22 -3.01
N PRO B 70 93.15 19.31 -3.59
CA PRO B 70 91.98 19.96 -2.96
C PRO B 70 90.75 19.08 -2.85
N LEU B 71 90.65 18.02 -3.64
CA LEU B 71 89.47 17.15 -3.57
C LEU B 71 89.32 16.54 -2.18
N PHE B 72 90.42 16.07 -1.59
CA PHE B 72 90.35 15.41 -0.30
C PHE B 72 90.20 16.39 0.87
N ARG B 73 90.42 17.68 0.65
CA ARG B 73 90.19 18.69 1.67
C ARG B 73 88.75 19.16 1.73
N LEU B 74 87.89 18.65 0.85
CA LEU B 74 86.50 19.09 0.81
C LEU B 74 85.72 18.80 2.09
N PRO B 75 85.77 17.58 2.67
CA PRO B 75 84.91 17.32 3.84
C PRO B 75 85.19 18.23 5.03
N LEU B 76 86.40 18.78 5.14
CA LEU B 76 86.68 19.77 6.17
C LEU B 76 86.32 21.19 5.73
N LYS B 77 85.94 21.37 4.46
CA LYS B 77 85.52 22.67 3.94
C LYS B 77 84.03 22.88 4.07
N TYR B 78 83.23 21.81 3.94
CA TYR B 78 81.78 21.87 4.12
C TYR B 78 81.38 20.81 5.14
N PRO B 79 81.67 21.04 6.42
CA PRO B 79 81.40 20.02 7.44
C PRO B 79 79.95 19.94 7.91
N SER B 80 79.05 20.76 7.36
CA SER B 80 77.66 20.77 7.79
C SER B 80 76.70 20.27 6.73
N LYS B 81 76.85 20.72 5.49
CA LYS B 81 75.95 20.34 4.41
C LYS B 81 76.71 19.59 3.33
N ALA B 82 75.98 18.84 2.52
CA ALA B 82 76.58 18.00 1.50
C ALA B 82 77.33 18.84 0.48
N ILE B 83 78.40 18.27 -0.04
CA ILE B 83 79.22 18.96 -1.05
C ILE B 83 78.41 19.13 -2.33
N PRO B 84 78.36 20.33 -2.91
CA PRO B 84 77.64 20.50 -4.18
C PRO B 84 78.16 19.57 -5.24
N ALA B 85 77.23 19.00 -6.02
CA ALA B 85 77.61 18.00 -7.02
C ALA B 85 78.51 18.59 -8.10
N ASP B 86 78.18 19.78 -8.57
CA ASP B 86 78.99 20.41 -9.62
C ASP B 86 80.36 20.79 -9.09
N GLU B 87 80.43 21.24 -7.83
CA GLU B 87 81.72 21.44 -7.17
C GLU B 87 82.48 20.12 -7.04
N LEU B 88 81.76 19.04 -6.74
CA LEU B 88 82.40 17.74 -6.57
C LEU B 88 83.05 17.27 -7.87
N ILE B 89 82.36 17.45 -9.00
CA ILE B 89 82.92 17.02 -10.28
C ILE B 89 84.19 17.78 -10.61
N ASP B 90 84.20 19.10 -10.37
CA ASP B 90 85.34 19.92 -10.73
C ASP B 90 86.60 19.49 -10.00
N ASN B 91 86.48 19.17 -8.70
CA ASN B 91 87.64 18.67 -7.97
C ASN B 91 87.99 17.26 -8.38
N LEU B 92 86.98 16.43 -8.65
CA LEU B 92 87.25 15.04 -9.01
C LEU B 92 87.82 14.93 -10.42
N HIS B 93 87.27 15.67 -11.37
CA HIS B 93 87.74 15.57 -12.75
C HIS B 93 89.18 16.05 -12.88
N SER B 94 89.60 17.01 -12.06
CA SER B 94 90.99 17.43 -12.07
C SER B 94 91.90 16.34 -11.51
N TRP B 95 91.41 15.55 -10.56
CA TRP B 95 92.22 14.46 -10.02
C TRP B 95 92.34 13.32 -11.02
N MET B 96 91.29 13.05 -11.80
CA MET B 96 91.40 12.07 -12.88
C MET B 96 92.37 12.52 -13.96
N ARG B 97 92.65 13.83 -14.05
CA ARG B 97 93.60 14.36 -15.01
C ARG B 97 95.04 14.26 -14.53
N SER B 98 95.27 13.72 -13.33
CA SER B 98 96.60 13.64 -12.76
C SER B 98 97.06 12.22 -12.43
N VAL B 99 96.37 11.20 -12.92
CA VAL B 99 96.71 9.82 -12.62
C VAL B 99 97.31 9.17 -13.86
N HIS B 100 98.56 8.71 -13.74
CA HIS B 100 99.25 8.00 -14.80
C HIS B 100 99.82 6.72 -14.23
N LEU B 101 99.61 5.60 -14.92
CA LEU B 101 100.15 4.31 -14.52
C LEU B 101 101.08 3.82 -15.63
N LEU B 102 102.29 3.43 -15.25
CA LEU B 102 103.29 3.01 -16.22
C LEU B 102 102.90 1.69 -16.86
N HIS B 103 103.07 1.62 -18.18
CA HIS B 103 102.67 0.42 -18.93
C HIS B 103 103.32 0.47 -20.31
N VAL B 104 103.27 -0.67 -20.99
CA VAL B 104 103.65 -0.77 -22.39
C VAL B 104 102.47 -1.37 -23.16
N ARG B 105 102.17 -0.80 -24.33
CA ARG B 105 101.02 -1.21 -25.10
C ARG B 105 101.43 -2.28 -26.13
N SER B 106 100.68 -3.37 -26.17
CA SER B 106 100.96 -4.48 -27.06
C SER B 106 99.67 -4.99 -27.68
N GLU B 107 99.80 -5.61 -28.85
CA GLU B 107 98.65 -6.15 -29.57
C GLU B 107 98.35 -7.60 -29.23
N ASP B 108 99.11 -8.20 -28.32
CA ASP B 108 98.79 -9.53 -27.84
C ASP B 108 97.47 -9.48 -27.09
N ASN B 109 96.50 -10.28 -27.54
CA ASN B 109 95.16 -10.26 -26.95
C ASN B 109 95.06 -11.12 -25.69
N THR B 110 96.07 -11.90 -25.38
CA THR B 110 96.07 -12.75 -24.19
C THR B 110 96.60 -12.03 -22.95
N LEU B 111 97.12 -10.82 -23.10
CA LEU B 111 97.77 -10.12 -22.00
C LEU B 111 96.75 -9.31 -21.19
N ARG B 112 97.11 -9.04 -19.94
CA ARG B 112 96.29 -8.26 -19.04
C ARG B 112 97.20 -7.45 -18.13
N TYR B 113 96.71 -6.32 -17.65
CA TYR B 113 97.52 -5.40 -16.86
C TYR B 113 97.34 -5.69 -15.38
N ASN B 114 98.46 -5.88 -14.68
CA ASN B 114 98.43 -6.12 -13.25
C ASN B 114 98.07 -4.83 -12.52
N TRP B 115 96.78 -4.65 -12.22
CA TRP B 115 96.32 -3.36 -11.71
C TRP B 115 96.90 -3.04 -10.34
N MET B 116 96.93 -4.01 -9.44
CA MET B 116 97.27 -3.71 -8.05
C MET B 116 98.73 -3.27 -7.91
N LEU B 117 99.66 -4.04 -8.47
CA LEU B 117 101.06 -3.62 -8.40
C LEU B 117 101.36 -2.45 -9.33
N GLY B 118 100.49 -2.16 -10.29
CA GLY B 118 100.64 -0.95 -11.07
C GLY B 118 100.37 0.29 -10.24
N VAL B 119 99.38 0.23 -9.35
CA VAL B 119 99.05 1.36 -8.50
C VAL B 119 99.71 1.29 -7.13
N TYR B 120 100.12 0.10 -6.67
CA TYR B 120 100.86 0.01 -5.42
C TYR B 120 102.20 0.71 -5.53
N ALA B 121 102.90 0.51 -6.65
CA ALA B 121 104.17 1.20 -6.84
C ALA B 121 103.97 2.71 -6.98
N ARG B 122 102.93 3.12 -7.71
CA ARG B 122 102.71 4.55 -7.90
C ARG B 122 102.40 5.24 -6.58
N SER B 123 101.65 4.59 -5.70
CA SER B 123 101.32 5.20 -4.41
C SER B 123 102.59 5.43 -3.59
N THR B 124 103.53 4.49 -3.62
CA THR B 124 104.81 4.68 -2.99
C THR B 124 105.77 5.50 -3.85
N ASN B 125 105.29 5.99 -5.00
CA ASN B 125 106.07 6.84 -5.90
C ASN B 125 107.36 6.14 -6.34
N TYR B 126 107.24 4.84 -6.63
CA TYR B 126 108.31 4.05 -7.24
C TYR B 126 109.61 4.09 -6.43
N THR B 127 109.47 3.97 -5.10
CA THR B 127 110.66 3.91 -4.25
C THR B 127 110.88 2.54 -3.64
N THR B 128 109.84 1.73 -3.48
CA THR B 128 109.98 0.38 -2.97
C THR B 128 110.66 -0.50 -4.01
N PRO B 129 111.32 -1.58 -3.58
CA PRO B 129 111.97 -2.48 -4.56
C PRO B 129 111.04 -2.95 -5.67
N VAL B 130 109.77 -3.19 -5.36
CA VAL B 130 108.80 -3.50 -6.40
C VAL B 130 108.63 -2.31 -7.34
N GLY B 131 108.57 -1.11 -6.77
CA GLY B 131 108.43 0.08 -7.61
C GLY B 131 109.64 0.32 -8.49
N GLN B 132 110.84 0.12 -7.96
CA GLN B 132 112.05 0.25 -8.76
C GLN B 132 112.13 -0.79 -9.86
N LEU B 133 111.33 -1.85 -9.78
CA LEU B 133 111.19 -2.81 -10.87
C LEU B 133 110.16 -2.36 -11.89
N VAL B 134 109.01 -1.85 -11.43
CA VAL B 134 107.96 -1.41 -12.34
C VAL B 134 108.43 -0.23 -13.17
N VAL B 135 109.11 0.72 -12.54
CA VAL B 135 109.53 1.93 -13.26
C VAL B 135 110.55 1.60 -14.34
N ASN B 136 111.42 0.61 -14.07
CA ASN B 136 112.46 0.27 -15.03
C ASN B 136 111.97 -0.69 -16.10
N ALA B 137 111.08 -1.62 -15.73
CA ALA B 137 110.53 -2.61 -16.65
C ALA B 137 109.02 -2.62 -16.52
N PRO B 138 108.32 -1.68 -17.16
CA PRO B 138 106.85 -1.67 -17.09
C PRO B 138 106.19 -2.83 -17.81
N ALA B 139 106.95 -3.62 -18.58
CA ALA B 139 106.40 -4.76 -19.28
C ALA B 139 106.17 -5.96 -18.37
N ILE B 140 106.59 -5.87 -17.10
CA ILE B 140 106.38 -6.97 -16.15
C ILE B 140 104.97 -6.98 -15.59
N LEU B 141 104.20 -5.91 -15.78
CA LEU B 141 102.82 -5.87 -15.32
C LEU B 141 101.83 -6.50 -16.29
N ASN B 142 102.26 -6.78 -17.52
CA ASN B 142 101.43 -7.47 -18.50
C ASN B 142 101.60 -8.96 -18.31
N TYR B 143 100.50 -9.67 -18.08
CA TYR B 143 100.53 -11.10 -17.80
C TYR B 143 99.46 -11.80 -18.63
N SER B 144 99.69 -13.09 -18.87
CA SER B 144 98.70 -13.96 -19.47
C SER B 144 98.13 -14.96 -18.48
N ASN B 145 98.99 -15.70 -17.79
CA ASN B 145 98.57 -16.56 -16.69
C ASN B 145 98.44 -15.71 -15.44
N PRO B 146 97.26 -15.65 -14.80
CA PRO B 146 97.10 -14.75 -13.66
C PRO B 146 98.06 -15.03 -12.51
N GLN B 147 98.41 -16.29 -12.30
CA GLN B 147 99.33 -16.62 -11.22
C GLN B 147 100.72 -16.08 -11.48
N ASP B 148 101.18 -16.12 -12.74
CA ASP B 148 102.52 -15.68 -13.09
C ASP B 148 102.66 -14.16 -13.10
N ALA B 149 101.57 -13.42 -12.92
CA ALA B 149 101.68 -11.98 -12.74
C ALA B 149 102.50 -11.64 -11.51
N PHE B 150 102.50 -12.51 -10.51
CA PHE B 150 103.26 -12.31 -9.29
C PHE B 150 104.52 -13.15 -9.22
N ASN B 151 104.55 -14.30 -9.89
CA ASN B 151 105.75 -15.14 -9.85
C ASN B 151 106.92 -14.44 -10.53
N SER B 152 106.66 -13.70 -11.60
CA SER B 152 107.72 -12.97 -12.29
C SER B 152 108.29 -11.83 -11.46
N VAL B 153 107.61 -11.42 -10.39
CA VAL B 153 108.10 -10.34 -9.54
C VAL B 153 108.93 -10.86 -8.38
N PHE B 154 108.50 -11.98 -7.77
CA PHE B 154 109.32 -12.59 -6.72
C PHE B 154 110.62 -13.14 -7.29
N VAL B 155 110.57 -13.73 -8.48
CA VAL B 155 111.77 -14.26 -9.11
C VAL B 155 112.74 -13.13 -9.43
N ALA B 156 112.23 -12.03 -10.00
CA ALA B 156 113.09 -10.91 -10.35
C ALA B 156 113.72 -10.28 -9.11
N LEU B 157 112.92 -10.08 -8.06
CA LEU B 157 113.44 -9.49 -6.84
C LEU B 157 114.16 -10.49 -5.93
N GLY B 158 113.96 -11.79 -6.16
CA GLY B 158 114.61 -12.80 -5.35
C GLY B 158 114.23 -12.74 -3.89
N ILE B 159 112.93 -12.56 -3.62
CA ILE B 159 112.43 -12.47 -2.26
C ILE B 159 111.36 -13.53 -2.04
N ASP B 160 110.77 -13.56 -0.84
CA ASP B 160 109.82 -14.58 -0.46
C ASP B 160 108.38 -14.11 -0.44
N TYR B 161 108.14 -12.82 -0.24
CA TYR B 161 106.78 -12.28 -0.23
C TYR B 161 106.87 -10.76 -0.36
N ILE B 162 105.73 -10.15 -0.69
CA ILE B 162 105.57 -8.70 -0.62
C ILE B 162 104.26 -8.41 0.10
N ASP B 163 104.33 -7.56 1.11
CA ASP B 163 103.15 -7.18 1.87
C ASP B 163 102.60 -5.86 1.31
N ILE B 164 101.35 -5.89 0.88
CA ILE B 164 100.69 -4.77 0.20
C ILE B 164 99.70 -4.16 1.18
N PRO B 165 99.82 -2.88 1.51
CA PRO B 165 98.82 -2.24 2.38
C PRO B 165 97.47 -2.16 1.70
N ILE B 166 96.42 -2.17 2.52
CA ILE B 166 95.06 -2.04 2.02
C ILE B 166 94.56 -0.64 2.36
N THR B 167 93.60 -0.18 1.57
CA THR B 167 92.99 1.13 1.76
C THR B 167 91.48 0.98 1.84
N ASN B 168 90.86 1.85 2.65
CA ASN B 168 89.42 1.82 2.80
C ASN B 168 88.73 2.25 1.50
N SER B 169 87.53 1.70 1.28
CA SER B 169 86.75 2.09 0.11
C SER B 169 86.37 3.56 0.15
N ASN B 170 85.98 4.06 1.32
CA ASN B 170 85.69 5.48 1.51
C ASN B 170 86.99 6.26 1.39
N ILE B 171 87.16 6.98 0.27
CA ILE B 171 88.43 7.62 -0.01
C ILE B 171 88.69 8.85 0.86
N PHE B 172 87.64 9.52 1.34
CA PHE B 172 87.86 10.63 2.26
C PHE B 172 88.51 10.18 3.57
N ASP B 173 87.96 9.14 4.19
CA ASP B 173 88.39 8.74 5.52
C ASP B 173 89.72 8.03 5.44
N ASP B 174 90.79 8.70 5.87
CA ASP B 174 92.09 8.09 6.03
C ASP B 174 92.36 7.88 7.51
N SER B 175 92.69 6.64 7.88
CA SER B 175 92.93 6.29 9.27
C SER B 175 93.95 5.17 9.31
N SER B 176 94.23 4.68 10.51
CA SER B 176 95.12 3.55 10.68
C SER B 176 94.51 2.31 10.05
N THR B 177 95.17 1.78 9.03
CA THR B 177 94.64 0.64 8.30
C THR B 177 94.52 -0.57 9.23
N PRO B 178 93.40 -1.28 9.22
CA PRO B 178 93.23 -2.40 10.15
C PRO B 178 94.28 -3.50 10.00
N TYR B 179 94.72 -3.76 8.77
CA TYR B 179 95.65 -4.86 8.52
C TYR B 179 96.28 -4.64 7.14
N ASN B 180 97.10 -5.60 6.72
CA ASN B 180 97.72 -5.56 5.41
C ASN B 180 97.84 -6.98 4.87
N VAL B 181 97.61 -7.13 3.57
CA VAL B 181 97.74 -8.43 2.93
C VAL B 181 99.22 -8.70 2.67
N ARG B 182 99.58 -9.98 2.64
CA ARG B 182 100.97 -10.39 2.42
C ARG B 182 100.96 -11.47 1.33
N ILE B 183 101.35 -11.10 0.12
CA ILE B 183 101.31 -12.02 -1.01
C ILE B 183 102.55 -12.90 -0.99
N TRP B 184 102.34 -14.21 -0.86
CA TRP B 184 103.43 -15.16 -0.73
C TRP B 184 103.91 -15.62 -2.09
N HIS B 185 104.98 -16.43 -2.10
CA HIS B 185 105.54 -17.00 -3.31
C HIS B 185 105.45 -18.52 -3.23
N ALA B 186 104.41 -19.08 -3.85
CA ALA B 186 104.22 -20.53 -3.86
C ALA B 186 103.38 -20.94 -5.06
N PRO B 187 104.00 -21.40 -6.14
CA PRO B 187 103.20 -21.83 -7.30
C PRO B 187 102.42 -23.11 -7.07
N THR B 188 103.03 -24.12 -6.47
CA THR B 188 102.42 -25.44 -6.36
C THR B 188 101.77 -25.64 -4.99
N MET B 189 100.97 -26.70 -4.89
CA MET B 189 100.37 -27.07 -3.62
C MET B 189 101.41 -27.49 -2.61
N THR B 190 102.51 -28.11 -3.05
CA THR B 190 103.54 -28.57 -2.12
C THR B 190 104.12 -27.40 -1.34
N GLU B 191 104.37 -26.27 -2.00
CA GLU B 191 104.91 -25.11 -1.31
C GLU B 191 103.85 -24.38 -0.50
N VAL B 192 102.60 -24.34 -0.99
CA VAL B 192 101.54 -23.65 -0.26
C VAL B 192 101.36 -24.26 1.13
N ASN B 193 101.46 -25.58 1.23
CA ASN B 193 101.31 -26.24 2.51
C ASN B 193 102.39 -25.82 3.50
N HIS B 194 103.62 -25.60 3.01
CA HIS B 194 104.72 -25.29 3.91
C HIS B 194 104.49 -23.98 4.64
N ILE B 195 104.10 -22.93 3.92
CA ILE B 195 103.81 -21.65 4.57
C ILE B 195 102.64 -21.79 5.53
N LEU B 196 101.58 -22.46 5.10
CA LEU B 196 100.43 -22.65 5.98
C LEU B 196 100.75 -23.54 7.18
N ALA B 197 101.76 -24.41 7.04
CA ALA B 197 102.21 -25.20 8.18
C ALA B 197 103.06 -24.38 9.14
N LEU B 198 103.85 -23.44 8.60
CA LEU B 198 104.69 -22.57 9.43
C LEU B 198 104.00 -21.27 9.82
N MET B 199 102.80 -21.00 9.31
CA MET B 199 102.10 -19.77 9.65
C MET B 199 101.33 -19.89 10.96
N ARG B 200 100.92 -21.11 11.33
CA ARG B 200 100.21 -21.30 12.58
C ARG B 200 101.08 -21.02 13.80
N LYS B 201 102.39 -20.87 13.61
CA LYS B 201 103.31 -20.51 14.67
C LYS B 201 103.45 -19.00 14.84
N SER B 202 102.79 -18.21 13.98
CA SER B 202 102.87 -16.76 14.03
C SER B 202 101.79 -16.23 14.97
N THR B 203 101.51 -14.92 14.90
CA THR B 203 100.50 -14.29 15.73
C THR B 203 99.63 -13.39 14.87
N LEU B 204 98.31 -13.50 15.05
CA LEU B 204 97.32 -12.64 14.39
C LEU B 204 97.42 -12.74 12.86
N VAL B 205 97.12 -13.93 12.34
CA VAL B 205 97.16 -14.19 10.91
C VAL B 205 95.90 -14.96 10.51
N SER B 206 95.33 -14.60 9.36
CA SER B 206 94.16 -15.31 8.83
C SER B 206 94.25 -15.31 7.31
N THR B 207 93.46 -16.20 6.70
CA THR B 207 93.48 -16.35 5.25
C THR B 207 92.15 -16.90 4.77
N HIS B 208 91.94 -16.81 3.45
CA HIS B 208 90.74 -17.33 2.81
C HIS B 208 90.91 -18.82 2.48
N SER B 209 89.85 -19.41 1.93
CA SER B 209 89.91 -20.77 1.42
C SER B 209 90.47 -20.82 0.00
N SER B 210 90.17 -19.81 -0.83
CA SER B 210 90.79 -19.64 -2.13
C SER B 210 91.13 -18.18 -2.31
N TRP B 211 92.20 -17.92 -3.06
CA TRP B 211 92.81 -16.60 -3.11
C TRP B 211 92.78 -16.06 -4.53
N HIS B 212 92.62 -14.74 -4.65
CA HIS B 212 92.54 -14.10 -5.95
C HIS B 212 93.86 -14.24 -6.69
N TRP B 213 93.78 -14.20 -8.03
CA TRP B 213 94.91 -14.39 -8.93
C TRP B 213 95.57 -15.77 -8.77
N ASN B 214 94.94 -16.67 -8.02
CA ASN B 214 95.51 -17.98 -7.70
C ASN B 214 96.90 -17.84 -7.09
N VAL B 215 97.06 -16.85 -6.21
CA VAL B 215 98.31 -16.64 -5.49
C VAL B 215 98.01 -16.58 -4.00
N LEU B 216 98.76 -17.34 -3.22
CA LEU B 216 98.59 -17.35 -1.77
C LEU B 216 98.85 -15.96 -1.18
N HIS B 217 97.95 -15.51 -0.31
CA HIS B 217 98.20 -14.30 0.46
C HIS B 217 97.36 -14.32 1.72
N THR B 218 97.98 -13.97 2.84
CA THR B 218 97.35 -13.93 4.14
C THR B 218 97.24 -12.50 4.64
N PHE B 219 96.36 -12.30 5.61
CA PHE B 219 96.15 -10.99 6.23
C PHE B 219 96.72 -11.00 7.64
N HIS B 220 97.46 -9.95 7.98
CA HIS B 220 98.07 -9.81 9.29
C HIS B 220 97.55 -8.54 9.94
N TYR B 221 97.01 -8.67 11.15
CA TYR B 221 96.29 -7.59 11.80
C TYR B 221 97.17 -6.90 12.84
N ARG B 222 96.90 -5.62 13.07
CA ARG B 222 97.69 -4.85 14.01
C ARG B 222 97.34 -5.17 15.46
N SER B 223 96.06 -5.38 15.76
CA SER B 223 95.63 -5.63 17.12
C SER B 223 94.56 -6.72 17.10
N GLU B 224 94.27 -7.25 18.29
CA GLU B 224 93.24 -8.28 18.41
C GLU B 224 91.87 -7.74 18.07
N SER B 225 91.55 -6.51 18.49
CA SER B 225 90.25 -5.92 18.18
C SER B 225 90.10 -5.67 16.68
N ASP B 226 91.21 -5.49 15.97
CA ASP B 226 91.16 -5.33 14.53
C ASP B 226 91.02 -6.65 13.79
N MET B 227 91.21 -7.77 14.49
CA MET B 227 91.05 -9.08 13.88
C MET B 227 89.61 -9.57 13.99
N ILE B 228 88.91 -9.19 15.04
CA ILE B 228 87.53 -9.64 15.22
C ILE B 228 86.61 -8.97 14.22
N ASP B 229 86.77 -7.66 14.00
CA ASP B 229 85.83 -6.93 13.16
C ASP B 229 85.98 -7.28 11.68
N HIS B 230 87.04 -7.99 11.30
CA HIS B 230 87.17 -8.47 9.93
C HIS B 230 86.58 -9.86 9.75
N PHE B 231 86.68 -10.71 10.78
CA PHE B 231 86.04 -12.02 10.72
C PHE B 231 84.53 -11.88 10.62
N ALA B 232 83.95 -11.00 11.44
CA ALA B 232 82.50 -10.83 11.45
C ALA B 232 81.98 -10.25 10.13
N ALA B 233 82.78 -9.41 9.47
CA ALA B 233 82.35 -8.84 8.20
C ALA B 233 82.38 -9.86 7.08
N LYS B 234 83.27 -10.84 7.16
CA LYS B 234 83.31 -11.92 6.17
C LYS B 234 82.43 -13.10 6.56
N ILE B 235 82.15 -13.28 7.85
CA ILE B 235 81.18 -14.28 8.26
C ILE B 235 79.77 -13.84 7.88
N LEU B 236 79.46 -12.56 8.08
CA LEU B 236 78.16 -12.04 7.67
C LEU B 236 77.98 -12.14 6.16
N GLU B 237 79.03 -11.84 5.40
CA GLU B 237 78.96 -11.98 3.95
C GLU B 237 78.77 -13.44 3.53
N ASP B 238 79.31 -14.38 4.32
CA ASP B 238 79.20 -15.79 3.96
C ASP B 238 77.78 -16.30 4.18
N TRP B 239 77.17 -15.96 5.31
CA TRP B 239 75.85 -16.47 5.63
C TRP B 239 74.81 -16.01 4.62
N ARG B 240 75.03 -14.84 4.01
CA ARG B 240 74.14 -14.39 2.93
C ARG B 240 74.31 -15.28 1.70
N GLN B 241 75.54 -15.65 1.36
CA GLN B 241 75.79 -16.43 0.16
C GLN B 241 75.12 -17.80 0.24
N LYS B 242 75.25 -18.49 1.36
CA LYS B 242 74.63 -19.80 1.49
C LYS B 242 73.11 -19.70 1.43
N GLU B 243 72.54 -18.67 2.04
CA GLU B 243 71.08 -18.53 2.04
C GLU B 243 70.53 -18.42 0.63
N LYS B 244 71.31 -17.85 -0.29
CA LYS B 244 70.95 -17.93 -1.71
C LYS B 244 71.24 -19.31 -2.27
N LEU B 245 72.37 -19.92 -1.89
CA LEU B 245 72.69 -21.27 -2.32
C LEU B 245 71.68 -22.28 -1.77
N ASP B 246 71.28 -22.11 -0.50
CA ASP B 246 70.37 -23.07 0.12
C ASP B 246 69.01 -23.06 -0.57
N LYS B 247 68.59 -21.92 -1.12
CA LYS B 247 67.33 -21.87 -1.87
C LYS B 247 67.41 -22.74 -3.11
N GLY B 248 68.55 -22.72 -3.79
CA GLY B 248 68.74 -23.49 -5.01
C GLY B 248 68.93 -22.66 -6.25
N ALA B 249 69.00 -21.33 -6.15
CA ALA B 249 69.13 -20.48 -7.32
C ALA B 249 70.56 -20.53 -7.87
N LEU B 250 70.77 -19.84 -8.98
CA LEU B 250 72.08 -19.75 -9.62
C LEU B 250 72.69 -18.39 -9.26
N VAL B 251 73.68 -18.41 -8.37
CA VAL B 251 74.33 -17.19 -7.93
C VAL B 251 75.80 -17.25 -8.29
N GLU B 252 76.35 -16.09 -8.65
CA GLU B 252 77.76 -15.97 -9.00
C GLU B 252 78.53 -15.60 -7.74
N ALA B 253 79.43 -16.47 -7.31
CA ALA B 253 80.23 -16.25 -6.13
C ALA B 253 81.71 -16.29 -6.49
N ASP B 254 82.49 -15.38 -5.91
CA ASP B 254 83.92 -15.35 -6.16
C ASP B 254 84.57 -16.65 -5.67
N ARG B 255 84.15 -17.14 -4.52
CA ARG B 255 84.67 -18.38 -3.97
C ARG B 255 83.55 -19.11 -3.25
N VAL B 256 83.75 -20.41 -3.04
CA VAL B 256 82.72 -21.25 -2.43
C VAL B 256 82.43 -20.77 -1.01
N ILE B 257 83.46 -20.59 -0.20
CA ILE B 257 83.32 -20.18 1.20
C ILE B 257 83.99 -18.83 1.37
N GLN B 258 83.20 -17.82 1.73
CA GLN B 258 83.73 -16.48 1.95
C GLN B 258 84.31 -16.29 3.35
N ARG B 259 84.15 -17.26 4.24
CA ARG B 259 84.62 -17.13 5.60
C ARG B 259 86.14 -17.16 5.68
N LEU B 260 86.66 -16.69 6.81
CA LEU B 260 88.08 -16.67 7.08
C LEU B 260 88.49 -17.90 7.88
N ILE B 261 89.78 -18.22 7.81
CA ILE B 261 90.37 -19.30 8.58
C ILE B 261 91.36 -18.70 9.57
N PRO B 262 91.16 -18.88 10.87
CA PRO B 262 92.14 -18.34 11.83
C PRO B 262 93.39 -19.19 11.90
N LEU B 263 94.47 -18.74 11.28
CA LEU B 263 95.70 -19.51 11.30
C LEU B 263 96.39 -19.42 12.65
N SER B 264 96.42 -18.23 13.24
CA SER B 264 96.98 -18.04 14.58
C SER B 264 96.13 -16.95 15.25
N SER B 265 95.19 -17.38 16.08
CA SER B 265 94.19 -16.49 16.63
C SER B 265 94.16 -16.58 18.14
N SER B 266 93.60 -15.55 18.76
CA SER B 266 93.43 -15.53 20.20
C SER B 266 92.24 -16.39 20.61
N THR B 267 91.86 -16.29 21.88
CA THR B 267 90.81 -17.16 22.40
C THR B 267 89.44 -16.71 21.91
N TYR B 268 89.23 -15.40 21.77
CA TYR B 268 87.93 -14.91 21.30
C TYR B 268 87.65 -15.30 19.86
N VAL B 269 88.64 -15.14 18.97
CA VAL B 269 88.42 -15.47 17.56
C VAL B 269 88.15 -16.96 17.41
N GLN B 270 88.65 -17.77 18.33
CA GLN B 270 88.28 -19.19 18.35
C GLN B 270 86.78 -19.35 18.51
N ARG B 271 86.17 -18.56 19.40
CA ARG B 271 84.71 -18.59 19.55
C ARG B 271 84.03 -18.12 18.28
N LEU B 272 84.49 -16.99 17.72
CA LEU B 272 83.82 -16.38 16.58
C LEU B 272 83.89 -17.27 15.35
N ALA B 273 85.03 -17.92 15.12
CA ALA B 273 85.14 -18.82 13.98
C ALA B 273 84.29 -20.07 14.14
N ALA B 274 84.13 -20.55 15.38
CA ALA B 274 83.36 -21.77 15.60
C ALA B 274 81.89 -21.57 15.26
N ILE B 275 81.29 -20.46 15.70
CA ILE B 275 79.89 -20.21 15.42
C ILE B 275 79.68 -19.93 13.94
N GLY B 276 80.62 -19.22 13.32
CA GLY B 276 80.46 -18.85 11.92
C GLY B 276 80.43 -20.05 10.99
N ALA B 277 81.29 -21.04 11.25
CA ALA B 277 81.40 -22.21 10.40
C ALA B 277 80.23 -23.17 10.53
N LEU B 278 79.16 -22.77 11.22
CA LEU B 278 78.09 -23.69 11.58
C LEU B 278 76.76 -23.35 10.94
N TYR B 279 76.57 -22.10 10.49
CA TYR B 279 75.33 -21.62 9.89
C TYR B 279 74.16 -21.85 10.84
N PRO B 280 74.11 -21.11 11.95
CA PRO B 280 73.07 -21.37 12.96
C PRO B 280 71.70 -20.91 12.49
N ASN B 281 70.68 -21.39 13.22
CA ASN B 281 69.29 -21.06 12.92
C ASN B 281 68.99 -19.58 13.14
N GLU B 282 69.83 -18.86 13.87
CA GLU B 282 69.47 -17.52 14.32
C GLU B 282 69.55 -16.48 13.21
N PHE B 283 70.49 -16.64 12.27
CA PHE B 283 70.65 -15.62 11.22
C PHE B 283 69.48 -15.66 10.24
N THR B 284 69.13 -16.85 9.76
CA THR B 284 68.04 -16.97 8.80
C THR B 284 66.71 -16.51 9.38
N GLU B 285 66.53 -16.68 10.68
CA GLU B 285 65.33 -16.22 11.38
C GLU B 285 65.47 -14.80 11.90
N ASN B 286 66.59 -14.14 11.60
CA ASN B 286 66.81 -12.73 11.94
C ASN B 286 66.75 -12.54 13.46
N VAL B 287 67.23 -13.55 14.19
CA VAL B 287 67.20 -13.48 15.65
C VAL B 287 68.21 -12.47 16.17
N LEU B 288 69.43 -12.50 15.64
CA LEU B 288 70.51 -11.68 16.17
C LEU B 288 70.53 -10.31 15.50
N ASP B 289 70.77 -9.27 16.30
CA ASP B 289 70.79 -7.92 15.80
C ASP B 289 72.12 -7.63 15.10
N LEU B 290 72.03 -7.02 13.91
CA LEU B 290 73.21 -6.68 13.14
C LEU B 290 73.78 -5.31 13.48
N SER B 291 73.15 -4.57 14.39
CA SER B 291 73.66 -3.25 14.77
C SER B 291 75.03 -3.36 15.40
N ARG B 292 75.22 -4.32 16.31
CA ARG B 292 76.50 -4.60 16.94
C ARG B 292 76.85 -6.04 16.60
N LEU B 293 77.46 -6.23 15.43
CA LEU B 293 77.63 -7.58 14.89
C LEU B 293 78.62 -8.39 15.70
N SER B 294 79.71 -7.76 16.16
CA SER B 294 80.79 -8.52 16.77
C SER B 294 80.34 -9.19 18.07
N THR B 295 79.66 -8.45 18.95
CA THR B 295 79.21 -9.04 20.20
C THR B 295 77.98 -9.92 20.02
N ALA B 296 77.16 -9.64 19.00
CA ALA B 296 75.97 -10.45 18.77
C ALA B 296 76.34 -11.89 18.47
N LEU B 297 77.34 -12.11 17.62
CA LEU B 297 77.85 -13.46 17.42
C LEU B 297 78.58 -13.96 18.66
N LEU B 298 79.26 -13.06 19.38
CA LEU B 298 79.89 -13.43 20.64
C LEU B 298 78.84 -13.80 21.68
N GLN B 299 77.73 -13.04 21.73
CA GLN B 299 76.62 -13.43 22.58
C GLN B 299 76.02 -14.76 22.15
N LEU B 300 75.91 -14.99 20.83
CA LEU B 300 75.31 -16.20 20.33
C LEU B 300 76.23 -17.40 20.51
N SER B 301 77.52 -17.22 20.23
CA SER B 301 78.46 -18.33 20.37
C SER B 301 78.55 -18.81 21.81
N ASP B 302 78.26 -17.94 22.78
CA ASP B 302 78.18 -18.37 24.16
C ASP B 302 77.04 -19.36 24.36
N THR B 303 75.90 -19.11 23.72
CA THR B 303 74.74 -19.99 23.87
C THR B 303 75.04 -21.39 23.33
N TYR B 304 75.71 -21.46 22.17
CA TYR B 304 75.96 -22.76 21.55
C TYR B 304 77.10 -23.52 22.22
N TYR B 305 77.88 -22.87 23.08
CA TYR B 305 78.93 -23.57 23.82
C TYR B 305 78.33 -24.58 24.79
N GLN B 306 77.23 -24.24 25.43
CA GLN B 306 76.49 -25.13 26.32
C GLN B 306 75.04 -25.22 25.86
N HIS B 307 74.85 -25.44 24.56
CA HIS B 307 73.52 -25.52 23.98
C HIS B 307 72.73 -26.66 24.60
N ALA B 308 71.41 -26.48 24.66
CA ALA B 308 70.55 -27.51 25.23
C ALA B 308 70.67 -28.81 24.44
N ASN B 309 70.72 -28.73 23.11
CA ASN B 309 70.96 -29.91 22.30
C ASN B 309 72.35 -30.45 22.56
N ASP B 310 72.51 -31.75 22.34
CA ASP B 310 73.80 -32.40 22.55
C ASP B 310 74.59 -32.59 21.26
N GLN B 311 73.91 -32.71 20.13
CA GLN B 311 74.62 -32.86 18.86
C GLN B 311 75.24 -31.54 18.40
N LEU B 312 74.48 -30.44 18.53
CA LEU B 312 75.03 -29.12 18.19
C LEU B 312 76.14 -28.73 19.17
N ARG B 313 75.96 -29.04 20.46
CA ARG B 313 76.96 -28.67 21.45
C ARG B 313 78.28 -29.37 21.20
N ARG B 314 78.25 -30.67 20.90
CA ARG B 314 79.48 -31.39 20.62
C ARG B 314 80.12 -30.91 19.32
N LEU B 315 79.30 -30.56 18.33
CA LEU B 315 79.84 -30.05 17.07
C LEU B 315 80.54 -28.72 17.28
N TYR B 316 80.02 -27.89 18.18
CA TYR B 316 80.71 -26.64 18.52
C TYR B 316 82.06 -26.92 19.17
N ARG B 317 82.11 -27.89 20.09
CA ARG B 317 83.37 -28.23 20.73
C ARG B 317 84.40 -28.71 19.73
N ARG B 318 83.98 -29.55 18.77
CA ARG B 318 84.88 -30.02 17.74
C ARG B 318 85.39 -28.87 16.89
N MET B 319 84.51 -27.92 16.55
CA MET B 319 84.91 -26.78 15.74
C MET B 319 85.81 -25.82 16.51
N TYR B 320 85.59 -25.68 17.82
CA TYR B 320 86.38 -24.74 18.60
C TYR B 320 87.80 -25.24 18.81
N ASN B 321 87.96 -26.51 19.17
CA ASN B 321 89.26 -27.06 19.48
C ASN B 321 90.15 -27.22 18.25
N ASP B 322 89.60 -27.07 17.05
CA ASP B 322 90.36 -27.20 15.80
C ASP B 322 89.92 -26.06 14.89
N SER B 323 90.64 -24.94 14.96
CA SER B 323 90.31 -23.76 14.18
C SER B 323 91.15 -23.62 12.92
N ARG B 324 92.23 -24.39 12.79
CA ARG B 324 93.05 -24.36 11.59
C ARG B 324 92.43 -25.15 10.44
N THR B 325 91.31 -25.82 10.68
CA THR B 325 90.62 -26.63 9.68
C THR B 325 89.34 -25.92 9.25
N LEU B 326 89.10 -25.88 7.94
CA LEU B 326 87.88 -25.28 7.42
C LEU B 326 86.74 -26.29 7.49
N TYR B 327 85.65 -25.89 8.14
CA TYR B 327 84.50 -26.75 8.34
C TYR B 327 83.39 -26.33 7.38
N MET B 328 82.93 -27.29 6.59
CA MET B 328 81.97 -27.01 5.52
C MET B 328 81.01 -28.18 5.37
N THR B 329 79.83 -27.88 4.84
CA THR B 329 78.83 -28.90 4.59
C THR B 329 79.26 -29.78 3.41
N GLN B 330 78.66 -30.96 3.34
CA GLN B 330 78.94 -31.85 2.20
C GLN B 330 78.50 -31.21 0.90
N ARG B 331 77.51 -30.32 0.95
CA ARG B 331 76.99 -29.70 -0.26
C ARG B 331 77.95 -28.66 -0.82
N HIS B 332 78.77 -28.04 0.04
CA HIS B 332 79.86 -27.20 -0.46
C HIS B 332 80.96 -28.03 -1.09
N GLN B 333 81.19 -29.24 -0.57
CA GLN B 333 82.28 -30.07 -1.08
C GLN B 333 82.01 -30.50 -2.52
N GLU B 334 80.74 -30.63 -2.91
CA GLU B 334 80.41 -30.88 -4.30
C GLU B 334 80.82 -29.72 -5.19
N LEU B 335 80.63 -28.49 -4.71
CA LEU B 335 80.95 -27.32 -5.53
C LEU B 335 82.45 -27.16 -5.74
N LEU B 336 83.26 -27.71 -4.84
CA LEU B 336 84.71 -27.57 -4.98
C LEU B 336 85.26 -28.45 -6.08
N LEU B 337 84.80 -29.71 -6.16
CA LEU B 337 85.30 -30.62 -7.17
C LEU B 337 84.91 -30.15 -8.58
N ALA B 338 83.71 -29.62 -8.73
CA ALA B 338 83.31 -29.07 -10.02
C ALA B 338 84.19 -27.89 -10.43
N GLN B 339 84.88 -27.28 -9.46
CA GLN B 339 85.80 -26.19 -9.73
C GLN B 339 87.21 -26.70 -10.03
N ILE B 340 87.67 -27.72 -9.30
CA ILE B 340 88.98 -28.29 -9.55
C ILE B 340 89.02 -28.96 -10.92
N THR B 341 87.95 -29.71 -11.27
CA THR B 341 87.97 -30.51 -12.49
C THR B 341 87.99 -29.67 -13.75
N ALA B 342 87.75 -28.36 -13.66
CA ALA B 342 87.89 -27.45 -14.78
C ALA B 342 89.26 -26.79 -14.85
N ASP B 343 89.85 -26.47 -13.69
CA ASP B 343 91.19 -25.87 -13.59
C ASP B 343 92.03 -26.79 -12.73
N PRO B 344 92.78 -27.74 -13.32
CA PRO B 344 93.58 -28.66 -12.51
C PRO B 344 94.58 -27.96 -11.59
N ASN B 345 95.15 -26.84 -12.04
CA ASN B 345 96.17 -26.13 -11.26
C ASN B 345 95.48 -24.98 -10.52
N ILE B 346 94.78 -25.34 -9.45
CA ILE B 346 94.08 -24.37 -8.62
C ILE B 346 94.53 -24.58 -7.17
N LEU B 347 94.61 -23.49 -6.42
CA LEU B 347 95.05 -23.52 -5.02
C LEU B 347 93.84 -23.39 -4.10
N LEU B 348 93.73 -24.30 -3.14
CA LEU B 348 92.65 -24.29 -2.17
C LEU B 348 93.21 -24.65 -0.80
N TYR B 349 92.46 -24.31 0.24
CA TYR B 349 92.89 -24.59 1.60
C TYR B 349 93.01 -26.10 1.79
N PRO B 350 94.11 -26.60 2.38
CA PRO B 350 94.38 -28.04 2.37
C PRO B 350 93.77 -28.83 3.52
N TYR B 351 93.25 -28.18 4.55
CA TYR B 351 92.72 -28.88 5.73
C TYR B 351 91.22 -28.64 5.80
N THR B 352 90.45 -29.66 5.41
CA THR B 352 89.00 -29.59 5.39
C THR B 352 88.41 -30.76 6.16
N TYR B 353 87.29 -30.52 6.83
CA TYR B 353 86.53 -31.56 7.50
C TYR B 353 85.05 -31.36 7.18
N ILE B 354 84.34 -32.46 6.95
CA ILE B 354 82.95 -32.45 6.51
C ILE B 354 82.06 -32.89 7.67
N PHE B 355 81.06 -32.08 7.98
CA PHE B 355 80.13 -32.37 9.06
C PHE B 355 78.70 -32.41 8.53
N THR B 356 77.85 -33.18 9.20
CA THR B 356 76.45 -33.30 8.82
C THR B 356 75.64 -32.25 9.55
N THR B 357 74.87 -31.47 8.80
CA THR B 357 74.06 -30.40 9.38
C THR B 357 73.00 -30.95 10.33
N ILE B 358 73.14 -30.64 11.62
CA ILE B 358 72.10 -31.03 12.58
C ILE B 358 70.85 -30.19 12.32
N PRO B 359 69.68 -30.80 12.15
CA PRO B 359 68.49 -30.01 11.86
C PRO B 359 68.09 -29.14 13.05
N THR B 360 67.42 -28.04 12.75
CA THR B 360 66.93 -27.11 13.76
C THR B 360 65.41 -27.19 13.79
N SER B 361 64.86 -27.54 14.96
CA SER B 361 63.43 -27.73 15.08
C SER B 361 62.69 -26.44 15.41
N MET B 362 63.25 -25.61 16.27
CA MET B 362 62.58 -24.39 16.69
C MET B 362 62.55 -23.37 15.56
N ASN B 363 61.41 -22.69 15.43
CA ASN B 363 61.25 -21.59 14.49
C ASN B 363 61.06 -20.29 15.26
N TYR B 364 61.64 -19.21 14.76
CA TYR B 364 61.61 -17.93 15.45
C TYR B 364 61.08 -16.83 14.54
N ILE B 365 60.14 -16.05 15.06
CA ILE B 365 59.65 -14.84 14.39
C ILE B 365 60.49 -13.67 14.88
N SER B 366 61.00 -12.87 13.95
CA SER B 366 61.85 -11.75 14.32
C SER B 366 61.84 -10.71 13.23
N ASN B 367 61.83 -9.44 13.65
CA ASN B 367 61.89 -8.30 12.74
C ASN B 367 62.52 -7.14 13.49
N THR B 368 63.60 -6.60 12.95
CA THR B 368 64.33 -5.51 13.61
C THR B 368 63.85 -4.13 13.19
N GLY B 369 62.90 -4.04 12.27
CA GLY B 369 62.38 -2.76 11.84
C GLY B 369 61.49 -2.12 12.91
N GLN B 370 61.23 -0.84 12.71
CA GLN B 370 60.39 -0.10 13.65
C GLN B 370 58.94 -0.55 13.53
N GLY B 371 58.25 -0.57 14.66
CA GLY B 371 56.84 -0.93 14.67
C GLY B 371 56.45 -1.78 15.86
N ARG B 372 55.33 -1.41 16.50
CA ARG B 372 54.81 -2.18 17.62
C ARG B 372 54.15 -3.46 17.12
N ILE B 373 53.74 -4.31 18.07
CA ILE B 373 53.04 -5.55 17.78
C ILE B 373 51.70 -5.50 18.49
N LYS B 374 50.63 -5.86 17.77
CA LYS B 374 49.28 -5.90 18.33
C LYS B 374 48.88 -7.37 18.40
N HIS B 375 49.22 -8.02 19.51
CA HIS B 375 48.91 -9.43 19.68
C HIS B 375 47.42 -9.66 19.86
N SER B 376 46.95 -10.80 19.39
CA SER B 376 45.59 -11.28 19.65
C SER B 376 45.70 -12.56 20.46
N LEU B 377 45.03 -12.59 21.60
CA LEU B 377 45.26 -13.61 22.61
C LEU B 377 44.20 -14.71 22.52
N THR B 378 44.68 -15.96 22.40
CA THR B 378 43.78 -17.10 22.37
C THR B 378 43.40 -17.51 23.79
N VAL B 379 42.12 -17.82 23.98
CA VAL B 379 41.63 -18.19 25.31
C VAL B 379 42.29 -19.49 25.77
N THR B 380 42.39 -20.47 24.88
CA THR B 380 42.93 -21.77 25.21
C THR B 380 43.97 -22.19 24.18
N GLY B 381 44.92 -23.00 24.61
CA GLY B 381 45.98 -23.46 23.73
C GLY B 381 46.48 -24.85 24.05
N ALA B 382 47.66 -25.18 23.54
CA ALA B 382 48.21 -26.53 23.66
C ALA B 382 49.17 -26.68 24.85
N THR B 383 49.20 -25.73 25.77
CA THR B 383 50.07 -25.79 26.94
C THR B 383 49.22 -25.76 28.20
N GLU B 384 49.47 -26.72 29.09
CA GLU B 384 48.71 -26.86 30.34
C GLU B 384 49.50 -26.22 31.48
N HIS B 385 49.03 -25.07 31.96
CA HIS B 385 49.67 -24.38 33.07
C HIS B 385 49.19 -24.94 34.41
N ASP B 386 49.95 -24.64 35.45
CA ASP B 386 49.63 -25.13 36.79
C ASP B 386 50.38 -24.29 37.82
N THR B 387 49.63 -23.71 38.76
CA THR B 387 50.13 -22.88 39.86
C THR B 387 51.31 -22.01 39.42
N VAL B 388 51.12 -21.33 38.29
CA VAL B 388 52.17 -20.49 37.72
C VAL B 388 52.45 -19.30 38.65
N ALA B 389 53.72 -18.92 38.71
CA ALA B 389 54.11 -17.76 39.50
C ALA B 389 53.60 -16.47 38.87
N ASP B 390 53.23 -15.52 39.72
CA ASP B 390 52.71 -14.25 39.23
C ASP B 390 53.82 -13.40 38.63
N ILE B 391 53.44 -12.54 37.68
CA ILE B 391 54.37 -11.66 36.97
C ILE B 391 54.15 -10.24 37.47
N VAL B 392 55.22 -9.61 37.93
CA VAL B 392 55.19 -8.22 38.37
C VAL B 392 55.78 -7.36 37.25
N LEU B 393 55.01 -6.37 36.80
CA LEU B 393 55.43 -5.49 35.73
C LEU B 393 56.06 -4.24 36.34
N GLY B 394 57.30 -3.95 35.96
CA GLY B 394 57.99 -2.81 36.51
C GLY B 394 57.42 -1.50 36.02
N GLN B 395 57.60 -0.46 36.83
CA GLN B 395 57.10 0.86 36.48
C GLN B 395 57.88 1.42 35.31
N THR B 396 57.16 1.95 34.32
CA THR B 396 57.76 2.55 33.14
C THR B 396 57.90 4.05 33.32
N GLY B 397 58.89 4.63 32.65
CA GLY B 397 59.09 6.06 32.72
C GLY B 397 57.99 6.83 32.01
N GLU B 398 57.94 8.13 32.29
CA GLU B 398 56.96 8.98 31.64
C GLU B 398 57.31 9.25 30.18
N ASP B 399 58.50 8.87 29.73
CA ASP B 399 58.98 9.13 28.38
C ASP B 399 58.92 7.90 27.49
N VAL B 400 58.17 6.87 27.89
CA VAL B 400 57.97 5.69 27.05
C VAL B 400 56.47 5.52 26.82
N ILE B 401 55.73 5.37 27.92
CA ILE B 401 54.28 5.22 27.89
C ILE B 401 53.68 6.38 28.67
N THR B 402 52.85 7.18 28.00
CA THR B 402 52.06 8.21 28.66
C THR B 402 50.58 7.92 28.46
N ILE B 403 49.82 7.98 29.54
CA ILE B 403 48.42 7.57 29.54
C ILE B 403 47.55 8.81 29.73
N SER B 404 46.64 9.04 28.79
CA SER B 404 45.73 10.17 28.82
C SER B 404 44.36 9.74 29.28
N MET B 405 43.49 10.73 29.53
CA MET B 405 42.17 10.43 30.06
C MET B 405 41.18 10.04 28.97
N VAL B 406 40.91 10.94 28.03
CA VAL B 406 39.86 10.76 27.04
C VAL B 406 40.46 10.86 25.65
N GLU B 407 40.17 9.87 24.81
CA GLU B 407 40.69 9.86 23.45
C GLU B 407 39.97 10.88 22.59
N PRO B 408 40.68 11.77 21.90
CA PRO B 408 40.00 12.66 20.95
C PRO B 408 39.54 11.88 19.73
N MET B 409 38.42 12.31 19.18
CA MET B 409 37.78 11.59 18.09
C MET B 409 38.10 12.25 16.75
N SER B 410 38.41 11.42 15.76
CA SER B 410 38.83 11.86 14.43
C SER B 410 37.66 11.67 13.47
N ILE B 411 36.94 12.75 13.19
CA ILE B 411 35.76 12.71 12.35
C ILE B 411 35.88 13.78 11.27
N ALA B 412 35.11 13.58 10.21
CA ALA B 412 35.09 14.54 9.11
C ALA B 412 34.44 15.85 9.56
N VAL B 413 34.74 16.91 8.81
CA VAL B 413 34.23 18.23 9.15
C VAL B 413 32.72 18.29 9.05
N GLU B 414 32.14 17.58 8.08
CA GLU B 414 30.70 17.62 7.87
C GLU B 414 29.92 17.02 9.04
N ASP B 415 30.56 16.21 9.88
CA ASP B 415 29.86 15.44 10.90
C ASP B 415 29.55 16.23 12.17
N MET B 416 30.07 17.46 12.31
CA MET B 416 29.84 18.20 13.53
C MET B 416 28.42 18.76 13.60
N TYR B 417 27.90 19.26 12.49
CA TYR B 417 26.62 19.98 12.49
C TYR B 417 25.47 19.05 12.11
N GLY B 418 25.24 18.05 12.96
CA GLY B 418 24.14 17.13 12.75
C GLY B 418 23.15 17.14 13.89
N TYR B 419 21.90 16.77 13.61
CA TYR B 419 20.87 16.77 14.63
C TYR B 419 19.88 15.65 14.35
N VAL B 420 19.16 15.26 15.41
CA VAL B 420 18.14 14.22 15.31
C VAL B 420 16.87 14.74 15.97
N LEU B 421 15.73 14.19 15.55
CA LEU B 421 14.43 14.62 16.03
C LEU B 421 13.80 13.56 16.93
N ASP B 422 12.77 13.97 17.66
CA ASP B 422 11.97 13.06 18.48
C ASP B 422 10.56 13.64 18.55
N THR B 423 9.67 13.15 17.68
CA THR B 423 8.34 13.72 17.54
C THR B 423 7.36 13.08 18.51
N PRO B 424 6.41 13.86 19.03
CA PRO B 424 5.47 13.31 20.01
C PRO B 424 4.52 12.29 19.39
N THR B 425 4.00 11.40 20.25
CA THR B 425 3.15 10.32 19.78
C THR B 425 1.97 10.08 20.73
N ARG B 426 1.53 11.08 21.47
CA ARG B 426 0.36 10.95 22.33
C ARG B 426 -0.54 12.17 22.15
N ASP B 427 -1.83 11.99 22.43
CA ASP B 427 -2.84 12.98 22.11
C ASP B 427 -3.47 13.67 23.32
N ILE B 428 -3.57 12.99 24.46
CA ILE B 428 -4.30 13.53 25.61
C ILE B 428 -3.38 13.51 26.82
N TRP B 429 -3.63 14.46 27.73
CA TRP B 429 -2.89 14.57 28.99
C TRP B 429 -3.89 14.51 30.13
N PRO B 430 -4.19 13.32 30.65
CA PRO B 430 -5.16 13.20 31.73
C PRO B 430 -4.68 13.86 33.01
N ALA B 431 -5.64 14.13 33.90
CA ALA B 431 -5.32 14.80 35.15
C ALA B 431 -4.42 13.96 36.04
N ASP B 432 -4.66 12.65 36.10
CA ASP B 432 -3.83 11.80 36.95
C ASP B 432 -2.43 11.61 36.36
N GLU B 433 -2.29 11.67 35.04
CA GLU B 433 -0.97 11.73 34.44
C GLU B 433 -0.22 12.97 34.87
N GLN B 434 -0.92 14.10 34.98
CA GLN B 434 -0.28 15.33 35.44
C GLN B 434 0.23 15.18 36.87
N ILE B 435 -0.55 14.54 37.74
CA ILE B 435 -0.11 14.30 39.10
C ILE B 435 0.99 13.25 39.13
N GLU B 436 0.81 12.16 38.37
CA GLU B 436 1.80 11.08 38.38
C GLU B 436 3.15 11.55 37.85
N GLN B 437 3.15 12.33 36.77
CA GLN B 437 4.40 12.75 36.16
C GLN B 437 5.12 13.78 37.01
N LYS B 438 4.39 14.58 37.78
CA LYS B 438 5.05 15.51 38.70
C LYS B 438 5.77 14.76 39.81
N GLY B 439 5.27 13.58 40.19
CA GLY B 439 5.95 12.77 41.19
C GLY B 439 7.31 12.29 40.73
N ASP B 440 7.47 12.08 39.42
CA ASP B 440 8.75 11.69 38.87
C ASP B 440 9.72 12.87 38.77
N ALA B 441 9.20 14.09 38.61
CA ALA B 441 10.06 15.23 38.38
C ALA B 441 10.61 15.80 39.68
N VAL B 442 9.74 16.01 40.68
CA VAL B 442 10.17 16.60 41.93
C VAL B 442 11.10 15.65 42.68
N ALA B 443 10.84 14.34 42.57
CA ALA B 443 11.73 13.37 43.20
C ALA B 443 13.12 13.39 42.57
N LEU B 444 13.19 13.50 41.24
CA LEU B 444 14.46 13.51 40.54
C LEU B 444 15.13 14.87 40.55
N TYR B 445 14.46 15.91 41.04
CA TYR B 445 15.09 17.23 41.14
C TYR B 445 15.67 17.48 42.52
N ASP B 446 14.94 17.13 43.58
CA ASP B 446 15.48 17.28 44.93
C ASP B 446 16.67 16.36 45.16
N THR B 447 16.60 15.13 44.65
CA THR B 447 17.73 14.22 44.62
C THR B 447 18.35 14.30 43.23
N LYS B 448 19.60 14.74 43.18
CA LYS B 448 20.22 15.06 41.89
C LYS B 448 20.39 13.79 41.05
N THR B 449 20.87 14.01 39.83
CA THR B 449 20.99 12.94 38.85
C THR B 449 22.10 11.96 39.27
N SER B 450 22.31 10.93 38.45
CA SER B 450 23.29 9.90 38.77
C SER B 450 24.69 10.47 38.88
N ARG B 451 25.43 9.99 39.89
CA ARG B 451 26.79 10.48 40.11
C ARG B 451 27.74 10.01 39.02
N ALA B 452 27.61 8.76 38.58
CA ALA B 452 28.48 8.25 37.54
C ALA B 452 28.27 8.98 36.22
N LEU B 453 27.02 9.36 35.91
CA LEU B 453 26.77 10.14 34.72
C LEU B 453 27.40 11.53 34.82
N GLY B 454 27.31 12.15 36.00
CA GLY B 454 27.93 13.44 36.20
C GLY B 454 29.43 13.39 36.03
N MET B 455 30.06 12.28 36.46
CA MET B 455 31.48 12.10 36.24
C MET B 455 31.81 12.00 34.76
N PHE B 456 31.01 11.25 34.01
CA PHE B 456 31.28 11.06 32.59
C PHE B 456 30.98 12.32 31.79
N ASN B 457 29.95 13.06 32.17
CA ASN B 457 29.59 14.26 31.44
C ASN B 457 30.67 15.32 31.53
N ASN B 458 31.25 15.51 32.71
CA ASN B 458 32.27 16.54 32.89
C ASN B 458 33.66 16.09 32.50
N THR B 459 33.94 14.78 32.54
CA THR B 459 35.23 14.29 32.06
C THR B 459 35.32 14.39 30.54
N VAL B 460 34.29 13.94 29.84
CA VAL B 460 34.28 13.93 28.38
C VAL B 460 33.55 15.20 27.93
N ARG B 461 34.30 16.28 27.77
CA ARG B 461 33.75 17.51 27.24
C ARG B 461 33.89 17.52 25.73
N ILE B 462 33.09 18.38 25.08
CA ILE B 462 33.03 18.39 23.62
C ILE B 462 34.08 19.34 23.08
N ASP B 463 34.39 20.40 23.84
CA ASP B 463 35.40 21.36 23.39
C ASP B 463 36.77 20.70 23.27
N ASP B 464 37.14 19.89 24.25
CA ASP B 464 38.41 19.17 24.17
C ASP B 464 38.35 18.05 23.15
N LEU B 465 37.17 17.46 22.95
CA LEU B 465 37.05 16.25 22.14
C LEU B 465 37.37 16.52 20.68
N LEU B 466 36.91 17.64 20.15
CA LEU B 466 37.13 17.99 18.75
C LEU B 466 37.95 19.27 18.59
N SER B 467 38.64 19.71 19.65
CA SER B 467 39.62 20.78 19.49
C SER B 467 40.71 20.45 18.49
N PRO B 468 41.29 19.24 18.47
CA PRO B 468 42.25 18.92 17.40
C PRO B 468 41.67 19.01 16.00
N LEU B 469 40.35 18.85 15.85
CA LEU B 469 39.75 18.96 14.53
C LEU B 469 39.81 20.39 14.01
N LEU B 470 39.41 21.36 14.84
CA LEU B 470 39.48 22.75 14.43
C LEU B 470 40.89 23.30 14.48
N SER B 471 41.77 22.73 15.32
CA SER B 471 43.16 23.16 15.35
C SER B 471 43.86 22.81 14.03
N LEU B 472 43.57 21.64 13.48
CA LEU B 472 44.18 21.24 12.21
C LEU B 472 43.72 22.15 11.07
N VAL B 473 42.45 22.54 11.08
CA VAL B 473 41.94 23.42 10.03
C VAL B 473 42.65 24.76 10.06
N TYR B 474 42.90 25.29 11.27
CA TYR B 474 43.66 26.54 11.40
C TYR B 474 45.07 26.40 10.85
N ARG B 475 45.74 25.30 11.17
CA ARG B 475 47.14 25.17 10.79
C ARG B 475 47.30 25.07 9.27
N THR B 476 46.31 24.53 8.57
CA THR B 476 46.37 24.46 7.12
C THR B 476 46.07 25.81 6.48
N TYR B 477 45.15 26.57 7.07
CA TYR B 477 44.77 27.87 6.49
C TYR B 477 45.94 28.85 6.51
N ILE B 478 46.68 28.89 7.62
CA ILE B 478 47.78 29.84 7.74
C ILE B 478 48.88 29.51 6.74
N LYS B 479 49.07 28.23 6.42
CA LYS B 479 50.12 27.83 5.49
C LYS B 479 49.80 28.22 4.06
N GLY B 480 48.53 28.26 3.68
CA GLY B 480 48.16 28.59 2.32
C GLY B 480 47.80 27.37 1.49
N ASP B 481 47.16 26.39 2.12
CA ASP B 481 46.76 25.15 1.45
C ASP B 481 45.27 24.90 1.55
N THR B 482 44.48 25.90 1.93
CA THR B 482 43.03 25.79 2.08
C THR B 482 42.38 26.69 1.04
N MET B 483 41.89 26.09 -0.06
CA MET B 483 41.29 26.85 -1.14
C MET B 483 40.14 26.05 -1.73
N THR B 484 39.35 26.76 -2.56
CA THR B 484 38.30 26.17 -3.39
C THR B 484 37.24 25.46 -2.54
N MET B 485 36.56 26.28 -1.74
CA MET B 485 35.36 25.85 -1.02
C MET B 485 34.17 26.69 -1.48
N THR B 486 32.98 26.12 -1.39
CA THR B 486 31.77 26.83 -1.76
C THR B 486 31.53 27.99 -0.79
N GLN B 487 30.82 29.02 -1.29
CA GLN B 487 30.60 30.22 -0.49
C GLN B 487 29.80 29.92 0.77
N GLY B 488 28.75 29.12 0.65
CA GLY B 488 27.88 28.86 1.78
C GLY B 488 28.01 27.46 2.35
N SER B 489 29.14 26.81 2.10
CA SER B 489 29.34 25.45 2.54
C SER B 489 29.67 25.40 4.03
N LEU B 490 29.56 24.20 4.61
CA LEU B 490 29.95 24.00 6.00
C LEU B 490 31.45 24.14 6.17
N ASP B 491 32.23 23.86 5.12
CA ASP B 491 33.66 24.09 5.18
C ASP B 491 33.95 25.59 5.36
N HIS B 492 33.18 26.44 4.69
CA HIS B 492 33.29 27.87 4.92
C HIS B 492 32.91 28.23 6.36
N LEU B 493 31.83 27.64 6.87
CA LEU B 493 31.42 27.91 8.24
C LEU B 493 32.46 27.41 9.23
N THR B 494 33.05 26.24 8.97
CA THR B 494 34.09 25.73 9.84
C THR B 494 35.32 26.62 9.81
N LEU B 495 35.68 27.14 8.63
CA LEU B 495 36.85 28.00 8.54
C LEU B 495 36.66 29.29 9.34
N CYS B 496 35.47 29.87 9.30
CA CYS B 496 35.19 31.05 10.12
C CYS B 496 35.20 30.74 11.60
N ALA B 497 35.03 29.48 11.97
CA ALA B 497 34.99 29.06 13.37
C ALA B 497 36.35 28.68 13.92
N ALA B 498 37.40 28.70 13.09
CA ALA B 498 38.75 28.41 13.54
C ALA B 498 39.75 29.49 13.22
N VAL B 499 39.36 30.54 12.50
CA VAL B 499 40.24 31.63 12.13
C VAL B 499 39.59 32.94 12.53
N ASP B 500 40.38 33.83 13.15
CA ASP B 500 39.83 35.07 13.66
C ASP B 500 39.66 36.13 12.57
N SER B 501 40.67 36.30 11.73
CA SER B 501 40.64 37.34 10.72
C SER B 501 39.55 37.06 9.69
N ASP B 502 39.06 38.13 9.07
CA ASP B 502 37.93 38.02 8.16
C ASP B 502 38.28 37.18 6.94
N ILE B 503 37.38 36.27 6.58
CA ILE B 503 37.55 35.38 5.45
C ILE B 503 36.78 35.96 4.27
N THR B 504 37.48 36.20 3.17
CA THR B 504 36.91 36.85 2.00
C THR B 504 37.06 35.97 0.77
N PHE B 505 36.02 35.95 -0.05
CA PHE B 505 36.01 35.20 -1.31
C PHE B 505 36.22 36.17 -2.46
N VAL B 506 37.23 35.89 -3.30
CA VAL B 506 37.54 36.78 -4.41
C VAL B 506 36.85 36.37 -5.70
N GLY B 507 36.48 35.10 -5.84
CA GLY B 507 35.80 34.62 -7.03
C GLY B 507 34.91 33.45 -6.70
N ASN B 508 34.33 32.86 -7.74
CA ASN B 508 33.47 31.71 -7.56
C ASN B 508 34.25 30.53 -6.99
N ARG B 509 33.97 30.19 -5.74
CA ARG B 509 34.55 29.01 -5.09
C ARG B 509 36.08 29.07 -5.07
N MET B 510 36.60 30.06 -4.35
CA MET B 510 38.04 30.17 -4.14
C MET B 510 38.31 31.10 -2.97
N ILE B 511 39.25 30.69 -2.11
CA ILE B 511 39.64 31.50 -0.96
C ILE B 511 40.65 32.53 -1.40
N ALA B 512 40.38 33.80 -1.12
CA ALA B 512 41.30 34.87 -1.49
C ALA B 512 42.63 34.68 -0.78
N PRO B 513 43.76 34.76 -1.49
CA PRO B 513 45.06 34.49 -0.85
C PRO B 513 45.41 35.57 0.17
N LEU B 514 45.84 35.13 1.35
CA LEU B 514 46.22 36.06 2.39
C LEU B 514 47.49 36.81 2.01
N PRO B 515 47.62 38.08 2.41
CA PRO B 515 48.81 38.84 2.06
C PRO B 515 50.05 38.27 2.71
N GLU B 516 51.19 38.46 2.05
CA GLU B 516 52.46 37.97 2.57
C GLU B 516 52.77 38.62 3.91
N GLY B 517 53.17 37.80 4.88
CA GLY B 517 53.53 38.29 6.19
C GLY B 517 52.38 38.52 7.14
N TYR B 518 51.17 38.09 6.79
CA TYR B 518 50.00 38.27 7.63
C TYR B 518 49.71 36.98 8.38
N ILE B 519 49.63 37.09 9.71
CA ILE B 519 49.33 35.95 10.56
C ILE B 519 48.11 36.27 11.42
N PRO B 520 47.00 35.54 11.20
CA PRO B 520 45.91 35.87 12.11
C PRO B 520 46.07 35.07 13.39
N LYS B 521 45.33 35.41 14.42
CA LYS B 521 45.32 34.64 15.65
C LYS B 521 44.28 33.52 15.56
N PRO B 522 44.49 32.42 16.29
CA PRO B 522 43.48 31.36 16.33
C PRO B 522 42.21 31.84 17.01
N MET B 523 41.09 31.27 16.59
CA MET B 523 39.80 31.68 17.13
C MET B 523 39.68 31.31 18.60
N HIS B 524 39.14 32.23 19.40
CA HIS B 524 38.98 32.04 20.84
C HIS B 524 37.51 31.72 21.11
N ARG B 525 37.17 30.45 20.94
CA ARG B 525 35.80 29.97 21.13
C ARG B 525 35.72 29.10 22.38
N ASN B 526 34.62 29.23 23.11
CA ASN B 526 34.45 28.54 24.38
C ASN B 526 33.77 27.18 24.14
N ASN B 527 33.34 26.54 25.23
CA ASN B 527 32.80 25.18 25.15
C ASN B 527 31.55 25.13 24.27
N SER B 528 30.65 26.08 24.44
CA SER B 528 29.35 26.06 23.77
C SER B 528 29.34 26.93 22.53
N THR B 529 30.45 26.98 21.78
CA THR B 529 30.46 27.65 20.49
C THR B 529 30.17 26.69 19.35
N MET B 530 30.75 25.50 19.37
CA MET B 530 30.44 24.49 18.36
C MET B 530 28.99 24.03 18.45
N LYS B 531 28.36 24.15 19.62
CA LYS B 531 26.96 23.76 19.75
C LYS B 531 26.06 24.76 19.06
N MET B 532 26.31 26.07 19.25
CA MET B 532 25.42 27.09 18.71
C MET B 532 25.51 27.20 17.19
N LEU B 533 26.68 26.95 16.61
CA LEU B 533 26.77 26.96 15.15
C LEU B 533 25.89 25.87 14.54
N SER B 534 25.90 24.68 15.15
CA SER B 534 25.08 23.58 14.64
C SER B 534 23.60 23.81 14.88
N LEU B 535 23.25 24.53 15.94
CA LEU B 535 21.84 24.90 16.14
C LEU B 535 21.41 25.93 15.11
N TYR B 536 22.32 26.82 14.70
CA TYR B 536 22.02 27.73 13.61
C TYR B 536 21.85 26.97 12.30
N VAL B 537 22.67 25.93 12.09
CA VAL B 537 22.52 25.07 10.92
C VAL B 537 21.20 24.34 10.96
N ALA B 538 20.83 23.82 12.14
CA ALA B 538 19.57 23.08 12.26
C ALA B 538 18.37 23.96 11.96
N LEU B 539 18.39 25.22 12.43
CA LEU B 539 17.29 26.13 12.13
C LEU B 539 17.28 26.52 10.66
N LYS B 540 18.43 26.52 9.99
CA LYS B 540 18.49 26.78 8.56
C LYS B 540 18.29 25.52 7.73
N LYS B 541 18.30 24.34 8.36
CA LYS B 541 17.99 23.09 7.67
C LYS B 541 16.55 22.65 7.87
N LEU B 542 15.93 23.04 8.98
CA LEU B 542 14.55 22.66 9.24
C LEU B 542 13.59 23.33 8.26
N GLU B 543 13.83 24.60 7.94
CA GLU B 543 12.95 25.29 6.99
C GLU B 543 13.21 24.87 5.54
N ASN B 544 14.38 24.32 5.25
CA ASN B 544 14.70 23.89 3.88
C ASN B 544 15.63 22.69 4.01
N PHE B 545 15.08 21.49 3.83
CA PHE B 545 15.82 20.26 4.05
C PHE B 545 16.71 19.87 2.87
N ALA B 546 16.53 20.48 1.71
CA ALA B 546 17.28 20.12 0.52
C ALA B 546 18.39 21.12 0.18
N THR B 547 18.72 22.00 1.11
CA THR B 547 19.73 23.03 0.84
C THR B 547 21.14 22.48 1.04
N ASN B 548 22.07 23.03 0.26
CA ASN B 548 23.50 22.84 0.47
C ASN B 548 24.16 24.13 0.91
N SER B 549 23.38 25.16 1.22
CA SER B 549 23.88 26.42 1.73
C SER B 549 23.11 26.78 2.99
N TYR B 550 23.83 27.19 4.03
CA TYR B 550 23.25 27.54 5.31
C TYR B 550 23.43 29.03 5.59
N LEU B 551 23.28 29.84 4.55
CA LEU B 551 23.49 31.28 4.61
C LEU B 551 22.15 31.99 4.70
N MET B 552 22.10 33.05 5.51
CA MET B 552 20.86 33.78 5.69
C MET B 552 20.57 34.68 4.49
N ALA B 553 19.34 35.19 4.45
CA ALA B 553 18.88 36.06 3.37
C ALA B 553 18.02 37.20 3.93
N PRO B 554 18.40 38.47 3.64
CA PRO B 554 17.79 39.64 4.28
C PRO B 554 16.83 39.42 5.45
N ASP B 555 17.26 38.62 6.42
CA ASP B 555 16.44 38.31 7.60
C ASP B 555 17.22 38.61 8.87
N THR B 556 16.71 38.17 10.02
CA THR B 556 17.38 38.41 11.29
C THR B 556 17.34 37.15 12.16
N SER B 557 18.28 37.07 13.09
CA SER B 557 18.39 35.92 13.99
C SER B 557 19.12 36.37 15.26
N ILE B 558 18.36 36.58 16.33
CA ILE B 558 18.96 36.98 17.61
C ILE B 558 19.16 35.73 18.46
N ILE B 559 20.20 35.75 19.29
CA ILE B 559 20.56 34.63 20.14
C ILE B 559 20.36 35.06 21.59
N LEU B 560 19.51 34.33 22.31
CA LEU B 560 19.16 34.67 23.69
C LEU B 560 20.06 33.87 24.62
N LEU B 561 21.06 34.53 25.19
CA LEU B 561 22.07 33.86 26.00
C LEU B 561 22.85 34.91 26.77
N GLY B 562 23.19 34.59 28.02
CA GLY B 562 23.98 35.52 28.83
C GLY B 562 25.28 35.93 28.15
N ALA B 563 26.05 34.95 27.69
CA ALA B 563 27.15 35.17 26.76
C ALA B 563 28.18 36.15 27.34
N GLU B 564 28.88 35.68 28.37
CA GLU B 564 29.98 36.46 28.93
C GLU B 564 30.95 36.90 27.84
N ARG B 565 31.32 35.97 26.95
CA ARG B 565 31.95 36.30 25.68
C ARG B 565 31.33 35.41 24.63
N GLU B 566 30.71 36.01 23.62
CA GLU B 566 29.99 35.23 22.62
C GLU B 566 30.76 35.22 21.30
N PRO B 567 31.46 34.13 20.98
CA PRO B 567 32.17 34.06 19.70
C PRO B 567 31.28 33.54 18.58
N ALA B 568 30.16 32.91 18.93
CA ALA B 568 29.23 32.43 17.92
C ALA B 568 28.67 33.59 17.10
N VAL B 569 28.30 34.69 17.77
CA VAL B 569 27.85 35.87 17.04
C VAL B 569 28.97 36.40 16.15
N ASN B 570 30.20 36.41 16.65
CA ASN B 570 31.34 36.86 15.85
C ASN B 570 31.56 35.94 14.66
N ILE B 571 31.41 34.63 14.85
CA ILE B 571 31.60 33.69 13.75
C ILE B 571 30.51 33.86 12.70
N LEU B 572 29.25 33.98 13.14
CA LEU B 572 28.15 34.07 12.19
C LEU B 572 28.19 35.36 11.38
N ARG B 573 28.57 36.48 12.02
CA ARG B 573 28.69 37.74 11.29
C ARG B 573 29.76 37.64 10.22
N ARG B 574 30.89 37.00 10.54
CA ARG B 574 31.95 36.81 9.56
C ARG B 574 31.52 35.87 8.45
N PHE B 575 30.58 34.96 8.74
CA PHE B 575 30.14 33.98 7.76
C PHE B 575 29.08 34.54 6.81
N ASN B 576 28.29 35.51 7.26
CA ASN B 576 27.21 36.08 6.45
C ASN B 576 27.49 37.52 6.05
N ARG B 577 28.75 37.87 5.80
CA ARG B 577 29.08 39.25 5.48
C ARG B 577 28.60 39.63 4.09
N ASN B 578 28.56 38.69 3.16
CA ASN B 578 28.14 38.98 1.79
C ASN B 578 26.63 39.16 1.66
N VAL B 579 25.87 38.87 2.71
CA VAL B 579 24.44 39.10 2.67
C VAL B 579 24.16 40.60 2.53
N SER B 580 23.09 40.93 1.81
CA SER B 580 22.79 42.33 1.52
C SER B 580 22.54 43.13 2.78
N ASN B 581 21.63 42.66 3.63
CA ASN B 581 21.37 43.33 4.90
C ASN B 581 20.80 42.31 5.88
N VAL B 582 21.63 41.84 6.80
CA VAL B 582 21.23 40.87 7.81
C VAL B 582 21.72 41.34 9.17
N ARG B 583 20.86 41.27 10.18
CA ARG B 583 21.20 41.67 11.53
C ARG B 583 21.08 40.48 12.48
N ILE B 584 22.12 40.27 13.29
CA ILE B 584 22.11 39.29 14.36
C ILE B 584 22.72 39.93 15.59
N ILE B 585 22.18 39.60 16.76
CA ILE B 585 22.63 40.21 18.01
C ILE B 585 22.30 39.25 19.14
N GLY B 586 23.09 39.32 20.20
CA GLY B 586 22.87 38.50 21.38
C GLY B 586 22.23 39.31 22.50
N MET B 587 21.39 38.64 23.28
CA MET B 587 20.77 39.22 24.45
C MET B 587 20.89 38.26 25.61
N GLY B 588 21.21 38.78 26.79
CA GLY B 588 21.38 37.91 27.94
C GLY B 588 21.68 38.70 29.19
N ASP B 589 21.87 37.94 30.27
CA ASP B 589 22.07 38.54 31.59
C ASP B 589 23.48 39.10 31.75
N ARG B 590 24.46 38.47 31.11
CA ARG B 590 25.85 38.86 31.30
C ARG B 590 26.51 39.15 29.96
N ALA B 591 25.85 39.92 29.11
CA ALA B 591 26.33 40.16 27.75
C ALA B 591 27.18 41.43 27.69
N VAL B 592 28.17 41.40 26.80
CA VAL B 592 29.03 42.55 26.54
C VAL B 592 28.85 42.96 25.09
N GLU B 593 29.56 44.01 24.67
CA GLU B 593 29.48 44.46 23.29
C GLU B 593 29.93 43.34 22.36
N PRO B 594 29.27 43.14 21.20
CA PRO B 594 28.14 43.92 20.68
C PRO B 594 26.76 43.43 21.13
N ASN B 595 26.72 42.44 22.02
CA ASN B 595 25.46 41.92 22.50
C ASN B 595 24.82 42.87 23.51
N ILE B 596 23.52 42.71 23.71
CA ILE B 596 22.73 43.58 24.58
C ILE B 596 22.51 42.87 25.90
N ARG B 597 22.51 43.62 26.99
CA ARG B 597 22.34 43.09 28.34
C ARG B 597 20.93 43.41 28.81
N VAL B 598 20.03 42.43 28.68
CA VAL B 598 18.64 42.53 29.13
C VAL B 598 18.34 41.32 30.00
N ARG B 599 17.08 41.23 30.44
CA ARG B 599 16.61 40.11 31.24
C ARG B 599 15.31 39.58 30.65
N VAL B 600 15.16 38.26 30.66
CA VAL B 600 13.96 37.60 30.15
C VAL B 600 13.05 37.29 31.33
N PRO B 601 11.76 37.66 31.27
CA PRO B 601 11.04 38.28 30.16
C PRO B 601 11.44 39.72 29.90
N PHE B 602 11.30 40.15 28.64
CA PHE B 602 11.79 41.44 28.21
C PHE B 602 11.00 42.57 28.87
N PRO B 603 11.57 43.78 28.92
CA PRO B 603 10.88 44.89 29.55
C PRO B 603 9.56 45.20 28.85
N ILE B 604 8.61 45.73 29.62
CA ILE B 604 7.25 45.96 29.14
C ILE B 604 7.15 47.04 28.08
N ASP B 605 8.25 47.72 27.76
CA ASP B 605 8.23 48.83 26.82
C ASP B 605 9.39 48.78 25.86
N LYS B 606 9.76 47.59 25.40
CA LYS B 606 10.80 47.43 24.40
C LYS B 606 10.32 46.47 23.32
N ASN B 607 10.69 46.77 22.08
CA ASN B 607 10.26 45.99 20.92
C ASN B 607 11.44 45.17 20.41
N ILE B 608 11.29 43.85 20.39
CA ILE B 608 12.29 42.95 19.85
C ILE B 608 11.60 41.88 19.02
N SER B 609 12.08 41.69 17.79
CA SER B 609 11.50 40.71 16.89
C SER B 609 12.61 40.08 16.08
N ALA B 610 12.40 38.83 15.68
CA ALA B 610 13.41 38.10 14.92
C ALA B 610 12.73 36.96 14.17
N ASP B 611 13.49 36.38 13.23
CA ASP B 611 13.04 35.21 12.49
C ASP B 611 13.54 33.90 13.08
N PHE B 612 14.63 33.92 13.84
CA PHE B 612 15.18 32.74 14.48
C PHE B 612 15.50 33.06 15.93
N ILE B 613 15.38 32.05 16.78
CA ILE B 613 15.76 32.14 18.19
C ILE B 613 16.63 30.92 18.52
N ILE B 614 17.77 31.17 19.15
CA ILE B 614 18.54 30.12 19.80
C ILE B 614 18.66 30.53 21.26
N CYS B 615 18.23 29.65 22.16
CA CYS B 615 18.25 29.96 23.58
C CYS B 615 18.89 28.81 24.34
N ASP B 616 19.90 29.14 25.15
CA ASP B 616 20.51 28.20 26.10
C ASP B 616 20.72 28.99 27.38
N ILE B 617 19.72 28.97 28.25
CA ILE B 617 19.73 29.73 29.50
C ILE B 617 19.80 28.73 30.64
N ASN B 618 20.83 28.85 31.47
CA ASN B 618 21.01 27.99 32.63
C ASN B 618 20.65 28.73 33.90
N SER B 619 20.45 27.97 34.97
CA SER B 619 20.16 28.51 36.29
C SER B 619 21.40 28.38 37.14
N TYR B 620 22.18 29.46 37.24
CA TYR B 620 23.41 29.43 38.01
C TYR B 620 23.15 29.15 39.48
N GLU B 621 22.08 29.71 40.02
CA GLU B 621 21.70 29.41 41.39
C GLU B 621 20.95 28.08 41.45
N ASP B 622 20.79 27.57 42.68
CA ASP B 622 19.99 26.38 42.94
C ASP B 622 18.70 26.80 43.62
N GLN B 623 17.57 26.41 43.04
CA GLN B 623 16.26 26.82 43.52
C GLN B 623 15.35 25.60 43.57
N SER B 624 14.14 25.81 44.07
CA SER B 624 13.18 24.73 44.17
C SER B 624 12.60 24.40 42.80
N PHE B 625 11.92 23.25 42.73
CA PHE B 625 11.28 22.85 41.48
C PHE B 625 10.20 23.84 41.07
N GLU B 626 9.59 24.53 42.04
CA GLU B 626 8.62 25.57 41.72
C GLU B 626 9.27 26.73 40.98
N SER B 627 10.45 27.15 41.44
CA SER B 627 11.11 28.31 40.83
C SER B 627 11.68 27.97 39.47
N MET B 628 12.27 26.79 39.32
CA MET B 628 12.79 26.38 38.03
C MET B 628 11.67 26.25 37.00
N PHE B 629 10.52 25.71 37.42
CA PHE B 629 9.41 25.51 36.51
C PHE B 629 8.92 26.83 35.92
N SER B 630 8.77 27.84 36.76
CA SER B 630 8.31 29.14 36.29
C SER B 630 9.35 29.81 35.39
N GLU B 631 10.63 29.67 35.74
CA GLU B 631 11.68 30.35 34.99
C GLU B 631 11.75 29.87 33.55
N THR B 632 11.67 28.56 33.34
CA THR B 632 11.75 28.04 31.98
C THR B 632 10.48 28.29 31.20
N ILE B 633 9.31 28.13 31.85
CA ILE B 633 8.03 28.37 31.18
C ILE B 633 7.92 29.82 30.73
N SER B 634 8.32 30.75 31.59
CA SER B 634 8.34 32.16 31.19
C SER B 634 9.31 32.40 30.05
N VAL B 635 10.45 31.70 30.05
CA VAL B 635 11.42 31.85 28.97
C VAL B 635 10.88 31.22 27.68
N VAL B 636 10.20 30.07 27.79
CA VAL B 636 9.63 29.44 26.61
C VAL B 636 8.50 30.29 26.05
N THR B 637 7.70 30.90 26.93
CA THR B 637 6.66 31.82 26.47
C THR B 637 7.27 33.00 25.72
N THR B 638 8.34 33.58 26.25
CA THR B 638 8.96 34.73 25.62
C THR B 638 9.60 34.34 24.28
N CYS B 639 10.22 33.17 24.21
CA CYS B 639 10.95 32.78 22.99
C CYS B 639 9.99 32.45 21.85
N ALA B 640 8.93 31.69 22.14
CA ALA B 640 8.06 31.20 21.06
C ALA B 640 7.28 32.34 20.43
N SER B 641 6.83 33.31 21.24
CA SER B 641 6.00 34.40 20.73
C SER B 641 6.80 35.46 19.99
N ALA B 642 8.11 35.54 20.20
CA ALA B 642 8.93 36.60 19.64
C ALA B 642 9.55 36.26 18.29
N ALA B 643 9.33 35.05 17.78
CA ALA B 643 9.90 34.68 16.49
C ALA B 643 9.12 33.51 15.92
N THR B 644 9.29 33.30 14.61
CA THR B 644 8.59 32.23 13.92
C THR B 644 9.26 30.87 14.09
N ARG B 645 10.50 30.82 14.56
CA ARG B 645 11.20 29.57 14.80
C ARG B 645 12.12 29.74 16.00
N ALA B 646 12.30 28.66 16.76
CA ALA B 646 13.08 28.74 17.99
C ALA B 646 13.59 27.38 18.38
N LEU B 647 14.76 27.36 19.03
CA LEU B 647 15.30 26.19 19.71
C LEU B 647 15.62 26.59 21.13
N VAL B 648 14.73 26.24 22.07
CA VAL B 648 14.88 26.61 23.46
C VAL B 648 15.46 25.42 24.22
N LYS B 649 16.56 25.65 24.93
CA LYS B 649 17.19 24.60 25.71
C LYS B 649 16.39 24.33 26.97
N ILE B 650 16.14 23.06 27.26
CA ILE B 650 15.50 22.63 28.49
C ILE B 650 16.59 22.01 29.37
N ASN B 651 16.87 22.66 30.49
CA ASN B 651 17.90 22.16 31.40
C ASN B 651 17.49 20.81 32.00
N HIS B 652 16.21 20.67 32.35
CA HIS B 652 15.69 19.46 32.98
C HIS B 652 14.50 18.97 32.17
N PRO B 653 14.74 18.17 31.12
CA PRO B 653 13.64 17.64 30.31
C PRO B 653 13.00 16.44 30.98
N SER B 654 11.80 16.64 31.51
CA SER B 654 11.03 15.57 32.14
C SER B 654 9.63 15.54 31.54
N GLU B 655 8.95 14.41 31.72
CA GLU B 655 7.65 14.23 31.10
C GLU B 655 6.66 15.29 31.57
N TYR B 656 6.66 15.59 32.87
CA TYR B 656 5.80 16.67 33.37
C TYR B 656 6.23 18.02 32.82
N MET B 657 7.53 18.25 32.74
CA MET B 657 8.04 19.57 32.33
C MET B 657 7.77 19.81 30.85
N ILE B 658 8.10 18.85 29.99
CA ILE B 658 7.99 19.07 28.56
C ILE B 658 6.53 19.14 28.12
N ASN B 659 5.64 18.41 28.80
CA ASN B 659 4.22 18.44 28.43
C ASN B 659 3.58 19.76 28.84
N SER B 660 3.92 20.27 30.03
CA SER B 660 3.33 21.52 30.48
C SER B 660 3.72 22.68 29.57
N VAL B 661 4.84 22.56 28.86
CA VAL B 661 5.19 23.54 27.84
C VAL B 661 4.16 23.54 26.73
N ILE B 662 3.70 22.35 26.34
CA ILE B 662 2.69 22.24 25.29
C ILE B 662 1.39 22.92 25.71
N GLU B 663 0.98 22.71 26.96
CA GLU B 663 -0.27 23.30 27.44
C GLU B 663 -0.21 24.82 27.38
N ARG B 664 0.91 25.42 27.80
CA ARG B 664 1.06 26.87 27.73
C ARG B 664 1.15 27.35 26.30
N LEU B 665 1.81 26.59 25.43
CA LEU B 665 1.97 26.99 24.04
C LEU B 665 0.63 27.02 23.31
N SER B 666 -0.37 26.28 23.81
CA SER B 666 -1.68 26.26 23.18
C SER B 666 -2.58 27.39 23.65
N GLN B 667 -2.10 28.23 24.57
CA GLN B 667 -2.86 29.39 25.04
C GLN B 667 -2.30 30.72 24.54
N LEU B 668 -1.17 30.71 23.84
CA LEU B 668 -0.52 31.93 23.39
C LEU B 668 -1.29 32.50 22.20
N GLY B 669 -2.42 33.14 22.50
CA GLY B 669 -3.25 33.72 21.47
C GLY B 669 -3.99 32.72 20.62
N GLY B 670 -4.21 31.51 21.12
CA GLY B 670 -4.96 30.50 20.39
C GLY B 670 -4.31 30.08 19.09
N VAL B 671 -2.99 30.21 18.99
CA VAL B 671 -2.26 29.84 17.78
C VAL B 671 -1.81 28.40 17.89
N PHE B 672 -1.86 27.68 16.77
CA PHE B 672 -1.45 26.28 16.74
C PHE B 672 0.05 26.20 16.53
N TYR B 673 0.74 25.48 17.41
CA TYR B 673 2.18 25.39 17.42
C TYR B 673 2.64 23.97 17.14
N HIS B 674 3.80 23.85 16.51
CA HIS B 674 4.44 22.57 16.26
C HIS B 674 5.65 22.41 17.16
N THR B 675 5.78 21.23 17.76
CA THR B 675 6.80 20.98 18.78
C THR B 675 7.52 19.68 18.48
N ALA B 676 8.85 19.70 18.58
CA ALA B 676 9.66 18.50 18.37
C ALA B 676 10.99 18.67 19.09
N LEU B 677 11.38 17.67 19.86
CA LEU B 677 12.67 17.70 20.54
C LEU B 677 13.81 17.55 19.55
N LEU B 678 14.98 18.07 19.92
CA LEU B 678 16.11 18.08 19.01
C LEU B 678 17.41 17.98 19.81
N LYS B 679 18.21 16.98 19.51
CA LYS B 679 19.52 16.78 20.13
C LYS B 679 20.57 16.82 19.04
N THR B 680 21.59 17.65 19.23
CA THR B 680 22.56 17.96 18.20
C THR B 680 23.81 17.10 18.34
N ALA B 681 24.49 16.86 17.21
CA ALA B 681 25.70 16.05 17.21
C ALA B 681 26.94 16.83 17.61
N SER B 682 26.83 18.13 17.83
CA SER B 682 27.95 18.95 18.30
C SER B 682 27.79 19.33 19.77
N GLN B 683 27.20 18.44 20.55
CA GLN B 683 26.86 18.67 21.95
C GLN B 683 27.66 17.70 22.81
N ASN B 684 27.61 17.91 24.12
CA ASN B 684 28.30 17.01 25.04
C ASN B 684 27.78 15.59 24.85
N PRO B 685 28.65 14.59 24.73
CA PRO B 685 28.19 13.23 24.45
C PRO B 685 27.26 12.65 25.49
N TYR B 686 27.31 13.12 26.73
CA TYR B 686 26.52 12.54 27.81
C TYR B 686 25.46 13.48 28.38
N SER B 687 25.41 14.74 27.95
CA SER B 687 24.44 15.68 28.50
C SER B 687 23.04 15.27 28.12
N TYR B 688 22.14 15.23 29.10
CA TYR B 688 20.73 14.93 28.85
C TYR B 688 19.91 16.17 28.54
N GLU B 689 20.50 17.36 28.62
CA GLU B 689 19.79 18.57 28.24
C GLU B 689 19.40 18.49 26.77
N THR B 690 18.14 18.79 26.49
CA THR B 690 17.59 18.69 25.14
C THR B 690 16.99 20.02 24.73
N TYR B 691 16.82 20.18 23.42
CA TYR B 691 16.31 21.42 22.85
C TYR B 691 14.93 21.19 22.28
N ILE B 692 14.01 22.09 22.59
CA ILE B 692 12.64 22.04 22.09
C ILE B 692 12.52 23.00 20.91
N TYR B 693 11.93 22.51 19.82
CA TYR B 693 11.73 23.32 18.62
C TYR B 693 10.26 23.73 18.55
N ILE B 694 10.02 25.04 18.47
CA ILE B 694 8.67 25.59 18.48
C ILE B 694 8.47 26.46 17.26
N THR B 695 7.41 26.20 16.50
CA THR B 695 7.05 27.04 15.36
C THR B 695 5.54 26.95 15.15
N PRO B 696 4.90 28.06 14.76
CA PRO B 696 3.46 28.01 14.48
C PRO B 696 3.16 27.15 13.28
N ILE B 697 1.99 26.50 13.33
CA ILE B 697 1.54 25.59 12.28
C ILE B 697 0.15 26.01 11.85
N ALA B 698 -0.18 25.74 10.58
CA ALA B 698 -1.49 26.11 10.06
C ALA B 698 -2.60 25.31 10.73
N ALA B 699 -2.44 23.98 10.78
CA ALA B 699 -3.44 23.09 11.37
C ALA B 699 -2.89 22.50 12.65
N ALA B 700 -3.70 22.51 13.70
CA ALA B 700 -3.28 21.98 14.99
C ALA B 700 -2.87 20.52 14.85
N VAL B 701 -1.73 20.18 15.46
CA VAL B 701 -1.18 18.83 15.32
C VAL B 701 -2.04 17.82 16.08
N ARG B 702 -2.08 16.60 15.57
CA ARG B 702 -2.94 15.57 16.14
C ARG B 702 -2.39 15.03 17.45
N PHE B 703 -1.09 14.81 17.54
CA PHE B 703 -0.43 14.30 18.74
C PHE B 703 0.58 15.33 19.21
N PRO B 704 0.20 16.24 20.11
CA PRO B 704 1.12 17.29 20.54
C PRO B 704 1.87 16.96 21.81
N PHE B 705 1.50 15.88 22.49
CA PHE B 705 2.01 15.58 23.82
C PHE B 705 3.01 14.44 23.77
N TYR B 706 3.99 14.50 24.68
CA TYR B 706 5.04 13.50 24.79
C TYR B 706 4.74 12.52 25.91
N SER B 707 5.01 11.24 25.66
CA SER B 707 4.91 10.21 26.69
C SER B 707 5.82 9.06 26.31
N ASN B 708 6.77 8.74 27.19
CA ASN B 708 7.73 7.67 26.96
C ASN B 708 8.46 7.88 25.64
N SER B 709 9.22 8.98 25.58
CA SER B 709 9.99 9.33 24.40
C SER B 709 11.47 9.08 24.65
N ALA B 710 12.22 9.00 23.54
CA ALA B 710 13.63 8.63 23.62
C ALA B 710 14.43 9.68 24.36
N MET B 711 14.22 10.96 24.06
CA MET B 711 15.05 12.03 24.57
C MET B 711 14.62 12.54 25.94
N ILE B 712 13.54 12.01 26.50
CA ILE B 712 13.13 12.37 27.85
C ILE B 712 13.56 11.25 28.79
N ASN B 713 13.70 10.04 28.25
CA ASN B 713 14.05 8.89 29.06
C ASN B 713 15.48 8.94 29.58
N ARG B 714 16.40 9.59 28.86
CA ARG B 714 17.76 9.70 29.36
C ARG B 714 17.81 10.46 30.68
N TYR B 715 17.04 11.55 30.78
CA TYR B 715 17.00 12.30 32.04
C TYR B 715 16.22 11.55 33.11
N MET B 716 15.11 10.92 32.73
CA MET B 716 14.26 10.27 33.71
C MET B 716 14.92 9.01 34.28
N THR B 717 15.51 8.19 33.41
CA THR B 717 16.09 6.93 33.85
C THR B 717 17.42 7.09 34.56
N ALA B 718 18.01 8.30 34.54
CA ALA B 718 19.27 8.54 35.22
C ALA B 718 19.00 8.86 36.69
N VAL B 719 18.60 7.82 37.42
CA VAL B 719 18.31 7.95 38.84
C VAL B 719 19.61 7.90 39.64
N ALA B 720 19.61 8.59 40.78
CA ALA B 720 20.81 8.69 41.60
C ALA B 720 21.33 7.31 41.98
N ASP B 721 22.66 7.15 41.91
CA ASP B 721 23.29 5.88 42.21
C ASP B 721 23.27 5.59 43.70
N ASP B 722 23.58 4.33 44.05
CA ASP B 722 23.63 3.88 45.42
C ASP B 722 25.04 3.68 45.95
N GLU B 723 26.04 3.67 45.07
CA GLU B 723 27.43 3.57 45.49
C GLU B 723 28.27 4.64 44.79
N MET B 724 29.60 4.56 44.94
CA MET B 724 30.51 5.50 44.32
C MET B 724 30.85 5.07 42.90
N PRO B 725 31.05 6.03 41.99
CA PRO B 725 31.47 5.67 40.63
C PRO B 725 32.81 4.95 40.63
N ILE B 726 32.98 4.03 39.69
CA ILE B 726 34.22 3.27 39.59
C ILE B 726 35.25 4.09 38.85
N ILE B 727 36.50 3.96 39.26
CA ILE B 727 37.62 4.70 38.71
C ILE B 727 38.55 3.71 38.02
N PRO B 728 39.00 3.97 36.78
CA PRO B 728 39.91 3.04 36.13
C PRO B 728 41.23 2.95 36.88
N SER B 729 41.86 1.78 36.79
CA SER B 729 43.06 1.48 37.55
C SER B 729 44.13 0.89 36.64
N ILE B 730 45.37 0.91 37.12
CA ILE B 730 46.49 0.30 36.44
C ILE B 730 47.07 -0.77 37.37
N HIS B 731 47.09 -2.01 36.91
CA HIS B 731 47.55 -3.14 37.71
C HIS B 731 48.91 -3.60 37.19
N THR B 732 49.87 -3.73 38.09
CA THR B 732 51.23 -4.12 37.73
C THR B 732 51.52 -5.59 37.94
N VAL B 733 50.72 -6.28 38.76
CA VAL B 733 50.94 -7.69 39.06
C VAL B 733 49.93 -8.52 38.27
N ILE B 734 50.45 -9.45 37.46
CA ILE B 734 49.62 -10.38 36.70
C ILE B 734 49.58 -11.70 37.44
N LYS B 735 48.39 -12.25 37.61
CA LYS B 735 48.19 -13.50 38.33
C LYS B 735 47.57 -14.54 37.42
N GLY B 736 47.74 -15.81 37.80
CA GLY B 736 47.13 -16.90 37.07
C GLY B 736 45.77 -17.29 37.60
N HIS B 737 44.72 -17.05 36.81
CA HIS B 737 43.34 -17.33 37.19
C HIS B 737 42.98 -16.68 38.52
N SER B 738 43.03 -15.35 38.53
CA SER B 738 42.54 -14.55 39.64
C SER B 738 41.41 -13.67 39.13
N ASN B 739 40.29 -13.66 39.84
CA ASN B 739 39.11 -12.89 39.45
C ASN B 739 39.00 -11.57 40.18
N THR B 740 40.11 -11.06 40.73
CA THR B 740 40.11 -9.86 41.55
C THR B 740 40.59 -8.63 40.80
N TYR B 741 40.25 -8.51 39.51
CA TYR B 741 40.74 -7.43 38.68
C TYR B 741 39.59 -6.47 38.36
N SER B 742 39.75 -5.21 38.75
CA SER B 742 38.85 -4.14 38.35
C SER B 742 39.14 -3.73 36.92
N PRO B 743 38.20 -3.06 36.25
CA PRO B 743 38.47 -2.56 34.91
C PRO B 743 39.63 -1.58 34.90
N GLY B 744 40.42 -1.62 33.83
CA GLY B 744 41.58 -0.77 33.72
C GLY B 744 42.57 -1.16 32.65
N LEU B 745 43.85 -1.23 32.99
CA LEU B 745 44.89 -1.55 32.03
C LEU B 745 46.01 -2.32 32.73
N PHE B 746 46.84 -2.97 31.92
CA PHE B 746 48.08 -3.59 32.37
C PHE B 746 49.24 -2.81 31.72
N CYS B 747 49.79 -1.84 32.45
CA CYS B 747 50.87 -1.01 31.97
C CYS B 747 52.12 -1.32 32.78
N GLY B 748 53.19 -1.71 32.10
CA GLY B 748 54.43 -2.03 32.78
C GLY B 748 55.44 -2.63 31.82
N CYS B 749 56.57 -3.05 32.39
CA CYS B 749 57.65 -3.65 31.63
C CYS B 749 58.12 -4.92 32.31
N VAL B 750 58.61 -5.86 31.51
CA VAL B 750 59.09 -7.15 32.01
C VAL B 750 60.27 -7.59 31.18
N ASP B 751 61.13 -8.43 31.76
CA ASP B 751 62.31 -8.91 31.06
C ASP B 751 61.92 -9.72 29.83
N VAL B 752 62.71 -9.60 28.77
CA VAL B 752 62.34 -10.21 27.49
C VAL B 752 62.33 -11.72 27.59
N GLN B 753 63.13 -12.30 28.50
CA GLN B 753 63.12 -13.74 28.68
C GLN B 753 61.83 -14.23 29.32
N SER B 754 61.13 -13.36 30.05
CA SER B 754 59.86 -13.71 30.69
C SER B 754 58.66 -13.13 29.96
N ALA B 755 58.87 -12.54 28.78
CA ALA B 755 57.75 -12.01 28.01
C ALA B 755 56.75 -13.08 27.59
N PRO B 756 57.16 -14.24 27.05
CA PRO B 756 56.17 -15.27 26.74
C PRO B 756 55.35 -15.72 27.93
N LEU B 757 55.94 -15.78 29.13
CA LEU B 757 55.17 -16.14 30.31
C LEU B 757 54.18 -15.04 30.67
N ALA B 758 54.63 -13.78 30.65
CA ALA B 758 53.72 -12.68 30.99
C ALA B 758 52.66 -12.49 29.92
N LEU B 759 53.03 -12.70 28.65
CA LEU B 759 52.06 -12.54 27.57
C LEU B 759 51.01 -13.65 27.61
N SER B 760 51.39 -14.86 28.01
CA SER B 760 50.48 -16.00 28.03
C SER B 760 49.65 -16.07 29.31
N GLN B 761 49.86 -15.17 30.27
CA GLN B 761 49.08 -15.16 31.49
C GLN B 761 48.04 -14.06 31.56
N LEU B 762 48.22 -12.99 30.78
CA LEU B 762 47.20 -11.95 30.69
C LEU B 762 46.21 -12.20 29.56
N LYS B 763 46.34 -13.33 28.86
CA LYS B 763 45.30 -13.74 27.92
C LYS B 763 43.98 -14.06 28.60
N SER B 764 44.03 -14.42 29.89
CA SER B 764 42.82 -14.73 30.64
C SER B 764 42.03 -13.50 31.03
N TYR B 765 42.61 -12.30 30.89
CA TYR B 765 41.92 -11.06 31.23
C TYR B 765 41.78 -10.11 30.06
N CYS B 766 42.66 -10.20 29.05
CA CYS B 766 42.65 -9.29 27.92
C CYS B 766 42.58 -10.06 26.62
N SER B 767 42.00 -9.44 25.60
CA SER B 767 41.88 -10.03 24.28
C SER B 767 42.89 -9.49 23.29
N GLU B 768 43.40 -8.28 23.51
CA GLU B 768 44.41 -7.67 22.65
C GLU B 768 45.50 -7.06 23.52
N ALA B 769 46.75 -7.34 23.17
CA ALA B 769 47.89 -6.87 23.95
C ALA B 769 48.96 -6.34 23.02
N THR B 770 49.58 -5.24 23.43
CA THR B 770 50.62 -4.57 22.64
C THR B 770 51.95 -4.68 23.36
N THR B 771 52.97 -5.18 22.66
CA THR B 771 54.30 -5.31 23.22
C THR B 771 55.33 -4.72 22.27
N TRP B 772 56.37 -4.12 22.82
CA TRP B 772 57.49 -3.61 22.04
C TRP B 772 58.69 -3.43 22.94
N ARG B 773 59.85 -3.30 22.31
CA ARG B 773 61.11 -3.08 23.00
C ARG B 773 61.68 -1.75 22.54
N VAL B 774 62.04 -0.89 23.49
CA VAL B 774 62.34 0.51 23.17
C VAL B 774 63.57 0.59 22.26
N ASP B 775 64.63 -0.13 22.59
CA ASP B 775 65.87 -0.09 21.83
C ASP B 775 66.37 -1.52 21.59
N SER B 776 67.23 -1.64 20.58
CA SER B 776 67.83 -2.93 20.26
C SER B 776 68.77 -3.43 21.35
N ASP B 777 69.16 -2.57 22.28
CA ASP B 777 69.99 -2.97 23.41
C ASP B 777 69.20 -3.16 24.71
N ASP B 778 68.01 -2.56 24.81
CA ASP B 778 67.21 -2.66 26.02
C ASP B 778 66.58 -4.05 26.11
N ASN B 779 66.69 -4.68 27.28
CA ASN B 779 66.20 -6.03 27.49
C ASN B 779 64.80 -6.07 28.05
N LEU B 780 64.14 -4.92 28.22
CA LEU B 780 62.82 -4.84 28.82
C LEU B 780 61.78 -4.62 27.74
N VAL B 781 60.73 -5.42 27.76
CA VAL B 781 59.61 -5.31 26.81
C VAL B 781 58.43 -4.68 27.54
N ASN B 782 57.79 -3.72 26.89
CA ASN B 782 56.70 -2.95 27.48
C ASN B 782 55.37 -3.55 27.03
N ILE B 783 54.48 -3.80 27.98
CA ILE B 783 53.22 -4.46 27.73
C ILE B 783 52.08 -3.52 28.09
N ILE B 784 51.15 -3.32 27.16
CA ILE B 784 49.91 -2.58 27.40
C ILE B 784 48.75 -3.48 27.01
N ALA B 785 47.80 -3.66 27.92
CA ALA B 785 46.67 -4.55 27.66
C ALA B 785 45.48 -4.10 28.49
N ARG B 786 44.41 -3.71 27.81
CA ARG B 786 43.18 -3.31 28.48
C ARG B 786 42.38 -4.53 28.89
N ILE B 787 41.77 -4.47 30.06
CA ILE B 787 41.01 -5.60 30.60
C ILE B 787 39.67 -5.68 29.90
N ASP B 788 39.38 -6.84 29.32
CA ASP B 788 38.16 -7.08 28.56
C ASP B 788 37.21 -7.95 29.36
N PRO B 789 36.09 -7.42 29.87
CA PRO B 789 35.18 -8.26 30.67
C PRO B 789 34.54 -9.37 29.88
N ALA B 790 34.53 -9.31 28.54
CA ALA B 790 34.07 -10.45 27.76
C ALA B 790 35.04 -11.61 27.87
N ARG B 791 36.35 -11.32 27.89
CA ARG B 791 37.34 -12.38 28.07
C ARG B 791 37.32 -12.93 29.49
N ILE B 792 36.88 -12.12 30.46
CA ILE B 792 36.65 -12.63 31.81
C ILE B 792 35.55 -13.67 31.80
N ALA B 793 34.50 -13.45 30.99
CA ALA B 793 33.37 -14.36 30.97
C ALA B 793 33.69 -15.65 30.24
N LEU B 794 34.39 -15.57 29.10
CA LEU B 794 34.68 -16.77 28.33
C LEU B 794 35.70 -17.65 29.06
N GLU B 795 36.75 -17.05 29.60
CA GLU B 795 37.59 -17.72 30.57
C GLU B 795 36.84 -17.81 31.89
N PHE B 796 37.46 -18.44 32.89
CA PHE B 796 36.99 -18.50 34.27
C PHE B 796 35.73 -19.35 34.41
N ARG B 797 35.18 -19.89 33.32
CA ARG B 797 34.08 -20.83 33.43
C ARG B 797 34.54 -22.15 34.04
N THR B 798 35.79 -22.53 33.77
CA THR B 798 36.37 -23.76 34.29
C THR B 798 37.76 -23.43 34.84
N ARG B 799 38.21 -24.26 35.79
CA ARG B 799 39.50 -24.03 36.43
C ARG B 799 40.68 -24.31 35.51
N SER B 800 40.45 -24.86 34.32
CA SER B 800 41.54 -25.18 33.41
C SER B 800 42.28 -23.92 32.99
N ASN B 801 43.61 -24.04 32.84
CA ASN B 801 44.48 -22.93 32.48
C ASN B 801 45.34 -23.37 31.29
N THR B 802 44.87 -23.11 30.08
CA THR B 802 45.59 -23.48 28.87
C THR B 802 45.76 -22.25 27.99
N SER B 803 46.86 -22.24 27.24
CA SER B 803 47.20 -21.09 26.42
C SER B 803 48.21 -21.52 25.37
N ALA B 804 48.47 -20.62 24.43
CA ALA B 804 49.48 -20.85 23.39
C ALA B 804 50.86 -20.39 23.85
N TYR B 805 51.27 -20.86 25.01
CA TYR B 805 52.55 -20.43 25.58
C TYR B 805 53.72 -20.89 24.72
N HIS B 806 53.63 -22.09 24.14
CA HIS B 806 54.70 -22.59 23.28
C HIS B 806 54.86 -21.74 22.02
N GLU B 807 53.80 -21.05 21.58
CA GLU B 807 53.91 -20.18 20.42
C GLU B 807 54.59 -18.87 20.75
N TYR B 808 54.38 -18.34 21.96
CA TYR B 808 54.95 -17.05 22.33
C TYR B 808 56.47 -17.10 22.48
N GLN B 809 57.03 -18.28 22.74
CA GLN B 809 58.48 -18.39 22.85
C GLN B 809 59.18 -18.17 21.53
N ARG B 810 58.46 -18.24 20.41
CA ARG B 810 59.06 -18.05 19.10
C ARG B 810 59.37 -16.59 18.79
N TYR B 811 58.92 -15.66 19.63
CA TYR B 811 59.14 -14.24 19.39
C TYR B 811 60.41 -13.70 20.05
N VAL B 812 61.01 -14.47 20.95
CA VAL B 812 62.16 -13.95 21.72
C VAL B 812 63.40 -13.92 20.83
N PRO B 813 64.11 -12.79 20.73
CA PRO B 813 63.73 -11.54 21.37
C PRO B 813 63.24 -10.44 20.41
N ASN B 814 63.47 -10.63 19.11
CA ASN B 814 63.15 -9.59 18.13
C ASN B 814 61.72 -9.70 17.59
N GLY B 815 60.99 -10.77 17.92
CA GLY B 815 59.60 -10.86 17.51
C GLY B 815 58.69 -9.90 18.23
N LEU B 816 59.10 -9.44 19.41
CA LEU B 816 58.44 -8.33 20.06
C LEU B 816 58.91 -7.04 19.40
N GLY B 817 58.01 -6.09 19.26
CA GLY B 817 58.28 -4.94 18.41
C GLY B 817 59.40 -4.07 18.92
N PHE B 818 59.88 -3.21 18.03
CA PHE B 818 60.86 -2.18 18.35
C PHE B 818 60.30 -0.83 17.98
N LYS B 819 60.32 0.11 18.92
CA LYS B 819 59.77 1.44 18.67
C LYS B 819 60.45 2.43 19.59
N VAL B 820 61.04 3.48 19.02
CA VAL B 820 61.73 4.49 19.80
C VAL B 820 60.84 5.68 20.15
N ARG B 821 59.76 5.90 19.40
CA ARG B 821 58.87 7.01 19.67
C ARG B 821 58.05 6.76 20.93
N LYS B 822 57.43 7.83 21.44
CA LYS B 822 56.61 7.72 22.63
C LYS B 822 55.32 6.98 22.30
N THR B 823 54.70 6.43 23.35
CA THR B 823 53.43 5.71 23.22
C THR B 823 52.36 6.48 23.96
N ARG B 824 51.28 6.82 23.26
CA ARG B 824 50.15 7.54 23.84
C ARG B 824 48.98 6.58 23.94
N GLU B 825 48.42 6.44 25.13
CA GLU B 825 47.30 5.55 25.39
C GLU B 825 46.26 6.29 26.20
N PHE B 826 44.98 6.02 25.93
CA PHE B 826 43.88 6.69 26.58
C PHE B 826 43.14 5.71 27.48
N ARG B 827 42.72 6.20 28.65
CA ARG B 827 41.94 5.37 29.55
C ARG B 827 40.56 5.07 28.98
N TYR B 828 39.99 5.99 28.21
CA TYR B 828 38.67 5.83 27.61
C TYR B 828 38.82 5.93 26.09
N MET B 829 38.77 4.79 25.41
CA MET B 829 38.94 4.76 23.96
C MET B 829 37.58 4.94 23.27
N HIS B 830 37.57 4.85 21.95
CA HIS B 830 36.38 5.15 21.17
C HIS B 830 35.84 3.89 20.50
N ARG B 831 34.51 3.75 20.55
CA ARG B 831 33.82 2.65 19.88
C ARG B 831 32.59 3.20 19.18
N GLU B 832 32.17 2.52 18.12
CA GLU B 832 31.08 3.00 17.28
C GLU B 832 29.74 2.90 18.01
N VAL B 833 28.75 3.63 17.47
CA VAL B 833 27.43 3.70 18.11
C VAL B 833 26.81 2.31 18.20
N THR B 834 26.89 1.55 17.11
CA THR B 834 26.33 0.21 17.12
C THR B 834 27.00 -0.66 18.16
N PHE B 835 28.32 -0.55 18.29
CA PHE B 835 29.04 -1.30 19.31
C PHE B 835 28.62 -0.88 20.71
N ILE B 836 28.42 0.42 20.93
CA ILE B 836 27.95 0.88 22.23
C ILE B 836 26.59 0.28 22.55
N HIS B 837 25.66 0.36 21.59
CA HIS B 837 24.30 -0.09 21.83
C HIS B 837 24.24 -1.58 22.12
N LYS B 838 25.10 -2.37 21.48
CA LYS B 838 25.14 -3.80 21.76
C LYS B 838 25.52 -4.06 23.21
N LEU B 839 26.52 -3.35 23.71
CA LEU B 839 26.98 -3.57 25.08
C LEU B 839 25.92 -3.18 26.09
N MET B 840 25.20 -2.08 25.84
CA MET B 840 24.16 -1.66 26.77
C MET B 840 23.03 -2.68 26.83
N MET B 841 22.69 -3.27 25.67
CA MET B 841 21.62 -4.26 25.64
C MET B 841 22.03 -5.54 26.35
N TYR B 842 23.31 -5.91 26.28
CA TYR B 842 23.79 -7.08 27.00
C TYR B 842 23.68 -6.89 28.51
N ALA B 843 24.00 -5.68 29.00
CA ALA B 843 23.90 -5.41 30.41
C ALA B 843 22.45 -5.53 30.89
N LEU B 844 21.50 -5.10 30.05
CA LEU B 844 20.08 -5.22 30.41
C LEU B 844 19.67 -6.67 30.55
N ILE B 845 20.12 -7.53 29.64
CA ILE B 845 19.79 -8.94 29.72
C ILE B 845 20.52 -9.60 30.88
N ARG B 846 21.78 -9.21 31.11
CA ARG B 846 22.56 -9.83 32.18
C ARG B 846 22.00 -9.50 33.55
N GLU B 847 21.38 -8.33 33.72
CA GLU B 847 20.74 -8.01 34.99
C GLU B 847 19.50 -8.86 35.20
N GLN B 848 18.68 -9.03 34.16
CA GLN B 848 17.46 -9.83 34.29
C GLN B 848 17.76 -11.32 34.42
N ILE B 849 18.76 -11.80 33.68
CA ILE B 849 19.06 -13.23 33.70
C ILE B 849 19.56 -13.65 35.08
N SER B 850 20.15 -12.74 35.84
CA SER B 850 20.56 -13.05 37.20
C SER B 850 19.36 -13.23 38.11
N LEU B 851 18.32 -12.42 37.91
CA LEU B 851 17.13 -12.53 38.75
C LEU B 851 16.36 -13.81 38.49
N THR B 852 16.54 -14.44 37.33
CA THR B 852 15.92 -15.74 37.09
C THR B 852 16.61 -16.80 37.92
N GLU B 853 15.81 -17.68 38.53
CA GLU B 853 16.32 -18.73 39.38
C GLU B 853 15.80 -20.08 38.90
N ASN B 854 16.41 -21.15 39.41
CA ASN B 854 16.05 -22.51 39.06
C ASN B 854 16.09 -22.73 37.55
N MET B 855 17.13 -22.18 36.91
CA MET B 855 17.28 -22.24 35.46
C MET B 855 18.64 -22.84 35.15
N THR B 856 18.66 -23.82 34.25
CA THR B 856 19.84 -24.68 34.11
C THR B 856 20.82 -24.20 33.05
N GLN B 857 20.34 -23.87 31.84
CA GLN B 857 21.24 -23.57 30.74
C GLN B 857 20.73 -22.35 29.97
N VAL B 858 21.60 -21.83 29.11
CA VAL B 858 21.28 -20.70 28.24
C VAL B 858 21.60 -21.10 26.81
N VAL B 859 20.64 -20.90 25.91
CA VAL B 859 20.80 -21.24 24.50
C VAL B 859 20.79 -19.95 23.70
N SER B 860 21.86 -19.71 22.95
CA SER B 860 21.99 -18.52 22.11
C SER B 860 21.78 -18.92 20.66
N ILE B 861 20.80 -18.29 20.02
CA ILE B 861 20.50 -18.60 18.62
C ILE B 861 21.20 -17.63 17.68
N GLY B 862 21.10 -16.33 17.95
CA GLY B 862 21.80 -15.38 17.10
C GLY B 862 23.29 -15.30 17.36
N GLY B 863 23.76 -15.82 18.50
CA GLY B 863 25.14 -15.68 18.92
C GLY B 863 26.16 -16.17 17.91
N ARG B 864 26.92 -15.25 17.35
CA ARG B 864 27.98 -15.57 16.40
C ARG B 864 29.33 -15.44 17.08
N ASN B 865 30.18 -16.45 16.89
CA ASN B 865 31.49 -16.56 17.54
C ASN B 865 31.48 -16.13 19.00
N LEU B 866 30.61 -16.76 19.80
CA LEU B 866 30.57 -16.55 21.25
C LEU B 866 30.33 -15.09 21.62
N ALA B 867 29.48 -14.42 20.84
CA ALA B 867 29.21 -13.01 21.09
C ALA B 867 28.39 -12.80 22.36
N ASP B 868 27.54 -13.76 22.72
CA ASP B 868 26.63 -13.61 23.84
C ASP B 868 27.15 -14.23 25.13
N ILE B 869 28.43 -14.59 25.17
CA ILE B 869 29.00 -15.17 26.39
C ILE B 869 29.05 -14.17 27.53
N SER B 870 28.91 -12.87 27.23
CA SER B 870 29.01 -11.85 28.26
C SER B 870 27.92 -12.01 29.31
N VAL B 871 26.69 -12.32 28.89
CA VAL B 871 25.55 -12.37 29.80
C VAL B 871 25.41 -13.69 30.53
N VAL B 872 26.08 -14.73 30.08
CA VAL B 872 25.90 -16.06 30.66
C VAL B 872 26.68 -16.13 31.98
N PRO B 873 26.04 -16.49 33.09
CA PRO B 873 26.78 -16.69 34.34
C PRO B 873 27.77 -17.83 34.20
N LEU B 874 28.83 -17.76 35.01
CA LEU B 874 29.94 -18.71 34.91
C LEU B 874 29.57 -20.11 35.40
N ASN B 875 28.39 -20.29 35.98
CA ASN B 875 28.00 -21.59 36.51
C ASN B 875 27.19 -22.43 35.55
N MET B 876 26.37 -21.82 34.68
CA MET B 876 25.43 -22.57 33.86
C MET B 876 25.96 -22.79 32.46
N LYS B 877 25.44 -23.85 31.82
CA LYS B 877 25.85 -24.24 30.49
C LYS B 877 25.45 -23.19 29.46
N TYR B 878 26.22 -23.13 28.37
CA TYR B 878 25.99 -22.19 27.29
C TYR B 878 25.96 -22.95 25.97
N VAL B 879 24.90 -22.74 25.19
CA VAL B 879 24.70 -23.45 23.94
C VAL B 879 24.53 -22.42 22.83
N VAL B 880 25.23 -22.64 21.72
CA VAL B 880 25.19 -21.74 20.57
C VAL B 880 24.67 -22.52 19.36
N ILE B 881 23.70 -21.94 18.67
CA ILE B 881 23.12 -22.53 17.46
C ILE B 881 23.41 -21.54 16.33
N ASP B 882 24.41 -21.85 15.51
CA ASP B 882 24.80 -20.91 14.46
C ASP B 882 25.50 -21.64 13.31
N PRO B 883 24.97 -21.58 12.09
CA PRO B 883 25.70 -22.13 10.95
C PRO B 883 27.04 -21.45 10.70
N ALA B 884 27.13 -20.15 10.97
CA ALA B 884 28.36 -19.39 10.72
C ALA B 884 29.11 -19.23 12.04
N THR B 885 29.83 -20.28 12.41
CA THR B 885 30.66 -20.26 13.62
C THR B 885 31.75 -21.31 13.44
N ARG B 886 33.00 -20.92 13.70
CA ARG B 886 34.10 -21.86 13.64
C ARG B 886 33.99 -22.86 14.79
N ILE B 887 33.94 -24.14 14.46
CA ILE B 887 33.71 -25.21 15.43
C ILE B 887 35.05 -25.83 15.78
N GLU B 888 35.36 -25.89 17.07
CA GLU B 888 36.59 -26.50 17.57
C GLU B 888 36.19 -27.31 18.80
N THR B 889 36.11 -28.64 18.62
CA THR B 889 35.43 -29.47 19.62
C THR B 889 36.23 -29.58 20.91
N LEU B 890 37.57 -29.57 20.83
CA LEU B 890 38.36 -29.81 22.04
C LEU B 890 38.36 -28.60 22.95
N THR B 891 38.48 -27.39 22.39
CA THR B 891 38.50 -26.20 23.22
C THR B 891 37.13 -25.88 23.82
N GLN B 892 36.04 -26.19 23.10
CA GLN B 892 34.71 -25.91 23.62
C GLN B 892 34.32 -26.87 24.74
N GLU B 893 34.98 -28.02 24.84
CA GLU B 893 34.75 -28.91 25.98
C GLU B 893 35.39 -28.37 27.24
N LYS B 894 36.53 -27.70 27.11
CA LYS B 894 37.25 -27.20 28.28
C LYS B 894 36.49 -26.08 28.97
N LYS B 895 35.87 -25.20 28.20
CA LYS B 895 35.20 -24.02 28.75
C LYS B 895 33.70 -24.20 28.91
N ASN B 896 33.20 -25.44 28.78
CA ASN B 896 31.80 -25.76 29.07
C ASN B 896 30.84 -24.99 28.17
N ILE B 897 31.06 -25.09 26.86
CA ILE B 897 30.19 -24.49 25.86
C ILE B 897 29.89 -25.52 24.79
N GLU B 898 28.64 -25.57 24.35
CA GLU B 898 28.21 -26.44 23.27
C GLU B 898 27.80 -25.61 22.07
N VAL B 899 28.13 -26.10 20.87
CA VAL B 899 27.84 -25.39 19.63
C VAL B 899 27.13 -26.34 18.68
N GLN B 900 26.17 -25.81 17.92
CA GLN B 900 25.47 -26.56 16.89
C GLN B 900 25.57 -25.78 15.59
N SER B 901 26.08 -26.44 14.54
CA SER B 901 26.16 -25.81 13.23
C SER B 901 24.85 -25.89 12.46
N ARG B 902 23.89 -26.68 12.93
CA ARG B 902 22.61 -26.77 12.26
C ARG B 902 21.83 -25.47 12.45
N PRO B 903 21.23 -24.93 11.39
CA PRO B 903 20.46 -23.69 11.54
C PRO B 903 19.22 -23.90 12.38
N PHE B 904 18.81 -22.83 13.07
CA PHE B 904 17.58 -22.83 13.85
C PHE B 904 16.39 -22.63 12.92
N GLN B 905 15.48 -23.60 12.90
CA GLN B 905 14.29 -23.53 12.07
C GLN B 905 13.12 -23.05 12.91
N PHE B 906 12.45 -21.99 12.44
CA PHE B 906 11.40 -21.34 13.22
C PHE B 906 10.03 -21.97 12.92
N ASP B 907 9.95 -23.28 13.12
CA ASP B 907 8.72 -24.04 12.94
C ASP B 907 8.25 -24.50 14.31
N ALA B 908 7.15 -23.91 14.80
CA ALA B 908 6.67 -24.24 16.14
C ALA B 908 6.32 -25.71 16.29
N ALA B 909 6.05 -26.41 15.19
CA ALA B 909 5.84 -27.86 15.27
C ALA B 909 7.14 -28.59 15.57
N ASN B 910 8.22 -28.22 14.88
CA ASN B 910 9.51 -28.88 15.05
C ASN B 910 10.47 -28.07 15.91
N MET B 911 9.98 -27.05 16.60
CA MET B 911 10.84 -26.19 17.41
C MET B 911 11.09 -26.85 18.77
N ASP B 912 12.36 -26.94 19.16
CA ASP B 912 12.75 -27.64 20.37
C ASP B 912 13.08 -26.63 21.46
N LEU B 913 12.40 -26.75 22.60
CA LEU B 913 12.70 -25.99 23.79
C LEU B 913 12.81 -26.93 24.99
N GLU B 914 13.80 -26.68 25.84
CA GLU B 914 13.93 -27.45 27.06
C GLU B 914 13.01 -26.88 28.14
N ASN B 915 12.78 -27.68 29.18
CA ASN B 915 11.89 -27.24 30.25
C ASN B 915 12.47 -26.06 31.01
N ASN B 916 13.78 -26.07 31.25
CA ASN B 916 14.46 -24.98 31.97
C ASN B 916 15.60 -24.48 31.10
N SER B 917 15.40 -23.34 30.44
CA SER B 917 16.40 -22.77 29.54
C SER B 917 16.04 -21.32 29.28
N ILE B 918 17.02 -20.58 28.75
CA ILE B 918 16.83 -19.19 28.34
C ILE B 918 17.33 -19.04 26.91
N TYR B 919 16.51 -18.43 26.06
CA TYR B 919 16.79 -18.30 24.65
C TYR B 919 16.99 -16.83 24.28
N LEU B 920 18.05 -16.54 23.53
CA LEU B 920 18.44 -15.18 23.20
C LEU B 920 18.39 -15.02 21.68
N PHE B 921 17.31 -14.40 21.19
CA PHE B 921 17.17 -14.07 19.78
C PHE B 921 17.54 -12.59 19.61
N ILE B 922 18.84 -12.33 19.56
CA ILE B 922 19.37 -10.97 19.53
C ILE B 922 19.86 -10.68 18.11
N ALA B 923 19.28 -9.66 17.49
CA ALA B 923 19.69 -9.14 16.19
C ALA B 923 19.70 -10.22 15.11
N VAL B 924 18.94 -11.29 15.29
CA VAL B 924 18.97 -12.42 14.37
C VAL B 924 17.69 -12.55 13.56
N ILE B 925 16.55 -12.09 14.09
CA ILE B 925 15.27 -12.29 13.41
C ILE B 925 15.19 -11.49 12.11
N MET B 926 15.84 -10.32 12.06
CA MET B 926 15.71 -9.47 10.88
C MET B 926 16.47 -10.01 9.67
N ASN B 927 17.28 -11.04 9.83
CA ASN B 927 18.11 -11.52 8.73
C ASN B 927 17.95 -13.01 8.50
N GLU B 928 18.77 -13.57 7.62
CA GLU B 928 18.89 -14.99 7.36
C GLU B 928 20.34 -15.38 7.48
N PRO B 929 20.63 -16.66 7.74
CA PRO B 929 22.04 -17.07 7.92
C PRO B 929 22.91 -16.83 6.70
N ASN B 930 22.34 -16.70 5.50
CA ASN B 930 23.12 -16.43 4.31
C ASN B 930 23.29 -14.94 4.04
N GLY B 931 22.81 -14.08 4.94
CA GLY B 931 23.02 -12.65 4.84
C GLY B 931 21.85 -11.85 4.33
N ALA B 932 20.82 -12.50 3.80
CA ALA B 932 19.68 -11.78 3.26
C ALA B 932 18.79 -11.27 4.39
N ALA B 933 17.80 -10.47 4.02
CA ALA B 933 16.89 -9.83 4.97
C ALA B 933 15.49 -10.39 4.81
N THR B 934 14.90 -10.86 5.92
CA THR B 934 13.52 -11.33 5.90
C THR B 934 12.56 -10.15 5.96
N PRO B 935 11.48 -10.19 5.19
CA PRO B 935 10.50 -9.09 5.22
C PRO B 935 9.74 -9.07 6.55
N ALA B 936 9.01 -7.97 6.75
CA ALA B 936 8.31 -7.77 8.01
C ALA B 936 7.30 -8.87 8.28
N ARG B 937 6.64 -9.36 7.23
CA ARG B 937 5.69 -10.47 7.40
C ARG B 937 6.41 -11.74 7.86
N MET B 938 7.60 -12.00 7.31
CA MET B 938 8.35 -13.18 7.71
C MET B 938 8.86 -13.07 9.14
N GLN B 939 9.24 -11.86 9.56
CA GLN B 939 9.75 -11.68 10.92
C GLN B 939 8.67 -11.94 11.95
N MET B 940 7.48 -11.37 11.75
CA MET B 940 6.41 -11.53 12.74
C MET B 940 5.95 -12.98 12.84
N ASP B 941 6.16 -13.78 11.81
CA ASP B 941 5.87 -15.21 11.91
C ASP B 941 6.85 -15.89 12.86
N LYS B 942 8.10 -15.44 12.91
CA LYS B 942 9.09 -16.08 13.76
C LYS B 942 8.82 -15.80 15.23
N ILE B 943 8.35 -14.60 15.56
CA ILE B 943 7.91 -14.32 16.92
C ILE B 943 6.72 -15.19 17.27
N ARG B 944 5.77 -15.31 16.34
CA ARG B 944 4.57 -16.11 16.57
C ARG B 944 4.92 -17.58 16.77
N ASN B 945 5.82 -18.12 15.95
CA ASN B 945 6.20 -19.52 16.08
C ASN B 945 6.92 -19.80 17.39
N VAL B 946 7.81 -18.89 17.80
CA VAL B 946 8.55 -19.09 19.06
C VAL B 946 7.62 -18.97 20.25
N ALA B 947 6.77 -17.95 20.27
CA ALA B 947 5.88 -17.73 21.41
C ALA B 947 4.86 -18.85 21.54
N THR B 948 4.35 -19.36 20.42
CA THR B 948 3.39 -20.47 20.47
C THR B 948 4.07 -21.74 20.97
N ALA B 949 5.26 -22.04 20.47
CA ALA B 949 6.00 -23.20 20.96
C ALA B 949 6.57 -22.96 22.35
N MET B 950 6.64 -21.71 22.79
CA MET B 950 7.04 -21.41 24.16
C MET B 950 6.00 -21.90 25.16
N LEU B 951 4.75 -21.99 24.74
CA LEU B 951 3.72 -22.56 25.60
C LEU B 951 3.98 -24.05 25.82
N THR B 952 3.28 -24.62 26.80
CA THR B 952 3.47 -26.01 27.21
C THR B 952 4.91 -26.27 27.62
N ARG B 953 5.53 -25.29 28.28
CA ARG B 953 6.86 -25.43 28.83
C ARG B 953 6.84 -25.10 30.32
N THR B 954 7.75 -25.71 31.07
CA THR B 954 7.74 -25.56 32.52
C THR B 954 8.18 -24.18 32.95
N ASN B 955 9.43 -23.81 32.64
CA ASN B 955 9.99 -22.53 33.06
C ASN B 955 11.00 -22.10 32.00
N CYS B 956 10.55 -21.28 31.05
CA CYS B 956 11.37 -20.86 29.93
C CYS B 956 11.29 -19.35 29.77
N VAL B 957 12.36 -18.76 29.24
CA VAL B 957 12.44 -17.33 28.98
C VAL B 957 13.00 -17.13 27.58
N ALA B 958 12.44 -16.16 26.85
CA ALA B 958 12.90 -15.82 25.51
C ALA B 958 13.09 -14.32 25.39
N TYR B 959 14.18 -13.92 24.74
CA TYR B 959 14.49 -12.52 24.48
C TYR B 959 14.62 -12.32 22.98
N ILE B 960 13.82 -11.41 22.43
CA ILE B 960 13.83 -11.13 20.99
C ILE B 960 13.93 -9.63 20.82
N SER B 961 14.83 -9.19 19.93
CA SER B 961 15.04 -7.79 19.64
C SER B 961 14.71 -7.51 18.18
N PHE B 962 14.19 -6.31 17.92
CA PHE B 962 13.78 -5.91 16.58
C PHE B 962 13.90 -4.40 16.47
N TYR B 963 13.54 -3.88 15.30
CA TYR B 963 13.55 -2.44 15.03
C TYR B 963 12.13 -1.96 14.86
N GLU B 964 11.81 -0.88 15.59
CA GLU B 964 10.46 -0.33 15.53
C GLU B 964 10.32 0.58 14.34
N ALA B 965 9.11 0.78 13.86
CA ALA B 965 8.87 1.58 12.68
C ALA B 965 8.96 3.08 12.92
N GLY B 966 8.97 3.53 14.17
CA GLY B 966 9.05 4.95 14.45
C GLY B 966 10.40 5.56 14.15
N ILE B 967 11.46 4.74 14.09
CA ILE B 967 12.79 5.27 13.81
C ILE B 967 12.87 5.81 12.38
N ILE B 968 12.09 5.25 11.46
CA ILE B 968 12.12 5.71 10.08
C ILE B 968 11.64 7.16 10.00
N THR B 969 10.55 7.48 10.70
CA THR B 969 10.07 8.86 10.74
C THR B 969 11.09 9.77 11.40
N ARG B 970 11.75 9.29 12.45
CA ARG B 970 12.78 10.10 13.11
C ARG B 970 13.98 10.34 12.20
N LEU B 971 14.43 9.30 11.49
CA LEU B 971 15.71 9.37 10.82
C LEU B 971 15.67 10.19 9.53
N ASP B 972 14.56 10.19 8.80
CA ASP B 972 14.52 10.91 7.53
C ASP B 972 14.23 12.39 7.70
N GLN B 973 14.00 12.86 8.92
CA GLN B 973 13.91 14.28 9.23
C GLN B 973 15.16 14.81 9.92
N SER B 974 16.26 14.06 9.86
CA SER B 974 17.48 14.38 10.58
C SER B 974 18.67 14.26 9.64
N THR B 975 19.74 14.97 9.96
CA THR B 975 20.97 14.92 9.18
C THR B 975 22.15 14.40 10.00
N ALA B 976 21.91 13.87 11.19
CA ALA B 976 22.98 13.30 12.00
C ALA B 976 23.18 11.81 11.75
N HIS B 977 22.44 11.23 10.81
CA HIS B 977 22.59 9.81 10.50
C HIS B 977 23.98 9.56 9.89
N LYS B 978 24.85 8.93 10.67
CA LYS B 978 26.20 8.62 10.22
C LYS B 978 26.28 7.21 9.64
N THR B 979 25.96 6.21 10.46
CA THR B 979 25.91 4.82 10.02
C THR B 979 24.53 4.21 10.18
N ILE B 980 23.58 4.91 10.80
CA ILE B 980 22.21 4.46 10.93
C ILE B 980 21.36 5.23 9.94
N ARG B 981 21.18 4.69 8.74
CA ARG B 981 20.58 5.41 7.64
C ARG B 981 19.23 4.80 7.25
N VAL B 982 18.45 5.57 6.49
CA VAL B 982 17.20 5.11 5.92
C VAL B 982 17.41 4.98 4.42
N GLU B 983 17.19 3.77 3.89
CA GLU B 983 17.35 3.47 2.48
C GLU B 983 16.05 2.87 1.97
N GLU B 984 15.24 3.70 1.31
CA GLU B 984 13.95 3.28 0.76
C GLU B 984 13.05 2.70 1.84
N GLY B 985 12.96 3.39 2.97
CA GLY B 985 12.10 2.97 4.05
C GLY B 985 12.65 1.83 4.89
N ARG B 986 13.95 1.54 4.79
CA ARG B 986 14.57 0.46 5.55
C ARG B 986 15.76 1.01 6.31
N LEU B 987 16.20 0.25 7.32
CA LEU B 987 17.34 0.66 8.14
C LEU B 987 18.62 0.04 7.61
N LYS B 988 19.57 0.89 7.23
CA LYS B 988 20.90 0.47 6.83
C LYS B 988 21.83 0.72 8.01
N VAL B 989 22.29 -0.35 8.66
CA VAL B 989 23.13 -0.25 9.84
C VAL B 989 24.37 -1.13 9.64
N ALA B 990 25.55 -0.53 9.88
CA ALA B 990 26.82 -1.25 9.81
C ALA B 990 27.02 -1.95 8.48
N ASN B 991 26.74 -1.20 7.40
CA ASN B 991 26.91 -1.64 6.00
C ASN B 991 26.29 -3.02 5.73
N TYR B 992 25.29 -3.39 6.52
CA TYR B 992 24.53 -4.62 6.30
C TYR B 992 23.62 -4.45 5.08
N VAL B 993 22.86 -5.48 4.77
CA VAL B 993 21.76 -5.30 3.82
C VAL B 993 20.59 -4.63 4.54
N PRO B 994 20.02 -3.56 3.99
CA PRO B 994 18.94 -2.86 4.70
C PRO B 994 17.79 -3.80 5.03
N VAL B 995 17.26 -3.64 6.25
CA VAL B 995 16.18 -4.49 6.75
C VAL B 995 15.01 -3.58 7.10
N ASP B 996 13.82 -4.17 7.06
CA ASP B 996 12.60 -3.45 7.37
C ASP B 996 12.30 -3.50 8.86
N THR B 997 11.32 -2.70 9.28
CA THR B 997 11.02 -2.48 10.68
C THR B 997 9.62 -2.99 11.02
N LEU B 998 9.46 -3.42 12.26
CA LEU B 998 8.21 -3.94 12.77
C LEU B 998 7.48 -2.88 13.59
N VAL B 999 6.16 -2.93 13.55
CA VAL B 999 5.32 -2.01 14.31
C VAL B 999 5.10 -2.59 15.70
N GLU B 1000 5.26 -1.75 16.73
CA GLU B 1000 5.11 -2.20 18.10
C GLU B 1000 3.69 -2.66 18.40
N ALA B 1001 2.70 -1.94 17.87
CA ALA B 1001 1.31 -2.30 18.13
C ALA B 1001 0.96 -3.65 17.55
N ASP B 1002 1.44 -3.94 16.34
CA ASP B 1002 1.19 -5.23 15.72
C ASP B 1002 1.84 -6.36 16.52
N VAL B 1003 3.08 -6.16 16.96
CA VAL B 1003 3.79 -7.21 17.70
C VAL B 1003 3.12 -7.46 19.04
N THR B 1004 2.77 -6.39 19.77
CA THR B 1004 2.09 -6.57 21.05
C THR B 1004 0.72 -7.20 20.86
N LEU B 1005 -0.03 -6.76 19.86
CA LEU B 1005 -1.36 -7.33 19.61
C LEU B 1005 -1.27 -8.81 19.30
N MET B 1006 -0.23 -9.23 18.57
CA MET B 1006 -0.09 -10.64 18.24
C MET B 1006 0.13 -11.50 19.48
N LEU B 1007 0.93 -11.00 20.43
CA LEU B 1007 1.20 -11.79 21.64
C LEU B 1007 0.05 -11.79 22.64
N ARG B 1008 -0.87 -10.85 22.56
CA ARG B 1008 -2.04 -10.90 23.43
C ARG B 1008 -3.01 -11.99 23.01
N ASP B 1009 -3.13 -12.25 21.71
CA ASP B 1009 -3.99 -13.32 21.24
C ASP B 1009 -3.39 -14.69 21.52
N ILE B 1010 -2.06 -14.82 21.37
CA ILE B 1010 -1.42 -16.12 21.53
C ILE B 1010 -1.62 -16.66 22.94
N GLY B 1011 -1.45 -15.80 23.94
CA GLY B 1011 -1.72 -16.21 25.30
C GLY B 1011 -0.48 -16.44 26.14
N ILE B 1012 0.53 -15.60 25.96
CA ILE B 1012 1.79 -15.71 26.70
C ILE B 1012 2.08 -14.37 27.37
N THR B 1013 2.77 -14.42 28.50
CA THR B 1013 3.18 -13.20 29.19
C THR B 1013 4.31 -12.54 28.42
N HIS B 1014 4.18 -11.24 28.18
CA HIS B 1014 5.14 -10.51 27.37
C HIS B 1014 5.41 -9.15 27.99
N GLU B 1015 6.55 -8.58 27.62
CA GLU B 1015 6.96 -7.26 28.08
C GLU B 1015 7.91 -6.67 27.06
N ILE B 1016 8.02 -5.34 27.05
CA ILE B 1016 8.95 -4.63 26.20
C ILE B 1016 9.95 -3.92 27.10
N ILE B 1017 11.20 -4.33 27.04
CA ILE B 1017 12.27 -3.80 27.88
C ILE B 1017 13.23 -3.00 27.01
N ARG B 1018 13.77 -1.92 27.58
CA ARG B 1018 14.72 -1.11 26.85
C ARG B 1018 15.88 -0.71 27.76
N PRO B 1019 17.11 -0.69 27.24
CA PRO B 1019 18.23 -0.23 28.05
C PRO B 1019 18.11 1.24 28.40
N SER B 1020 18.69 1.62 29.53
CA SER B 1020 18.57 2.98 30.04
C SER B 1020 19.93 3.59 30.30
N THR B 1021 19.95 4.76 30.95
CA THR B 1021 21.22 5.43 31.23
C THR B 1021 22.18 4.59 32.05
N PRO B 1022 21.77 3.88 33.11
CA PRO B 1022 22.74 3.02 33.82
C PRO B 1022 23.37 1.97 32.92
N GLU B 1023 22.65 1.45 31.94
CA GLU B 1023 23.26 0.53 30.98
C GLU B 1023 24.30 1.24 30.12
N LEU B 1024 24.05 2.49 29.75
CA LEU B 1024 25.05 3.26 29.01
C LEU B 1024 26.30 3.48 29.84
N ILE B 1025 26.13 3.77 31.13
CA ILE B 1025 27.26 3.99 32.01
C ILE B 1025 28.06 2.70 32.19
N ASP B 1026 27.37 1.59 32.43
CA ASP B 1026 28.06 0.32 32.65
C ASP B 1026 28.87 -0.10 31.43
N ALA B 1027 28.31 0.07 30.24
CA ALA B 1027 29.06 -0.23 29.02
C ALA B 1027 30.26 0.68 28.88
N CYS B 1028 30.15 1.93 29.32
CA CYS B 1028 31.24 2.90 29.21
C CYS B 1028 32.21 2.84 30.38
N SER B 1029 31.90 2.10 31.43
CA SER B 1029 32.78 1.97 32.59
C SER B 1029 33.46 0.62 32.67
N ASN B 1030 32.69 -0.47 32.57
CA ASN B 1030 33.29 -1.80 32.59
C ASN B 1030 34.23 -1.99 31.42
N TYR B 1031 33.84 -1.51 30.24
CA TYR B 1031 34.73 -1.36 29.11
C TYR B 1031 35.19 0.09 29.07
N GLY B 1032 36.49 0.30 28.89
CA GLY B 1032 37.03 1.65 28.87
C GLY B 1032 36.72 2.39 27.59
N ILE B 1033 35.45 2.73 27.38
CA ILE B 1033 34.99 3.38 26.16
C ILE B 1033 34.10 4.57 26.54
N ARG B 1034 33.96 5.51 25.61
CA ARG B 1034 33.08 6.65 25.85
C ARG B 1034 32.35 6.98 24.56
N LEU B 1035 31.26 7.73 24.70
CA LEU B 1035 30.51 8.18 23.54
C LEU B 1035 31.28 9.23 22.75
N GLY B 1036 30.97 9.34 21.46
CA GLY B 1036 31.54 10.35 20.61
C GLY B 1036 30.64 11.56 20.49
N SER B 1037 30.93 12.39 19.49
CA SER B 1037 30.11 13.57 19.24
C SER B 1037 28.91 13.23 18.37
N THR B 1038 29.14 12.55 17.24
CA THR B 1038 28.03 12.12 16.40
C THR B 1038 27.26 10.96 17.00
N GLY B 1039 27.88 10.20 17.91
CA GLY B 1039 27.19 9.10 18.54
C GLY B 1039 26.33 9.48 19.73
N GLY B 1040 26.62 10.61 20.36
CA GLY B 1040 25.83 11.02 21.50
C GLY B 1040 24.41 11.38 21.13
N ALA B 1041 24.22 12.07 20.02
CA ALA B 1041 22.89 12.51 19.62
C ALA B 1041 22.03 11.35 19.12
N VAL B 1042 22.61 10.49 18.28
CA VAL B 1042 21.81 9.46 17.63
C VAL B 1042 21.49 8.29 18.55
N LEU B 1043 22.25 8.10 19.63
CA LEU B 1043 22.09 6.89 20.43
C LEU B 1043 20.81 6.89 21.25
N ASP B 1044 20.29 8.07 21.59
CA ASP B 1044 19.01 8.12 22.29
C ASP B 1044 17.88 7.60 21.41
N VAL B 1045 17.90 7.96 20.12
CA VAL B 1045 16.90 7.45 19.19
C VAL B 1045 17.12 5.95 18.94
N PHE B 1046 18.37 5.51 18.88
CA PHE B 1046 18.66 4.12 18.59
C PHE B 1046 18.15 3.19 19.69
N ASN B 1047 18.26 3.61 20.95
CA ASN B 1047 17.80 2.77 22.05
C ASN B 1047 16.30 2.53 21.98
N HIS B 1048 15.52 3.61 21.89
CA HIS B 1048 14.08 3.50 22.05
C HIS B 1048 13.43 2.67 20.94
N TYR B 1049 14.11 2.48 19.81
CA TYR B 1049 13.54 1.78 18.68
C TYR B 1049 14.33 0.53 18.32
N SER B 1050 15.07 -0.02 19.27
CA SER B 1050 15.63 -1.37 19.17
C SER B 1050 15.32 -2.14 20.45
N PRO B 1051 14.04 -2.36 20.74
CA PRO B 1051 13.67 -2.93 22.04
C PRO B 1051 13.83 -4.44 22.06
N VAL B 1052 13.63 -5.01 23.24
CA VAL B 1052 13.73 -6.45 23.46
C VAL B 1052 12.42 -6.92 24.08
N ILE B 1053 11.90 -8.03 23.57
CA ILE B 1053 10.66 -8.61 24.08
C ILE B 1053 11.02 -9.68 25.10
N LYS B 1054 10.56 -9.52 26.33
CA LYS B 1054 10.83 -10.47 27.40
C LYS B 1054 9.62 -11.37 27.55
N LEU B 1055 9.64 -12.50 26.84
CA LEU B 1055 8.60 -13.51 26.98
C LEU B 1055 9.01 -14.47 28.10
N VAL B 1056 8.11 -14.66 29.06
CA VAL B 1056 8.40 -15.47 30.24
C VAL B 1056 7.19 -16.35 30.53
N ARG B 1057 7.44 -17.46 31.21
CA ARG B 1057 6.38 -18.36 31.63
C ARG B 1057 6.20 -18.34 33.15
N SAM C . -29.44 -34.90 -22.97
CA SAM C . -29.91 -34.01 -21.92
C SAM C . -28.99 -32.79 -21.79
O SAM C . -28.60 -32.41 -20.70
OXT SAM C . -28.63 -32.17 -22.79
CB SAM C . -30.01 -34.75 -20.59
CG SAM C . -28.92 -35.77 -20.33
SD SAM C . -28.80 -36.23 -18.59
CE SAM C . -28.62 -34.60 -17.82
C5' SAM C . -27.09 -36.84 -18.43
C4' SAM C . -26.75 -37.95 -19.42
O4' SAM C . -25.51 -38.53 -19.12
C3' SAM C . -27.78 -39.08 -19.40
O3' SAM C . -28.55 -39.03 -20.58
C2' SAM C . -26.96 -40.35 -19.40
O2' SAM C . -27.27 -41.11 -20.54
C1' SAM C . -25.52 -39.91 -19.44
N9 SAM C . -24.71 -40.69 -18.48
C8 SAM C . -25.10 -41.09 -17.23
N7 SAM C . -24.08 -41.79 -16.67
C5 SAM C . -23.06 -41.84 -17.55
C6 SAM C . -21.81 -42.42 -17.48
N6 SAM C . -21.42 -43.09 -16.39
N1 SAM C . -20.95 -42.31 -18.55
C2 SAM C . -21.34 -41.63 -19.68
N3 SAM C . -22.59 -41.05 -19.74
C4 SAM C . -23.44 -41.16 -18.69
N SAM D . -30.95 -0.44 7.94
CA SAM D . -31.82 -0.63 6.80
C SAM D . -31.76 -2.07 6.30
O SAM D . -32.36 -2.96 6.88
OXT SAM D . -31.09 -2.37 5.31
CB SAM D . -31.47 0.35 5.68
CG SAM D . -29.97 0.59 5.53
SD SAM D . -29.60 2.10 4.61
CE SAM D . -28.22 1.53 3.58
C5' SAM D . -28.71 3.01 5.90
C4' SAM D . -29.53 4.18 6.45
O4' SAM D . -29.16 4.40 7.79
C3' SAM D . -29.27 5.46 5.68
O3' SAM D . -30.41 5.84 4.96
C2' SAM D . -28.95 6.51 6.74
O2' SAM D . -29.89 7.55 6.66
C1' SAM D . -29.07 5.79 8.08
N9 SAM D . -27.86 6.03 8.89
C8 SAM D . -26.62 6.27 8.39
N7 SAM D . -25.78 6.45 9.43
C5 SAM D . -26.47 6.32 10.58
C6 SAM D . -26.09 6.40 11.92
N6 SAM D . -24.82 6.65 12.23
N1 SAM D . -27.03 6.22 12.90
C2 SAM D . -28.35 5.96 12.56
N3 SAM D . -28.71 5.88 11.22
C4 SAM D . -27.79 6.05 10.26
PG ATP E . -89.65 5.89 -10.82
O1G ATP E . -88.67 6.92 -11.26
O2G ATP E . -89.72 4.67 -11.74
O3G ATP E . -91.06 6.43 -10.59
PB ATP E . -88.52 4.00 -8.79
O1B ATP E . -88.87 2.77 -9.53
O2B ATP E . -87.02 4.32 -8.69
O3B ATP E . -89.23 5.28 -9.40
PA ATP E . -90.31 3.29 -6.55
O1A ATP E . -89.94 1.95 -6.03
O2A ATP E . -91.51 3.30 -7.51
O3A ATP E . -89.10 3.98 -7.31
O5' ATP E . -90.60 4.30 -5.37
C5' ATP E . -90.29 5.70 -5.49
C4' ATP E . -91.54 6.45 -5.86
O4' ATP E . -91.42 7.82 -5.46
C3' ATP E . -91.82 6.53 -7.36
O3' ATP E . -92.49 5.34 -7.80
C2' ATP E . -92.73 7.75 -7.45
O2' ATP E . -94.10 7.43 -7.25
C1' ATP E . -92.22 8.63 -6.30
N9 ATP E . -91.44 9.80 -6.72
C8 ATP E . -91.90 11.08 -6.85
N7 ATP E . -90.98 11.93 -7.24
C5 ATP E . -89.84 11.15 -7.38
C6 ATP E . -88.53 11.45 -7.77
N6 ATP E . -88.12 12.68 -8.11
N1 ATP E . -87.63 10.44 -7.80
C2 ATP E . -88.04 9.21 -7.47
N3 ATP E . -89.25 8.81 -7.09
C4 ATP E . -90.12 9.83 -7.06
N SAM F . 28.97 31.62 29.13
CA SAM F . 28.42 30.46 28.45
C SAM F . 27.90 30.81 27.06
O SAM F . 27.05 30.11 26.52
OXT SAM F . 28.32 31.79 26.46
CB SAM F . 27.31 29.83 29.28
CG SAM F . 26.15 30.74 29.67
SD SAM F . 24.82 29.78 30.42
CE SAM F . 24.52 28.59 29.11
C5' SAM F . 23.34 30.81 30.27
C4' SAM F . 23.53 32.30 30.50
O4' SAM F . 22.28 32.95 30.38
C3' SAM F . 24.04 32.59 31.90
O3' SAM F . 25.33 33.16 31.81
C2' SAM F . 23.09 33.60 32.48
O2' SAM F . 23.79 34.77 32.87
C1' SAM F . 22.11 33.94 31.36
N9 SAM F . 20.75 33.95 31.89
C8 SAM F . 20.24 33.13 32.86
N7 SAM F . 18.95 33.45 33.07
C5 SAM F . 18.62 34.47 32.26
C6 SAM F . 17.43 35.16 32.08
N6 SAM F . 16.36 34.85 32.80
N1 SAM F . 17.37 36.18 31.14
C2 SAM F . 18.50 36.50 30.40
N3 SAM F . 19.66 35.80 30.59
C4 SAM F . 19.73 34.79 31.50
N SAM G . 22.96 -12.28 17.91
CA SAM G . 24.37 -11.89 17.97
C SAM G . 24.56 -10.60 18.76
O SAM G . 24.18 -10.51 19.93
OXT SAM G . 25.09 -9.62 18.25
CB SAM G . 24.94 -11.76 16.57
CG SAM G . 23.92 -11.33 15.52
SD SAM G . 24.43 -11.80 13.84
CE SAM G . 23.74 -10.42 12.87
C5' SAM G . 23.24 -13.11 13.48
C4' SAM G . 23.89 -14.46 13.23
O4' SAM G . 22.94 -15.49 13.43
C3' SAM G . 24.39 -14.58 11.79
O3' SAM G . 25.79 -14.75 11.79
C2' SAM G . 23.72 -15.80 11.22
O2' SAM G . 24.69 -16.70 10.75
C1' SAM G . 22.96 -16.42 12.38
N9 SAM G . 21.57 -16.73 11.97
C8 SAM G . 20.73 -15.90 11.28
N7 SAM G . 19.55 -16.54 11.10
C5 SAM G . 19.63 -17.75 11.68
C6 SAM G . 18.72 -18.79 11.79
N6 SAM G . 17.50 -18.67 11.26
N1 SAM G . 19.08 -19.95 12.44
C2 SAM G . 20.35 -20.06 12.98
N3 SAM G . 21.25 -19.03 12.88
C4 SAM G . 20.89 -17.89 12.23
PG ATP H . 85.30 -14.27 28.86
O1G ATP H . 85.16 -13.27 27.76
O2G ATP H . 85.60 -13.65 30.22
O3G ATP H . 86.33 -15.37 28.57
PB ATP H . 82.42 -14.77 29.49
O1B ATP H . 82.32 -13.57 30.35
O2B ATP H . 81.58 -14.76 28.23
O3B ATP H . 83.92 -15.05 29.07
PA ATP H . 82.05 -16.58 31.81
O1A ATP H . 80.88 -16.06 32.53
O2A ATP H . 83.42 -16.20 32.41
O3A ATP H . 82.06 -16.11 30.29
O5' ATP H . 81.99 -18.15 31.69
C5' ATP H . 82.58 -18.85 30.57
C4' ATP H . 84.06 -18.97 30.79
O4' ATP H . 84.50 -20.28 30.35
C3' ATP H . 84.91 -17.99 30.00
O3' ATP H . 85.07 -16.77 30.73
C2' ATP H . 86.24 -18.73 29.85
O2' ATP H . 87.11 -18.52 30.94
C1' ATP H . 85.79 -20.20 29.78
N9 ATP H . 85.74 -20.76 28.43
C8 ATP H . 86.64 -21.62 27.87
N7 ATP H . 86.36 -21.98 26.64
C5 ATP H . 85.17 -21.29 26.37
C6 ATP H . 84.35 -21.23 25.23
N6 ATP H . 84.59 -21.90 24.10
N1 ATP H . 83.25 -20.45 25.30
C2 ATP H . 82.99 -19.78 26.42
N3 ATP H . 83.70 -19.76 27.56
C4 ATP H . 84.79 -20.54 27.47
#